data_2X6U
# 
_entry.id   2X6U 
# 
_audit_conform.dict_name       mmcif_pdbx.dic 
_audit_conform.dict_version    5.391 
_audit_conform.dict_location   http://mmcif.pdb.org/dictionaries/ascii/mmcif_pdbx.dic 
# 
loop_
_database_2.database_id 
_database_2.database_code 
_database_2.pdbx_database_accession 
_database_2.pdbx_DOI 
PDB   2X6U         pdb_00002x6u 10.2210/pdb2x6u/pdb 
PDBE  EBI-43002    ?            ?                   
WWPDB D_1290043002 ?            ?                   
# 
loop_
_pdbx_audit_revision_history.ordinal 
_pdbx_audit_revision_history.data_content_type 
_pdbx_audit_revision_history.major_revision 
_pdbx_audit_revision_history.minor_revision 
_pdbx_audit_revision_history.revision_date 
1 'Structure model' 1 0 2010-04-28 
2 'Structure model' 1 1 2011-05-08 
3 'Structure model' 1 2 2011-07-13 
4 'Structure model' 1 3 2024-05-08 
# 
_pdbx_audit_revision_details.ordinal             1 
_pdbx_audit_revision_details.revision_ordinal    1 
_pdbx_audit_revision_details.data_content_type   'Structure model' 
_pdbx_audit_revision_details.provider            repository 
_pdbx_audit_revision_details.type                'Initial release' 
_pdbx_audit_revision_details.description         ? 
_pdbx_audit_revision_details.details             ? 
# 
loop_
_pdbx_audit_revision_group.ordinal 
_pdbx_audit_revision_group.revision_ordinal 
_pdbx_audit_revision_group.data_content_type 
_pdbx_audit_revision_group.group 
1 2 'Structure model' 'Version format compliance' 
2 3 'Structure model' 'Version format compliance' 
3 4 'Structure model' 'Data collection'           
4 4 'Structure model' 'Database references'       
5 4 'Structure model' 'Derived calculations'      
6 4 'Structure model' Other                       
# 
loop_
_pdbx_audit_revision_category.ordinal 
_pdbx_audit_revision_category.revision_ordinal 
_pdbx_audit_revision_category.data_content_type 
_pdbx_audit_revision_category.category 
1 4 'Structure model' chem_comp_atom       
2 4 'Structure model' chem_comp_bond       
3 4 'Structure model' database_2           
4 4 'Structure model' pdbx_database_status 
5 4 'Structure model' struct_site          
# 
loop_
_pdbx_audit_revision_item.ordinal 
_pdbx_audit_revision_item.revision_ordinal 
_pdbx_audit_revision_item.data_content_type 
_pdbx_audit_revision_item.item 
1 4 'Structure model' '_database_2.pdbx_DOI'                 
2 4 'Structure model' '_database_2.pdbx_database_accession'  
3 4 'Structure model' '_pdbx_database_status.status_code_sf' 
4 4 'Structure model' '_struct_site.pdbx_auth_asym_id'       
5 4 'Structure model' '_struct_site.pdbx_auth_comp_id'       
6 4 'Structure model' '_struct_site.pdbx_auth_seq_id'        
# 
_pdbx_database_status.status_code                     REL 
_pdbx_database_status.entry_id                        2X6U 
_pdbx_database_status.deposit_site                    PDBE 
_pdbx_database_status.process_site                    PDBE 
_pdbx_database_status.SG_entry                        . 
_pdbx_database_status.recvd_initial_deposition_date   2010-02-22 
_pdbx_database_status.pdb_format_compatible           Y 
_pdbx_database_status.status_code_sf                  REL 
_pdbx_database_status.status_code_mr                  ? 
_pdbx_database_status.status_code_cs                  ? 
_pdbx_database_status.methods_development_category    ? 
_pdbx_database_status.status_code_nmr_data            ? 
# 
_pdbx_database_related.db_name        PDB 
_pdbx_database_related.db_id          2X6V 
_pdbx_database_related.content_type   unspecified 
_pdbx_database_related.details        'CRYSTAL STRUCTURE OF HUMAN TBX5 IN THE DNA -BOUND AND DNA-FREE FORM' 
# 
loop_
_audit_author.name 
_audit_author.pdbx_ordinal 
'Stirnimann, C.U.' 1 
'Mueller, C.W.'    2 
# 
_citation.id                        primary 
_citation.title                     
'Structural Basis of Tbx5-DNA Recognition: The T-Box Domain in its DNA-Bound and -Unbound Form.' 
_citation.journal_abbrev            J.Mol.Biol. 
_citation.journal_volume            400 
_citation.page_first                71 
_citation.page_last                 ? 
_citation.year                      2010 
_citation.journal_id_ASTM           JMOBAK 
_citation.country                   UK 
_citation.journal_id_ISSN           0022-2836 
_citation.journal_id_CSD            0070 
_citation.book_publisher            ? 
_citation.pdbx_database_id_PubMed   20450920 
_citation.pdbx_database_id_DOI      10.1016/J.JMB.2010.04.052 
# 
loop_
_citation_author.citation_id 
_citation_author.name 
_citation_author.ordinal 
_citation_author.identifier_ORCID 
primary 'Stirnimann, C.U.' 1 ? 
primary 'Ptchelkine, D.'   2 ? 
primary 'Grimm, C.'        3 ? 
primary 'Muller, C.W.'     4 ? 
# 
loop_
_entity.id 
_entity.type 
_entity.src_method 
_entity.pdbx_description 
_entity.formula_weight 
_entity.pdbx_number_of_molecules 
_entity.pdbx_ec 
_entity.pdbx_mutation 
_entity.pdbx_fragment 
_entity.details 
1 polymer     man 'T-BOX TRANSCRIPTION FACTOR TBX5'                                                    23406.096 1   ? ? 
'T-BOX DOMAIN, RESIDUES 51-251' ? 
2 non-polymer syn '2-{2-[2-(2-{2-[2-(2-ETHOXY-ETHOXY)-ETHOXY]-ETHOXY}-ETHOXY)-ETHOXY]-ETHOXY}-ETHANOL' 354.436   1   ? ? ? ? 
3 non-polymer syn 'MAGNESIUM ION'                                                                      24.305    4   ? ? ? ? 
4 water       nat water                                                                                18.015    150 ? ? ? ? 
# 
_entity_name_com.entity_id   1 
_entity_name_com.name        'HUMAN TBX5, T-BOX PROTEIN 5, TBX5' 
# 
_entity_poly.entity_id                      1 
_entity_poly.type                           'polypeptide(L)' 
_entity_poly.nstd_linkage                   no 
_entity_poly.nstd_monomer                   no 
_entity_poly.pdbx_seq_one_letter_code       
;GAMEGIKVFLHERELWLKFHEVGTEMIITKAGRRMFPSYKVKVTGLNPKTKYILLMDIVPADDHRYKFADNKWSVTGKAE
PAMPGRLYVHPDSPATGAHWMRQLVSFQKLKLTNNHLDPFGHIILNSMHKYQPRLHIVKADENNGFGSKNTAFCTHVFPE
TAFIAVTSYQNHKITQLKIENNPFAKGFRGSDDMELHRMSRMQ
;
_entity_poly.pdbx_seq_one_letter_code_can   
;GAMEGIKVFLHERELWLKFHEVGTEMIITKAGRRMFPSYKVKVTGLNPKTKYILLMDIVPADDHRYKFADNKWSVTGKAE
PAMPGRLYVHPDSPATGAHWMRQLVSFQKLKLTNNHLDPFGHIILNSMHKYQPRLHIVKADENNGFGSKNTAFCTHVFPE
TAFIAVTSYQNHKITQLKIENNPFAKGFRGSDDMELHRMSRMQ
;
_entity_poly.pdbx_strand_id                 A 
_entity_poly.pdbx_target_identifier         ? 
# 
loop_
_pdbx_entity_nonpoly.entity_id 
_pdbx_entity_nonpoly.name 
_pdbx_entity_nonpoly.comp_id 
2 '2-{2-[2-(2-{2-[2-(2-ETHOXY-ETHOXY)-ETHOXY]-ETHOXY}-ETHOXY)-ETHOXY]-ETHOXY}-ETHANOL' PE4 
3 'MAGNESIUM ION'                                                                      MG  
4 water                                                                                HOH 
# 
loop_
_entity_poly_seq.entity_id 
_entity_poly_seq.num 
_entity_poly_seq.mon_id 
_entity_poly_seq.hetero 
1 1   GLY n 
1 2   ALA n 
1 3   MET n 
1 4   GLU n 
1 5   GLY n 
1 6   ILE n 
1 7   LYS n 
1 8   VAL n 
1 9   PHE n 
1 10  LEU n 
1 11  HIS n 
1 12  GLU n 
1 13  ARG n 
1 14  GLU n 
1 15  LEU n 
1 16  TRP n 
1 17  LEU n 
1 18  LYS n 
1 19  PHE n 
1 20  HIS n 
1 21  GLU n 
1 22  VAL n 
1 23  GLY n 
1 24  THR n 
1 25  GLU n 
1 26  MET n 
1 27  ILE n 
1 28  ILE n 
1 29  THR n 
1 30  LYS n 
1 31  ALA n 
1 32  GLY n 
1 33  ARG n 
1 34  ARG n 
1 35  MET n 
1 36  PHE n 
1 37  PRO n 
1 38  SER n 
1 39  TYR n 
1 40  LYS n 
1 41  VAL n 
1 42  LYS n 
1 43  VAL n 
1 44  THR n 
1 45  GLY n 
1 46  LEU n 
1 47  ASN n 
1 48  PRO n 
1 49  LYS n 
1 50  THR n 
1 51  LYS n 
1 52  TYR n 
1 53  ILE n 
1 54  LEU n 
1 55  LEU n 
1 56  MET n 
1 57  ASP n 
1 58  ILE n 
1 59  VAL n 
1 60  PRO n 
1 61  ALA n 
1 62  ASP n 
1 63  ASP n 
1 64  HIS n 
1 65  ARG n 
1 66  TYR n 
1 67  LYS n 
1 68  PHE n 
1 69  ALA n 
1 70  ASP n 
1 71  ASN n 
1 72  LYS n 
1 73  TRP n 
1 74  SER n 
1 75  VAL n 
1 76  THR n 
1 77  GLY n 
1 78  LYS n 
1 79  ALA n 
1 80  GLU n 
1 81  PRO n 
1 82  ALA n 
1 83  MET n 
1 84  PRO n 
1 85  GLY n 
1 86  ARG n 
1 87  LEU n 
1 88  TYR n 
1 89  VAL n 
1 90  HIS n 
1 91  PRO n 
1 92  ASP n 
1 93  SER n 
1 94  PRO n 
1 95  ALA n 
1 96  THR n 
1 97  GLY n 
1 98  ALA n 
1 99  HIS n 
1 100 TRP n 
1 101 MET n 
1 102 ARG n 
1 103 GLN n 
1 104 LEU n 
1 105 VAL n 
1 106 SER n 
1 107 PHE n 
1 108 GLN n 
1 109 LYS n 
1 110 LEU n 
1 111 LYS n 
1 112 LEU n 
1 113 THR n 
1 114 ASN n 
1 115 ASN n 
1 116 HIS n 
1 117 LEU n 
1 118 ASP n 
1 119 PRO n 
1 120 PHE n 
1 121 GLY n 
1 122 HIS n 
1 123 ILE n 
1 124 ILE n 
1 125 LEU n 
1 126 ASN n 
1 127 SER n 
1 128 MET n 
1 129 HIS n 
1 130 LYS n 
1 131 TYR n 
1 132 GLN n 
1 133 PRO n 
1 134 ARG n 
1 135 LEU n 
1 136 HIS n 
1 137 ILE n 
1 138 VAL n 
1 139 LYS n 
1 140 ALA n 
1 141 ASP n 
1 142 GLU n 
1 143 ASN n 
1 144 ASN n 
1 145 GLY n 
1 146 PHE n 
1 147 GLY n 
1 148 SER n 
1 149 LYS n 
1 150 ASN n 
1 151 THR n 
1 152 ALA n 
1 153 PHE n 
1 154 CYS n 
1 155 THR n 
1 156 HIS n 
1 157 VAL n 
1 158 PHE n 
1 159 PRO n 
1 160 GLU n 
1 161 THR n 
1 162 ALA n 
1 163 PHE n 
1 164 ILE n 
1 165 ALA n 
1 166 VAL n 
1 167 THR n 
1 168 SER n 
1 169 TYR n 
1 170 GLN n 
1 171 ASN n 
1 172 HIS n 
1 173 LYS n 
1 174 ILE n 
1 175 THR n 
1 176 GLN n 
1 177 LEU n 
1 178 LYS n 
1 179 ILE n 
1 180 GLU n 
1 181 ASN n 
1 182 ASN n 
1 183 PRO n 
1 184 PHE n 
1 185 ALA n 
1 186 LYS n 
1 187 GLY n 
1 188 PHE n 
1 189 ARG n 
1 190 GLY n 
1 191 SER n 
1 192 ASP n 
1 193 ASP n 
1 194 MET n 
1 195 GLU n 
1 196 LEU n 
1 197 HIS n 
1 198 ARG n 
1 199 MET n 
1 200 SER n 
1 201 ARG n 
1 202 MET n 
1 203 GLN n 
# 
_entity_src_gen.entity_id                          1 
_entity_src_gen.pdbx_src_id                        1 
_entity_src_gen.pdbx_alt_source_flag               sample 
_entity_src_gen.pdbx_seq_type                      ? 
_entity_src_gen.pdbx_beg_seq_num                   ? 
_entity_src_gen.pdbx_end_seq_num                   ? 
_entity_src_gen.gene_src_common_name               HUMAN 
_entity_src_gen.gene_src_genus                     ? 
_entity_src_gen.pdbx_gene_src_gene                 ? 
_entity_src_gen.gene_src_species                   ? 
_entity_src_gen.gene_src_strain                    ? 
_entity_src_gen.gene_src_tissue                    ? 
_entity_src_gen.gene_src_tissue_fraction           ? 
_entity_src_gen.gene_src_details                   ? 
_entity_src_gen.pdbx_gene_src_fragment             ? 
_entity_src_gen.pdbx_gene_src_scientific_name      'HOMO SAPIENS' 
_entity_src_gen.pdbx_gene_src_ncbi_taxonomy_id     9606 
_entity_src_gen.pdbx_gene_src_variant              ? 
_entity_src_gen.pdbx_gene_src_cell_line            ? 
_entity_src_gen.pdbx_gene_src_atcc                 ? 
_entity_src_gen.pdbx_gene_src_organ                ? 
_entity_src_gen.pdbx_gene_src_organelle            ? 
_entity_src_gen.pdbx_gene_src_cell                 ? 
_entity_src_gen.pdbx_gene_src_cellular_location    ? 
_entity_src_gen.host_org_common_name               ? 
_entity_src_gen.pdbx_host_org_scientific_name      'ESCHERICHIA COLI' 
_entity_src_gen.pdbx_host_org_ncbi_taxonomy_id     469008 
_entity_src_gen.host_org_genus                     ? 
_entity_src_gen.pdbx_host_org_gene                 ? 
_entity_src_gen.pdbx_host_org_organ                ? 
_entity_src_gen.host_org_species                   ? 
_entity_src_gen.pdbx_host_org_tissue               ? 
_entity_src_gen.pdbx_host_org_tissue_fraction      ? 
_entity_src_gen.pdbx_host_org_strain               'BL21(DE3) RIPL' 
_entity_src_gen.pdbx_host_org_variant              ? 
_entity_src_gen.pdbx_host_org_cell_line            ? 
_entity_src_gen.pdbx_host_org_atcc                 ? 
_entity_src_gen.pdbx_host_org_culture_collection   ? 
_entity_src_gen.pdbx_host_org_cell                 ? 
_entity_src_gen.pdbx_host_org_organelle            ? 
_entity_src_gen.pdbx_host_org_cellular_location    ? 
_entity_src_gen.pdbx_host_org_vector_type          ? 
_entity_src_gen.pdbx_host_org_vector               ? 
_entity_src_gen.host_org_details                   ? 
_entity_src_gen.expression_system_id               ? 
_entity_src_gen.plasmid_name                       PET-M11 
_entity_src_gen.plasmid_details                    ? 
_entity_src_gen.pdbx_description                   ? 
# 
loop_
_chem_comp.id 
_chem_comp.type 
_chem_comp.mon_nstd_flag 
_chem_comp.name 
_chem_comp.pdbx_synonyms 
_chem_comp.formula 
_chem_comp.formula_weight 
ALA 'L-peptide linking' y ALANINE                                                                              ? 'C3 H7 N O2'     
89.093  
ARG 'L-peptide linking' y ARGININE                                                                             ? 'C6 H15 N4 O2 1' 
175.209 
ASN 'L-peptide linking' y ASPARAGINE                                                                           ? 'C4 H8 N2 O3'    
132.118 
ASP 'L-peptide linking' y 'ASPARTIC ACID'                                                                      ? 'C4 H7 N O4'     
133.103 
CYS 'L-peptide linking' y CYSTEINE                                                                             ? 'C3 H7 N O2 S'   
121.158 
GLN 'L-peptide linking' y GLUTAMINE                                                                            ? 'C5 H10 N2 O3'   
146.144 
GLU 'L-peptide linking' y 'GLUTAMIC ACID'                                                                      ? 'C5 H9 N O4'     
147.129 
GLY 'peptide linking'   y GLYCINE                                                                              ? 'C2 H5 N O2'     
75.067  
HIS 'L-peptide linking' y HISTIDINE                                                                            ? 'C6 H10 N3 O2 1' 
156.162 
HOH non-polymer         . WATER                                                                                ? 'H2 O'           
18.015  
ILE 'L-peptide linking' y ISOLEUCINE                                                                           ? 'C6 H13 N O2'    
131.173 
LEU 'L-peptide linking' y LEUCINE                                                                              ? 'C6 H13 N O2'    
131.173 
LYS 'L-peptide linking' y LYSINE                                                                               ? 'C6 H15 N2 O2 1' 
147.195 
MET 'L-peptide linking' y METHIONINE                                                                           ? 'C5 H11 N O2 S'  
149.211 
MG  non-polymer         . 'MAGNESIUM ION'                                                                      ? 'Mg 2'           
24.305  
PE4 non-polymer         . '2-{2-[2-(2-{2-[2-(2-ETHOXY-ETHOXY)-ETHOXY]-ETHOXY}-ETHOXY)-ETHOXY]-ETHOXY}-ETHANOL' 
'POLYETHYLENE GLYCOL PEG4000' 'C16 H34 O8'     354.436 
PHE 'L-peptide linking' y PHENYLALANINE                                                                        ? 'C9 H11 N O2'    
165.189 
PRO 'L-peptide linking' y PROLINE                                                                              ? 'C5 H9 N O2'     
115.130 
SER 'L-peptide linking' y SERINE                                                                               ? 'C3 H7 N O3'     
105.093 
THR 'L-peptide linking' y THREONINE                                                                            ? 'C4 H9 N O3'     
119.119 
TRP 'L-peptide linking' y TRYPTOPHAN                                                                           ? 'C11 H12 N2 O2'  
204.225 
TYR 'L-peptide linking' y TYROSINE                                                                             ? 'C9 H11 N O3'    
181.189 
VAL 'L-peptide linking' y VALINE                                                                               ? 'C5 H11 N O2'    
117.146 
# 
loop_
_pdbx_poly_seq_scheme.asym_id 
_pdbx_poly_seq_scheme.entity_id 
_pdbx_poly_seq_scheme.seq_id 
_pdbx_poly_seq_scheme.mon_id 
_pdbx_poly_seq_scheme.ndb_seq_num 
_pdbx_poly_seq_scheme.pdb_seq_num 
_pdbx_poly_seq_scheme.auth_seq_num 
_pdbx_poly_seq_scheme.pdb_mon_id 
_pdbx_poly_seq_scheme.auth_mon_id 
_pdbx_poly_seq_scheme.pdb_strand_id 
_pdbx_poly_seq_scheme.pdb_ins_code 
_pdbx_poly_seq_scheme.hetero 
A 1 1   GLY 1   49  ?   ?   ?   A . n 
A 1 2   ALA 2   50  ?   ?   ?   A . n 
A 1 3   MET 3   51  ?   ?   ?   A . n 
A 1 4   GLU 4   52  52  GLU GLU A . n 
A 1 5   GLY 5   53  53  GLY GLY A . n 
A 1 6   ILE 6   54  54  ILE ILE A . n 
A 1 7   LYS 7   55  55  LYS LYS A . n 
A 1 8   VAL 8   56  56  VAL VAL A . n 
A 1 9   PHE 9   57  57  PHE PHE A . n 
A 1 10  LEU 10  58  58  LEU LEU A . n 
A 1 11  HIS 11  59  59  HIS HIS A . n 
A 1 12  GLU 12  60  60  GLU GLU A . n 
A 1 13  ARG 13  61  61  ARG ARG A . n 
A 1 14  GLU 14  62  62  GLU GLU A . n 
A 1 15  LEU 15  63  63  LEU LEU A . n 
A 1 16  TRP 16  64  64  TRP TRP A . n 
A 1 17  LEU 17  65  65  LEU LEU A . n 
A 1 18  LYS 18  66  66  LYS LYS A . n 
A 1 19  PHE 19  67  67  PHE PHE A . n 
A 1 20  HIS 20  68  68  HIS HIS A . n 
A 1 21  GLU 21  69  69  GLU GLU A . n 
A 1 22  VAL 22  70  70  VAL VAL A . n 
A 1 23  GLY 23  71  71  GLY GLY A . n 
A 1 24  THR 24  72  72  THR THR A . n 
A 1 25  GLU 25  73  73  GLU GLU A . n 
A 1 26  MET 26  74  74  MET MET A . n 
A 1 27  ILE 27  75  75  ILE ILE A . n 
A 1 28  ILE 28  76  76  ILE ILE A . n 
A 1 29  THR 29  77  77  THR THR A . n 
A 1 30  LYS 30  78  78  LYS LYS A . n 
A 1 31  ALA 31  79  79  ALA ALA A . n 
A 1 32  GLY 32  80  80  GLY GLY A . n 
A 1 33  ARG 33  81  81  ARG ARG A . n 
A 1 34  ARG 34  82  82  ARG ARG A . n 
A 1 35  MET 35  83  83  MET MET A . n 
A 1 36  PHE 36  84  84  PHE PHE A . n 
A 1 37  PRO 37  85  85  PRO PRO A . n 
A 1 38  SER 38  86  86  SER SER A . n 
A 1 39  TYR 39  87  87  TYR TYR A . n 
A 1 40  LYS 40  88  88  LYS LYS A . n 
A 1 41  VAL 41  89  89  VAL VAL A . n 
A 1 42  LYS 42  90  90  LYS LYS A . n 
A 1 43  VAL 43  91  91  VAL VAL A . n 
A 1 44  THR 44  92  92  THR THR A . n 
A 1 45  GLY 45  93  93  GLY GLY A . n 
A 1 46  LEU 46  94  94  LEU LEU A . n 
A 1 47  ASN 47  95  95  ASN ASN A . n 
A 1 48  PRO 48  96  96  PRO PRO A . n 
A 1 49  LYS 49  97  97  LYS LYS A . n 
A 1 50  THR 50  98  98  THR THR A . n 
A 1 51  LYS 51  99  99  LYS LYS A . n 
A 1 52  TYR 52  100 100 TYR TYR A . n 
A 1 53  ILE 53  101 101 ILE ILE A . n 
A 1 54  LEU 54  102 102 LEU LEU A . n 
A 1 55  LEU 55  103 103 LEU LEU A . n 
A 1 56  MET 56  104 104 MET MET A . n 
A 1 57  ASP 57  105 105 ASP ASP A . n 
A 1 58  ILE 58  106 106 ILE ILE A . n 
A 1 59  VAL 59  107 107 VAL VAL A . n 
A 1 60  PRO 60  108 108 PRO PRO A . n 
A 1 61  ALA 61  109 109 ALA ALA A . n 
A 1 62  ASP 62  110 110 ASP ASP A . n 
A 1 63  ASP 63  111 111 ASP ASP A . n 
A 1 64  HIS 64  112 112 HIS HIS A . n 
A 1 65  ARG 65  113 113 ARG ARG A . n 
A 1 66  TYR 66  114 114 TYR TYR A . n 
A 1 67  LYS 67  115 115 LYS LYS A . n 
A 1 68  PHE 68  116 116 PHE PHE A . n 
A 1 69  ALA 69  117 117 ALA ALA A . n 
A 1 70  ASP 70  118 118 ASP ASP A . n 
A 1 71  ASN 71  119 119 ASN ASN A . n 
A 1 72  LYS 72  120 120 LYS LYS A . n 
A 1 73  TRP 73  121 121 TRP TRP A . n 
A 1 74  SER 74  122 122 SER SER A . n 
A 1 75  VAL 75  123 123 VAL VAL A . n 
A 1 76  THR 76  124 124 THR THR A . n 
A 1 77  GLY 77  125 125 GLY GLY A . n 
A 1 78  LYS 78  126 126 LYS LYS A . n 
A 1 79  ALA 79  127 127 ALA ALA A . n 
A 1 80  GLU 80  128 128 GLU GLU A . n 
A 1 81  PRO 81  129 129 PRO PRO A . n 
A 1 82  ALA 82  130 130 ALA ALA A . n 
A 1 83  MET 83  131 ?   ?   ?   A . n 
A 1 84  PRO 84  132 ?   ?   ?   A . n 
A 1 85  GLY 85  133 ?   ?   ?   A . n 
A 1 86  ARG 86  134 134 ARG ARG A . n 
A 1 87  LEU 87  135 135 LEU LEU A . n 
A 1 88  TYR 88  136 136 TYR TYR A . n 
A 1 89  VAL 89  137 137 VAL VAL A . n 
A 1 90  HIS 90  138 138 HIS HIS A . n 
A 1 91  PRO 91  139 139 PRO PRO A . n 
A 1 92  ASP 92  140 140 ASP ASP A . n 
A 1 93  SER 93  141 141 SER SER A . n 
A 1 94  PRO 94  142 142 PRO PRO A . n 
A 1 95  ALA 95  143 143 ALA ALA A . n 
A 1 96  THR 96  144 144 THR THR A . n 
A 1 97  GLY 97  145 145 GLY GLY A . n 
A 1 98  ALA 98  146 146 ALA ALA A . n 
A 1 99  HIS 99  147 147 HIS HIS A . n 
A 1 100 TRP 100 148 148 TRP TRP A . n 
A 1 101 MET 101 149 149 MET MET A . n 
A 1 102 ARG 102 150 150 ARG ARG A . n 
A 1 103 GLN 103 151 151 GLN GLN A . n 
A 1 104 LEU 104 152 152 LEU LEU A . n 
A 1 105 VAL 105 153 153 VAL VAL A . n 
A 1 106 SER 106 154 154 SER SER A . n 
A 1 107 PHE 107 155 155 PHE PHE A . n 
A 1 108 GLN 108 156 156 GLN GLN A . n 
A 1 109 LYS 109 157 157 LYS LYS A . n 
A 1 110 LEU 110 158 158 LEU LEU A . n 
A 1 111 LYS 111 159 159 LYS LYS A . n 
A 1 112 LEU 112 160 160 LEU LEU A . n 
A 1 113 THR 113 161 161 THR THR A . n 
A 1 114 ASN 114 162 162 ASN ASN A . n 
A 1 115 ASN 115 163 163 ASN ASN A . n 
A 1 116 HIS 116 164 164 HIS HIS A . n 
A 1 117 LEU 117 165 165 LEU LEU A . n 
A 1 118 ASP 118 166 166 ASP ASP A . n 
A 1 119 PRO 119 167 167 PRO PRO A . n 
A 1 120 PHE 120 168 168 PHE PHE A . n 
A 1 121 GLY 121 169 169 GLY GLY A . n 
A 1 122 HIS 122 170 170 HIS HIS A . n 
A 1 123 ILE 123 171 171 ILE ILE A . n 
A 1 124 ILE 124 172 172 ILE ILE A . n 
A 1 125 LEU 125 173 173 LEU LEU A . n 
A 1 126 ASN 126 174 174 ASN ASN A . n 
A 1 127 SER 127 175 175 SER SER A . n 
A 1 128 MET 128 176 176 MET MET A . n 
A 1 129 HIS 129 177 177 HIS HIS A . n 
A 1 130 LYS 130 178 178 LYS LYS A . n 
A 1 131 TYR 131 179 179 TYR TYR A . n 
A 1 132 GLN 132 180 180 GLN GLN A . n 
A 1 133 PRO 133 181 181 PRO PRO A . n 
A 1 134 ARG 134 182 182 ARG ARG A . n 
A 1 135 LEU 135 183 183 LEU LEU A . n 
A 1 136 HIS 136 184 184 HIS HIS A . n 
A 1 137 ILE 137 185 185 ILE ILE A . n 
A 1 138 VAL 138 186 186 VAL VAL A . n 
A 1 139 LYS 139 187 187 LYS LYS A . n 
A 1 140 ALA 140 188 188 ALA ALA A . n 
A 1 141 ASP 141 189 189 ASP ASP A . n 
A 1 142 GLU 142 190 190 GLU GLU A . n 
A 1 143 ASN 143 191 191 ASN ASN A . n 
A 1 144 ASN 144 192 192 ASN ASN A . n 
A 1 145 GLY 145 193 193 GLY GLY A . n 
A 1 146 PHE 146 194 194 PHE PHE A . n 
A 1 147 GLY 147 195 195 GLY GLY A . n 
A 1 148 SER 148 196 196 SER SER A . n 
A 1 149 LYS 149 197 197 LYS LYS A . n 
A 1 150 ASN 150 198 198 ASN ASN A . n 
A 1 151 THR 151 199 199 THR THR A . n 
A 1 152 ALA 152 200 200 ALA ALA A . n 
A 1 153 PHE 153 201 201 PHE PHE A . n 
A 1 154 CYS 154 202 202 CYS CYS A . n 
A 1 155 THR 155 203 203 THR THR A . n 
A 1 156 HIS 156 204 204 HIS HIS A . n 
A 1 157 VAL 157 205 205 VAL VAL A . n 
A 1 158 PHE 158 206 206 PHE PHE A . n 
A 1 159 PRO 159 207 207 PRO PRO A . n 
A 1 160 GLU 160 208 208 GLU GLU A . n 
A 1 161 THR 161 209 209 THR THR A . n 
A 1 162 ALA 162 210 210 ALA ALA A . n 
A 1 163 PHE 163 211 211 PHE PHE A . n 
A 1 164 ILE 164 212 212 ILE ILE A . n 
A 1 165 ALA 165 213 213 ALA ALA A . n 
A 1 166 VAL 166 214 214 VAL VAL A . n 
A 1 167 THR 167 215 215 THR THR A . n 
A 1 168 SER 168 216 216 SER SER A . n 
A 1 169 TYR 169 217 217 TYR TYR A . n 
A 1 170 GLN 170 218 218 GLN GLN A . n 
A 1 171 ASN 171 219 219 ASN ASN A . n 
A 1 172 HIS 172 220 220 HIS HIS A . n 
A 1 173 LYS 173 221 221 LYS LYS A . n 
A 1 174 ILE 174 222 222 ILE ILE A . n 
A 1 175 THR 175 223 223 THR THR A . n 
A 1 176 GLN 176 224 224 GLN GLN A . n 
A 1 177 LEU 177 225 225 LEU LEU A . n 
A 1 178 LYS 178 226 226 LYS LYS A . n 
A 1 179 ILE 179 227 227 ILE ILE A . n 
A 1 180 GLU 180 228 228 GLU GLU A . n 
A 1 181 ASN 181 229 229 ASN ASN A . n 
A 1 182 ASN 182 230 230 ASN ASN A . n 
A 1 183 PRO 183 231 ?   ?   ?   A . n 
A 1 184 PHE 184 232 ?   ?   ?   A . n 
A 1 185 ALA 185 233 ?   ?   ?   A . n 
A 1 186 LYS 186 234 ?   ?   ?   A . n 
A 1 187 GLY 187 235 ?   ?   ?   A . n 
A 1 188 PHE 188 236 ?   ?   ?   A . n 
A 1 189 ARG 189 237 ?   ?   ?   A . n 
A 1 190 GLY 190 238 ?   ?   ?   A . n 
A 1 191 SER 191 239 ?   ?   ?   A . n 
A 1 192 ASP 192 240 ?   ?   ?   A . n 
A 1 193 ASP 193 241 ?   ?   ?   A . n 
A 1 194 MET 194 242 ?   ?   ?   A . n 
A 1 195 GLU 195 243 ?   ?   ?   A . n 
A 1 196 LEU 196 244 ?   ?   ?   A . n 
A 1 197 HIS 197 245 ?   ?   ?   A . n 
A 1 198 ARG 198 246 ?   ?   ?   A . n 
A 1 199 MET 199 247 ?   ?   ?   A . n 
A 1 200 SER 200 248 ?   ?   ?   A . n 
A 1 201 ARG 201 249 ?   ?   ?   A . n 
A 1 202 MET 202 250 ?   ?   ?   A . n 
A 1 203 GLN 203 251 ?   ?   ?   A . n 
# 
loop_
_pdbx_nonpoly_scheme.asym_id 
_pdbx_nonpoly_scheme.entity_id 
_pdbx_nonpoly_scheme.mon_id 
_pdbx_nonpoly_scheme.ndb_seq_num 
_pdbx_nonpoly_scheme.pdb_seq_num 
_pdbx_nonpoly_scheme.auth_seq_num 
_pdbx_nonpoly_scheme.pdb_mon_id 
_pdbx_nonpoly_scheme.auth_mon_id 
_pdbx_nonpoly_scheme.pdb_strand_id 
_pdbx_nonpoly_scheme.pdb_ins_code 
B 2 PE4 1   1231 1231 PE4 PE4 A . 
C 3 MG  1   1232 1232 MG  MG  A . 
D 3 MG  1   1233 1233 MG  MG  A . 
E 3 MG  1   1234 1234 MG  MG  A . 
F 3 MG  1   1235 1235 MG  MG  A . 
G 4 HOH 1   2001 2001 HOH HOH A . 
G 4 HOH 2   2002 2002 HOH HOH A . 
G 4 HOH 3   2003 2003 HOH HOH A . 
G 4 HOH 4   2004 2004 HOH HOH A . 
G 4 HOH 5   2005 2005 HOH HOH A . 
G 4 HOH 6   2006 2006 HOH HOH A . 
G 4 HOH 7   2007 2007 HOH HOH A . 
G 4 HOH 8   2008 2008 HOH HOH A . 
G 4 HOH 9   2009 2009 HOH HOH A . 
G 4 HOH 10  2010 2010 HOH HOH A . 
G 4 HOH 11  2011 2011 HOH HOH A . 
G 4 HOH 12  2012 2012 HOH HOH A . 
G 4 HOH 13  2013 2013 HOH HOH A . 
G 4 HOH 14  2014 2014 HOH HOH A . 
G 4 HOH 15  2015 2015 HOH HOH A . 
G 4 HOH 16  2016 2016 HOH HOH A . 
G 4 HOH 17  2017 2017 HOH HOH A . 
G 4 HOH 18  2018 2018 HOH HOH A . 
G 4 HOH 19  2019 2019 HOH HOH A . 
G 4 HOH 20  2020 2020 HOH HOH A . 
G 4 HOH 21  2021 2021 HOH HOH A . 
G 4 HOH 22  2022 2022 HOH HOH A . 
G 4 HOH 23  2023 2023 HOH HOH A . 
G 4 HOH 24  2024 2024 HOH HOH A . 
G 4 HOH 25  2025 2025 HOH HOH A . 
G 4 HOH 26  2026 2026 HOH HOH A . 
G 4 HOH 27  2027 2027 HOH HOH A . 
G 4 HOH 28  2028 2028 HOH HOH A . 
G 4 HOH 29  2029 2029 HOH HOH A . 
G 4 HOH 30  2030 2030 HOH HOH A . 
G 4 HOH 31  2031 2031 HOH HOH A . 
G 4 HOH 32  2032 2032 HOH HOH A . 
G 4 HOH 33  2033 2033 HOH HOH A . 
G 4 HOH 34  2034 2034 HOH HOH A . 
G 4 HOH 35  2035 2035 HOH HOH A . 
G 4 HOH 36  2036 2036 HOH HOH A . 
G 4 HOH 37  2037 2037 HOH HOH A . 
G 4 HOH 38  2038 2038 HOH HOH A . 
G 4 HOH 39  2039 2039 HOH HOH A . 
G 4 HOH 40  2040 2040 HOH HOH A . 
G 4 HOH 41  2041 2041 HOH HOH A . 
G 4 HOH 42  2042 2042 HOH HOH A . 
G 4 HOH 43  2043 2043 HOH HOH A . 
G 4 HOH 44  2044 2044 HOH HOH A . 
G 4 HOH 45  2045 2045 HOH HOH A . 
G 4 HOH 46  2046 2046 HOH HOH A . 
G 4 HOH 47  2047 2047 HOH HOH A . 
G 4 HOH 48  2048 2048 HOH HOH A . 
G 4 HOH 49  2049 2049 HOH HOH A . 
G 4 HOH 50  2050 2050 HOH HOH A . 
G 4 HOH 51  2051 2051 HOH HOH A . 
G 4 HOH 52  2052 2052 HOH HOH A . 
G 4 HOH 53  2053 2053 HOH HOH A . 
G 4 HOH 54  2054 2054 HOH HOH A . 
G 4 HOH 55  2055 2055 HOH HOH A . 
G 4 HOH 56  2056 2056 HOH HOH A . 
G 4 HOH 57  2057 2057 HOH HOH A . 
G 4 HOH 58  2058 2058 HOH HOH A . 
G 4 HOH 59  2059 2059 HOH HOH A . 
G 4 HOH 60  2060 2060 HOH HOH A . 
G 4 HOH 61  2061 2061 HOH HOH A . 
G 4 HOH 62  2062 2062 HOH HOH A . 
G 4 HOH 63  2063 2063 HOH HOH A . 
G 4 HOH 64  2064 2064 HOH HOH A . 
G 4 HOH 65  2065 2065 HOH HOH A . 
G 4 HOH 66  2066 2066 HOH HOH A . 
G 4 HOH 67  2067 2067 HOH HOH A . 
G 4 HOH 68  2068 2068 HOH HOH A . 
G 4 HOH 69  2069 2069 HOH HOH A . 
G 4 HOH 70  2070 2070 HOH HOH A . 
G 4 HOH 71  2071 2071 HOH HOH A . 
G 4 HOH 72  2072 2072 HOH HOH A . 
G 4 HOH 73  2073 2073 HOH HOH A . 
G 4 HOH 74  2074 2074 HOH HOH A . 
G 4 HOH 75  2075 2075 HOH HOH A . 
G 4 HOH 76  2076 2076 HOH HOH A . 
G 4 HOH 77  2077 2077 HOH HOH A . 
G 4 HOH 78  2078 2078 HOH HOH A . 
G 4 HOH 79  2079 2079 HOH HOH A . 
G 4 HOH 80  2080 2080 HOH HOH A . 
G 4 HOH 81  2081 2081 HOH HOH A . 
G 4 HOH 82  2082 2082 HOH HOH A . 
G 4 HOH 83  2083 2083 HOH HOH A . 
G 4 HOH 84  2084 2084 HOH HOH A . 
G 4 HOH 85  2085 2085 HOH HOH A . 
G 4 HOH 86  2086 2086 HOH HOH A . 
G 4 HOH 87  2087 2087 HOH HOH A . 
G 4 HOH 88  2088 2088 HOH HOH A . 
G 4 HOH 89  2089 2089 HOH HOH A . 
G 4 HOH 90  2090 2090 HOH HOH A . 
G 4 HOH 91  2091 2091 HOH HOH A . 
G 4 HOH 92  2092 2092 HOH HOH A . 
G 4 HOH 93  2093 2093 HOH HOH A . 
G 4 HOH 94  2094 2094 HOH HOH A . 
G 4 HOH 95  2095 2095 HOH HOH A . 
G 4 HOH 96  2096 2096 HOH HOH A . 
G 4 HOH 97  2097 2097 HOH HOH A . 
G 4 HOH 98  2098 2098 HOH HOH A . 
G 4 HOH 99  2099 2099 HOH HOH A . 
G 4 HOH 100 2100 2100 HOH HOH A . 
G 4 HOH 101 2101 2101 HOH HOH A . 
G 4 HOH 102 2102 2102 HOH HOH A . 
G 4 HOH 103 2103 2103 HOH HOH A . 
G 4 HOH 104 2104 2104 HOH HOH A . 
G 4 HOH 105 2105 2105 HOH HOH A . 
G 4 HOH 106 2106 2106 HOH HOH A . 
G 4 HOH 107 2107 2107 HOH HOH A . 
G 4 HOH 108 2108 2108 HOH HOH A . 
G 4 HOH 109 2109 2109 HOH HOH A . 
G 4 HOH 110 2110 2110 HOH HOH A . 
G 4 HOH 111 2111 2111 HOH HOH A . 
G 4 HOH 112 2112 2112 HOH HOH A . 
G 4 HOH 113 2113 2113 HOH HOH A . 
G 4 HOH 114 2114 2114 HOH HOH A . 
G 4 HOH 115 2115 2115 HOH HOH A . 
G 4 HOH 116 2116 2116 HOH HOH A . 
G 4 HOH 117 2117 2117 HOH HOH A . 
G 4 HOH 118 2118 2118 HOH HOH A . 
G 4 HOH 119 2119 2119 HOH HOH A . 
G 4 HOH 120 2120 2120 HOH HOH A . 
G 4 HOH 121 2121 2121 HOH HOH A . 
G 4 HOH 122 2122 2122 HOH HOH A . 
G 4 HOH 123 2123 2123 HOH HOH A . 
G 4 HOH 124 2124 2124 HOH HOH A . 
G 4 HOH 125 2125 2125 HOH HOH A . 
G 4 HOH 126 2126 2126 HOH HOH A . 
G 4 HOH 127 2127 2127 HOH HOH A . 
G 4 HOH 128 2128 2128 HOH HOH A . 
G 4 HOH 129 2129 2129 HOH HOH A . 
G 4 HOH 130 2130 2130 HOH HOH A . 
G 4 HOH 131 2131 2131 HOH HOH A . 
G 4 HOH 132 2132 2132 HOH HOH A . 
G 4 HOH 133 2133 2133 HOH HOH A . 
G 4 HOH 134 2134 2134 HOH HOH A . 
G 4 HOH 135 2135 2135 HOH HOH A . 
G 4 HOH 136 2136 2136 HOH HOH A . 
G 4 HOH 137 2137 2137 HOH HOH A . 
G 4 HOH 138 2138 2138 HOH HOH A . 
G 4 HOH 139 2139 2139 HOH HOH A . 
G 4 HOH 140 2140 2140 HOH HOH A . 
G 4 HOH 141 2141 2141 HOH HOH A . 
G 4 HOH 142 2142 2142 HOH HOH A . 
G 4 HOH 143 2143 2143 HOH HOH A . 
G 4 HOH 144 2144 2144 HOH HOH A . 
G 4 HOH 145 2145 2145 HOH HOH A . 
G 4 HOH 146 2146 2146 HOH HOH A . 
G 4 HOH 147 2147 2147 HOH HOH A . 
G 4 HOH 148 2148 2148 HOH HOH A . 
G 4 HOH 149 2149 2149 HOH HOH A . 
G 4 HOH 150 2150 2150 HOH HOH A . 
# 
loop_
_pdbx_unobs_or_zero_occ_atoms.id 
_pdbx_unobs_or_zero_occ_atoms.PDB_model_num 
_pdbx_unobs_or_zero_occ_atoms.polymer_flag 
_pdbx_unobs_or_zero_occ_atoms.occupancy_flag 
_pdbx_unobs_or_zero_occ_atoms.auth_asym_id 
_pdbx_unobs_or_zero_occ_atoms.auth_comp_id 
_pdbx_unobs_or_zero_occ_atoms.auth_seq_id 
_pdbx_unobs_or_zero_occ_atoms.PDB_ins_code 
_pdbx_unobs_or_zero_occ_atoms.auth_atom_id 
_pdbx_unobs_or_zero_occ_atoms.label_alt_id 
_pdbx_unobs_or_zero_occ_atoms.label_asym_id 
_pdbx_unobs_or_zero_occ_atoms.label_comp_id 
_pdbx_unobs_or_zero_occ_atoms.label_seq_id 
_pdbx_unobs_or_zero_occ_atoms.label_atom_id 
1  1 Y 0 A GLU 52   ? CG  ? A GLU 4   CG  
2  1 Y 0 A GLU 52   ? CD  ? A GLU 4   CD  
3  1 Y 0 A GLU 52   ? OE1 ? A GLU 4   OE1 
4  1 Y 0 A GLU 52   ? OE2 ? A GLU 4   OE2 
5  1 Y 0 A GLU 62   ? CG  ? A GLU 14  CG  
6  1 Y 0 A GLU 62   ? CD  ? A GLU 14  CD  
7  1 Y 0 A GLU 62   ? OE1 ? A GLU 14  OE1 
8  1 Y 0 A GLU 62   ? OE2 ? A GLU 14  OE2 
9  1 Y 0 A GLU 69   ? CG  ? A GLU 21  CG  
10 1 Y 0 A GLU 69   ? CD  ? A GLU 21  CD  
11 1 Y 0 A GLU 69   ? OE1 ? A GLU 21  OE1 
12 1 Y 0 A GLU 69   ? OE2 ? A GLU 21  OE2 
13 1 Y 0 A ARG 150  ? CD  ? A ARG 102 CD  
14 1 Y 0 A ARG 150  ? NE  ? A ARG 102 NE  
15 1 Y 0 A ARG 150  ? CZ  ? A ARG 102 CZ  
16 1 Y 0 A ARG 150  ? NH1 ? A ARG 102 NH1 
17 1 Y 0 A ARG 150  ? NH2 ? A ARG 102 NH2 
18 1 Y 0 A LYS 157  ? CD  ? A LYS 109 CD  
19 1 Y 0 A LYS 157  ? CE  ? A LYS 109 CE  
20 1 Y 0 A LYS 157  ? NZ  ? A LYS 109 NZ  
21 1 Y 1 A GLU 190  ? CG  ? A GLU 142 CG  
22 1 Y 1 A GLU 190  ? CD  ? A GLU 142 CD  
23 1 Y 1 A GLU 190  ? OE1 ? A GLU 142 OE1 
24 1 Y 1 A GLU 190  ? OE2 ? A GLU 142 OE2 
25 1 N 1 A PE4 1231 ? C11 ? B PE4 1   C11 
26 1 N 1 A PE4 1231 ? C12 ? B PE4 1   C12 
27 1 N 1 A PE4 1231 ? O7  ? B PE4 1   O7  
28 1 N 1 A PE4 1231 ? C13 ? B PE4 1   C13 
29 1 N 1 A PE4 1231 ? C14 ? B PE4 1   C14 
30 1 N 1 A PE4 1231 ? O8  ? B PE4 1   O8  
31 1 N 1 A PE4 1231 ? C15 ? B PE4 1   C15 
32 1 N 1 A PE4 1231 ? C16 ? B PE4 1   C16 
# 
loop_
_software.name 
_software.classification 
_software.version 
_software.citation_id 
_software.pdbx_ordinal 
PHENIX refinement       '(PHENIX.REFINE)' ? 1 
XDS    'data reduction' .                 ? 2 
XSCALE 'data scaling'   .                 ? 3 
PHASER phasing          .                 ? 4 
# 
_cell.entry_id           2X6U 
_cell.length_a           36.710 
_cell.length_b           69.850 
_cell.length_c           80.500 
_cell.angle_alpha        90.00 
_cell.angle_beta         90.00 
_cell.angle_gamma        90.00 
_cell.Z_PDB              4 
_cell.pdbx_unique_axis   ? 
# 
_symmetry.entry_id                         2X6U 
_symmetry.space_group_name_H-M             'P 21 21 21' 
_symmetry.pdbx_full_space_group_name_H-M   ? 
_symmetry.cell_setting                     ? 
_symmetry.Int_Tables_number                19 
# 
_exptl.entry_id          2X6U 
_exptl.method            'X-RAY DIFFRACTION' 
_exptl.crystals_number   1 
# 
_exptl_crystal.id                    1 
_exptl_crystal.density_meas          ? 
_exptl_crystal.density_Matthews      2.20 
_exptl_crystal.density_percent_sol   44.21 
_exptl_crystal.description           NONE 
# 
_exptl_crystal_grow.crystal_id      1 
_exptl_crystal_grow.method          ? 
_exptl_crystal_grow.temp            ? 
_exptl_crystal_grow.temp_details    ? 
_exptl_crystal_grow.pH              6.5 
_exptl_crystal_grow.pdbx_pH_range   ? 
_exptl_crystal_grow.pdbx_details    'pH 6.5' 
# 
_diffrn.id                     1 
_diffrn.ambient_temp           100 
_diffrn.ambient_temp_details   ? 
_diffrn.crystal_id             1 
# 
_diffrn_detector.diffrn_id              1 
_diffrn_detector.detector               CCD 
_diffrn_detector.type                   'MARMOSAIC 225 mm CCD' 
_diffrn_detector.pdbx_collection_date   2009-04-22 
_diffrn_detector.details                ? 
# 
_diffrn_radiation.diffrn_id                        1 
_diffrn_radiation.wavelength_id                    1 
_diffrn_radiation.pdbx_monochromatic_or_laue_m_l   M 
_diffrn_radiation.monochromator                    ? 
_diffrn_radiation.pdbx_diffrn_protocol             'SINGLE WAVELENGTH' 
_diffrn_radiation.pdbx_scattering_type             x-ray 
# 
_diffrn_radiation_wavelength.id           1 
_diffrn_radiation_wavelength.wavelength   0.873 
_diffrn_radiation_wavelength.wt           1.0 
# 
_diffrn_source.diffrn_id                   1 
_diffrn_source.source                      SYNCHROTRON 
_diffrn_source.type                        'ESRF BEAMLINE ID23-2' 
_diffrn_source.pdbx_synchrotron_site       ESRF 
_diffrn_source.pdbx_synchrotron_beamline   ID23-2 
_diffrn_source.pdbx_wavelength             0.873 
_diffrn_source.pdbx_wavelength_list        ? 
# 
_reflns.pdbx_diffrn_id               1 
_reflns.pdbx_ordinal                 1 
_reflns.entry_id                     2X6U 
_reflns.observed_criterion_sigma_I   -3.0 
_reflns.observed_criterion_sigma_F   ? 
_reflns.d_resolution_low             20.00 
_reflns.d_resolution_high            1.90 
_reflns.number_obs                   16939 
_reflns.number_all                   ? 
_reflns.percent_possible_obs         99.8 
_reflns.pdbx_Rmerge_I_obs            0.05 
_reflns.pdbx_Rsym_value              ? 
_reflns.pdbx_netI_over_sigmaI        21.10 
_reflns.B_iso_Wilson_estimate        25.05 
_reflns.pdbx_redundancy              4.5 
# 
_reflns_shell.pdbx_diffrn_id         1 
_reflns_shell.pdbx_ordinal           1 
_reflns_shell.d_res_high             1.90 
_reflns_shell.d_res_low              2.00 
_reflns_shell.percent_possible_all   100.0 
_reflns_shell.Rmerge_I_obs           0.47 
_reflns_shell.pdbx_Rsym_value        ? 
_reflns_shell.meanI_over_sigI_obs    3.40 
_reflns_shell.pdbx_redundancy        ? 
# 
_refine.pdbx_refine_id                           'X-RAY DIFFRACTION' 
_refine.entry_id                                 2X6U 
_refine.pdbx_diffrn_id                           1 
_refine.pdbx_TLS_residual_ADP_flag               ? 
_refine.ls_number_reflns_obs                     16922 
_refine.ls_number_reflns_all                     ? 
_refine.pdbx_ls_sigma_I                          ? 
_refine.pdbx_ls_sigma_F                          1.99 
_refine.pdbx_data_cutoff_high_absF               ? 
_refine.pdbx_data_cutoff_low_absF                ? 
_refine.pdbx_data_cutoff_high_rms_absF           ? 
_refine.ls_d_res_low                             19.662 
_refine.ls_d_res_high                            1.900 
_refine.ls_percent_reflns_obs                    99.89 
_refine.ls_R_factor_obs                          0.2131 
_refine.ls_R_factor_all                          ? 
_refine.ls_R_factor_R_work                       0.2105 
_refine.ls_R_factor_R_free                       0.2643 
_refine.ls_R_factor_R_free_error                 ? 
_refine.ls_R_factor_R_free_error_details         ? 
_refine.ls_percent_reflns_R_free                 5.0 
_refine.ls_number_reflns_R_free                  847 
_refine.ls_number_parameters                     ? 
_refine.ls_number_restraints                     ? 
_refine.occupancy_min                            ? 
_refine.occupancy_max                            ? 
_refine.correlation_coeff_Fo_to_Fc               ? 
_refine.correlation_coeff_Fo_to_Fc_free          ? 
_refine.B_iso_mean                               31.5 
_refine.aniso_B[1][1]                            5.0410 
_refine.aniso_B[2][2]                            -4.8972 
_refine.aniso_B[3][3]                            -9.5941 
_refine.aniso_B[1][2]                            -0.0000 
_refine.aniso_B[1][3]                            -0.0000 
_refine.aniso_B[2][3]                            -0.0000 
_refine.solvent_model_details                    'FLAT BULK SOLVENT MODEL' 
_refine.solvent_model_param_ksol                 0.350 
_refine.solvent_model_param_bsol                 54.110 
_refine.pdbx_solvent_vdw_probe_radii             1.11 
_refine.pdbx_solvent_ion_probe_radii             ? 
_refine.pdbx_solvent_shrinkage_radii             0.90 
_refine.pdbx_ls_cross_valid_method               ? 
_refine.details                                  ? 
_refine.pdbx_starting_model                      'WWPDB DEPOSITION 43002' 
_refine.pdbx_method_to_determine_struct          'MOLECULAR REPLACEMENT' 
_refine.pdbx_isotropic_thermal_model             ? 
_refine.pdbx_stereochemistry_target_values       ML 
_refine.pdbx_stereochem_target_val_spec_case     ? 
_refine.pdbx_R_Free_selection_details            ? 
_refine.pdbx_overall_ESU_R                       ? 
_refine.pdbx_overall_ESU_R_Free                  ? 
_refine.overall_SU_ML                            0.24 
_refine.pdbx_overall_phase_error                 24.70 
_refine.overall_SU_B                             ? 
_refine.overall_SU_R_Cruickshank_DPI             ? 
_refine.pdbx_overall_SU_R_free_Cruickshank_DPI   ? 
_refine.pdbx_overall_SU_R_Blow_DPI               ? 
_refine.pdbx_overall_SU_R_free_Blow_DPI          ? 
# 
_refine_hist.pdbx_refine_id                   'X-RAY DIFFRACTION' 
_refine_hist.cycle_id                         LAST 
_refine_hist.pdbx_number_atoms_protein        1433 
_refine_hist.pdbx_number_atoms_nucleic_acid   0 
_refine_hist.pdbx_number_atoms_ligand         20 
_refine_hist.number_atoms_solvent             150 
_refine_hist.number_atoms_total               1603 
_refine_hist.d_res_high                       1.900 
_refine_hist.d_res_low                        19.662 
# 
loop_
_refine_ls_restr.type 
_refine_ls_restr.dev_ideal 
_refine_ls_restr.dev_ideal_target 
_refine_ls_restr.weight 
_refine_ls_restr.number 
_refine_ls_restr.pdbx_refine_id 
_refine_ls_restr.pdbx_restraint_function 
f_bond_d           0.003  ? ? 1545 'X-RAY DIFFRACTION' ? 
f_angle_d          0.708  ? ? 2095 'X-RAY DIFFRACTION' ? 
f_dihedral_angle_d 14.520 ? ? 586  'X-RAY DIFFRACTION' ? 
f_chiral_restr     0.049  ? ? 228  'X-RAY DIFFRACTION' ? 
f_plane_restr      0.003  ? ? 263  'X-RAY DIFFRACTION' ? 
# 
loop_
_refine_ls_shell.pdbx_refine_id 
_refine_ls_shell.pdbx_total_number_of_bins_used 
_refine_ls_shell.d_res_high 
_refine_ls_shell.d_res_low 
_refine_ls_shell.number_reflns_R_work 
_refine_ls_shell.R_factor_R_work 
_refine_ls_shell.percent_reflns_obs 
_refine_ls_shell.R_factor_R_free 
_refine_ls_shell.R_factor_R_free_error 
_refine_ls_shell.percent_reflns_R_free 
_refine_ls_shell.number_reflns_R_free 
_refine_ls_shell.number_reflns_all 
_refine_ls_shell.R_factor_all 
'X-RAY DIFFRACTION' . 1.9000 2.0189  2650 0.2488 100.00 0.2877 . . 140 . . 
'X-RAY DIFFRACTION' . 2.0189 2.1746  2623 0.2227 100.00 0.2794 . . 138 . . 
'X-RAY DIFFRACTION' . 2.1746 2.3931  2645 0.2119 100.00 0.2916 . . 139 . . 
'X-RAY DIFFRACTION' . 2.3931 2.7386  2647 0.2288 100.00 0.2830 . . 140 . . 
'X-RAY DIFFRACTION' . 2.7386 3.4474  2696 0.2052 100.00 0.2567 . . 141 . . 
'X-RAY DIFFRACTION' . 3.4474 19.6631 2814 0.1895 100.00 0.2265 . . 149 . . 
# 
_struct.entry_id                  2X6U 
_struct.title                     'Crystal structure of human TBX5 in the DNA-free form' 
_struct.pdbx_model_details        ? 
_struct.pdbx_CASP_flag            ? 
_struct.pdbx_model_type_details   ? 
# 
_struct_keywords.entry_id        2X6U 
_struct_keywords.pdbx_keywords   TRANSCRIPTION 
_struct_keywords.text            
;DEVELOPMENTAL PROTEIN, DNA-BINDING, HOLT-ORAM-SYNDROME, IG-FOLD, NUCLEAR PROTEIN, REPRESSOR, TBX3, TRANSCRIPTION, TRANSCRIPTION REGULATION
;
# 
loop_
_struct_asym.id 
_struct_asym.pdbx_blank_PDB_chainid_flag 
_struct_asym.pdbx_modified 
_struct_asym.entity_id 
_struct_asym.details 
A N N 1 ? 
B N N 2 ? 
C N N 3 ? 
D N N 3 ? 
E N N 3 ? 
F N N 3 ? 
G N N 4 ? 
# 
loop_
_struct_ref.id 
_struct_ref.db_name 
_struct_ref.db_code 
_struct_ref.entity_id 
_struct_ref.pdbx_seq_one_letter_code 
_struct_ref.pdbx_align_begin 
_struct_ref.pdbx_db_accession 
_struct_ref.pdbx_db_isoform 
1 PDB 2X6U       1 ? ? 2X6U   ? 
2 UNP TBX5_HUMAN 1 ? ? Q99593 ? 
# 
loop_
_struct_ref_seq.align_id 
_struct_ref_seq.ref_id 
_struct_ref_seq.pdbx_PDB_id_code 
_struct_ref_seq.pdbx_strand_id 
_struct_ref_seq.seq_align_beg 
_struct_ref_seq.pdbx_seq_align_beg_ins_code 
_struct_ref_seq.seq_align_end 
_struct_ref_seq.pdbx_seq_align_end_ins_code 
_struct_ref_seq.pdbx_db_accession 
_struct_ref_seq.db_align_beg 
_struct_ref_seq.pdbx_db_align_beg_ins_code 
_struct_ref_seq.db_align_end 
_struct_ref_seq.pdbx_db_align_end_ins_code 
_struct_ref_seq.pdbx_auth_seq_align_beg 
_struct_ref_seq.pdbx_auth_seq_align_end 
1 1 2X6U A 1 ? 2   ? 2X6U   49 ? 50  ? 49 50  
2 2 2X6U A 3 ? 203 ? Q99593 51 ? 251 ? 51 251 
# 
_pdbx_struct_assembly.id                   1 
_pdbx_struct_assembly.details              author_and_software_defined_assembly 
_pdbx_struct_assembly.method_details       PISA 
_pdbx_struct_assembly.oligomeric_details   monomeric 
_pdbx_struct_assembly.oligomeric_count     1 
# 
_pdbx_struct_assembly_gen.assembly_id       1 
_pdbx_struct_assembly_gen.oper_expression   1 
_pdbx_struct_assembly_gen.asym_id_list      A,B,C,D,E,F,G 
# 
_pdbx_struct_oper_list.id                   1 
_pdbx_struct_oper_list.type                 'identity operation' 
_pdbx_struct_oper_list.name                 1_555 
_pdbx_struct_oper_list.symmetry_operation   x,y,z 
_pdbx_struct_oper_list.matrix[1][1]         1.0000000000 
_pdbx_struct_oper_list.matrix[1][2]         0.0000000000 
_pdbx_struct_oper_list.matrix[1][3]         0.0000000000 
_pdbx_struct_oper_list.vector[1]            0.0000000000 
_pdbx_struct_oper_list.matrix[2][1]         0.0000000000 
_pdbx_struct_oper_list.matrix[2][2]         1.0000000000 
_pdbx_struct_oper_list.matrix[2][3]         0.0000000000 
_pdbx_struct_oper_list.vector[2]            0.0000000000 
_pdbx_struct_oper_list.matrix[3][1]         0.0000000000 
_pdbx_struct_oper_list.matrix[3][2]         0.0000000000 
_pdbx_struct_oper_list.matrix[3][3]         1.0000000000 
_pdbx_struct_oper_list.vector[3]            0.0000000000 
# 
_struct_biol.id   1 
# 
loop_
_struct_conf.conf_type_id 
_struct_conf.id 
_struct_conf.pdbx_PDB_helix_id 
_struct_conf.beg_label_comp_id 
_struct_conf.beg_label_asym_id 
_struct_conf.beg_label_seq_id 
_struct_conf.pdbx_beg_PDB_ins_code 
_struct_conf.end_label_comp_id 
_struct_conf.end_label_asym_id 
_struct_conf.end_label_seq_id 
_struct_conf.pdbx_end_PDB_ins_code 
_struct_conf.beg_auth_comp_id 
_struct_conf.beg_auth_asym_id 
_struct_conf.beg_auth_seq_id 
_struct_conf.end_auth_comp_id 
_struct_conf.end_auth_asym_id 
_struct_conf.end_auth_seq_id 
_struct_conf.pdbx_PDB_helix_class 
_struct_conf.details 
_struct_conf.pdbx_PDB_helix_length 
HELX_P HELX_P1 1 GLU A 12  ? GLY A 23  ? GLU A 60  GLY A 71  1 ? 12 
HELX_P HELX_P2 2 GLY A 97  ? GLN A 103 ? GLY A 145 GLN A 151 1 ? 7  
HELX_P HELX_P3 3 PHE A 158 ? ALA A 162 ? PHE A 206 ALA A 210 5 ? 5  
HELX_P HELX_P4 4 ASN A 171 ? ASN A 182 ? ASN A 219 ASN A 230 1 ? 12 
# 
_struct_conf_type.id          HELX_P 
_struct_conf_type.criteria    ? 
_struct_conf_type.reference   ? 
# 
_struct_conn.id                            metalc1 
_struct_conn.conn_type_id                  metalc 
_struct_conn.pdbx_leaving_atom_flag        ? 
_struct_conn.pdbx_PDB_id                   ? 
_struct_conn.ptnr1_label_asym_id           D 
_struct_conn.ptnr1_label_comp_id           MG 
_struct_conn.ptnr1_label_seq_id            . 
_struct_conn.ptnr1_label_atom_id           MG 
_struct_conn.pdbx_ptnr1_label_alt_id       ? 
_struct_conn.pdbx_ptnr1_PDB_ins_code       ? 
_struct_conn.pdbx_ptnr1_standard_comp_id   ? 
_struct_conn.ptnr1_symmetry                1_555 
_struct_conn.ptnr2_label_asym_id           G 
_struct_conn.ptnr2_label_comp_id           HOH 
_struct_conn.ptnr2_label_seq_id            . 
_struct_conn.ptnr2_label_atom_id           O 
_struct_conn.pdbx_ptnr2_label_alt_id       ? 
_struct_conn.pdbx_ptnr2_PDB_ins_code       ? 
_struct_conn.ptnr1_auth_asym_id            A 
_struct_conn.ptnr1_auth_comp_id            MG 
_struct_conn.ptnr1_auth_seq_id             1233 
_struct_conn.ptnr2_auth_asym_id            A 
_struct_conn.ptnr2_auth_comp_id            HOH 
_struct_conn.ptnr2_auth_seq_id             2059 
_struct_conn.ptnr2_symmetry                1_555 
_struct_conn.pdbx_ptnr3_label_atom_id      ? 
_struct_conn.pdbx_ptnr3_label_seq_id       ? 
_struct_conn.pdbx_ptnr3_label_comp_id      ? 
_struct_conn.pdbx_ptnr3_label_asym_id      ? 
_struct_conn.pdbx_ptnr3_label_alt_id       ? 
_struct_conn.pdbx_ptnr3_PDB_ins_code       ? 
_struct_conn.details                       ? 
_struct_conn.pdbx_dist_value               2.966 
_struct_conn.pdbx_value_order              ? 
_struct_conn.pdbx_role                     ? 
# 
_struct_conn_type.id          metalc 
_struct_conn_type.criteria    ? 
_struct_conn_type.reference   ? 
# 
loop_
_struct_mon_prot_cis.pdbx_id 
_struct_mon_prot_cis.label_comp_id 
_struct_mon_prot_cis.label_seq_id 
_struct_mon_prot_cis.label_asym_id 
_struct_mon_prot_cis.label_alt_id 
_struct_mon_prot_cis.pdbx_PDB_ins_code 
_struct_mon_prot_cis.auth_comp_id 
_struct_mon_prot_cis.auth_seq_id 
_struct_mon_prot_cis.auth_asym_id 
_struct_mon_prot_cis.pdbx_label_comp_id_2 
_struct_mon_prot_cis.pdbx_label_seq_id_2 
_struct_mon_prot_cis.pdbx_label_asym_id_2 
_struct_mon_prot_cis.pdbx_PDB_ins_code_2 
_struct_mon_prot_cis.pdbx_auth_comp_id_2 
_struct_mon_prot_cis.pdbx_auth_seq_id_2 
_struct_mon_prot_cis.pdbx_auth_asym_id_2 
_struct_mon_prot_cis.pdbx_PDB_model_num 
_struct_mon_prot_cis.pdbx_omega_angle 
1 PHE 36 A . ? PHE 84  A PRO 37 A ? PRO 85  A 1 0.56  
2 SER 93 A . ? SER 141 A PRO 94 A ? PRO 142 A 1 -6.05 
# 
loop_
_struct_sheet.id 
_struct_sheet.type 
_struct_sheet.number_strands 
_struct_sheet.details 
AA ? 3 ? 
AB ? 4 ? 
AC ? 5 ? 
AD ? 2 ? 
AE ? 5 ? 
AF ? 2 ? 
AG ? 5 ? 
AH ? 2 ? 
AI ? 3 ? 
# 
loop_
_struct_sheet_order.sheet_id 
_struct_sheet_order.range_id_1 
_struct_sheet_order.range_id_2 
_struct_sheet_order.offset 
_struct_sheet_order.sense 
AA 1 2 ? anti-parallel 
AA 2 3 ? anti-parallel 
AB 1 2 ? parallel      
AB 2 3 ? anti-parallel 
AB 3 4 ? anti-parallel 
AC 1 2 ? parallel      
AC 2 3 ? anti-parallel 
AC 3 4 ? anti-parallel 
AC 4 5 ? anti-parallel 
AD 1 2 ? anti-parallel 
AE 1 2 ? parallel      
AE 2 3 ? anti-parallel 
AE 3 4 ? anti-parallel 
AE 4 5 ? anti-parallel 
AF 1 2 ? anti-parallel 
AG 1 2 ? parallel      
AG 2 3 ? anti-parallel 
AG 3 4 ? anti-parallel 
AG 4 5 ? anti-parallel 
AH 1 2 ? anti-parallel 
AI 1 2 ? anti-parallel 
AI 2 3 ? parallel      
# 
loop_
_struct_sheet_range.sheet_id 
_struct_sheet_range.id 
_struct_sheet_range.beg_label_comp_id 
_struct_sheet_range.beg_label_asym_id 
_struct_sheet_range.beg_label_seq_id 
_struct_sheet_range.pdbx_beg_PDB_ins_code 
_struct_sheet_range.end_label_comp_id 
_struct_sheet_range.end_label_asym_id 
_struct_sheet_range.end_label_seq_id 
_struct_sheet_range.pdbx_end_PDB_ins_code 
_struct_sheet_range.beg_auth_comp_id 
_struct_sheet_range.beg_auth_asym_id 
_struct_sheet_range.beg_auth_seq_id 
_struct_sheet_range.end_auth_comp_id 
_struct_sheet_range.end_auth_asym_id 
_struct_sheet_range.end_auth_seq_id 
AA 1 LYS A 7   ? LEU A 10  ? LYS A 55  LEU A 58  
AA 2 LYS A 40  ? THR A 44  ? LYS A 88  THR A 92  
AA 3 VAL A 105 ? SER A 106 ? VAL A 153 SER A 154 
AB 1 GLU A 25  ? ILE A 27  ? GLU A 73  ILE A 75  
AB 2 PHE A 163 ? VAL A 166 ? PHE A 211 VAL A 214 
AB 3 HIS A 129 ? LYS A 139 ? HIS A 177 LYS A 187 
AB 4 PHE A 153 ? HIS A 156 ? PHE A 201 HIS A 204 
AC 1 GLU A 25  ? ILE A 27  ? GLU A 73  ILE A 75  
AC 2 PHE A 163 ? VAL A 166 ? PHE A 211 VAL A 214 
AC 3 HIS A 129 ? LYS A 139 ? HIS A 177 LYS A 187 
AC 4 LYS A 51  ? ALA A 69  ? LYS A 99  ALA A 117 
AC 5 LYS A 72  ? LYS A 78  ? LYS A 120 LYS A 126 
AD 1 TYR A 88  ? VAL A 89  ? TYR A 136 VAL A 137 
AD 2 LYS A 51  ? ALA A 69  ? LYS A 99  ALA A 117 
AE 1 GLU A 25  ? ILE A 27  ? GLU A 73  ILE A 75  
AE 2 PHE A 163 ? VAL A 166 ? PHE A 211 VAL A 214 
AE 3 HIS A 129 ? LYS A 139 ? HIS A 177 LYS A 187 
AE 4 LYS A 51  ? ALA A 69  ? LYS A 99  ALA A 117 
AE 5 TYR A 88  ? VAL A 89  ? TYR A 136 VAL A 137 
AF 1 ALA A 95  ? THR A 96  ? ALA A 143 THR A 144 
AF 2 LYS A 51  ? ALA A 69  ? LYS A 99  ALA A 117 
AG 1 GLU A 25  ? ILE A 27  ? GLU A 73  ILE A 75  
AG 2 PHE A 163 ? VAL A 166 ? PHE A 211 VAL A 214 
AG 3 HIS A 129 ? LYS A 139 ? HIS A 177 LYS A 187 
AG 4 LYS A 51  ? ALA A 69  ? LYS A 99  ALA A 117 
AG 5 ALA A 95  ? THR A 96  ? ALA A 143 THR A 144 
AH 1 PHE A 153 ? HIS A 156 ? PHE A 201 HIS A 204 
AH 2 HIS A 129 ? LYS A 139 ? HIS A 177 LYS A 187 
AI 1 ARG A 33  ? ARG A 34  ? ARG A 81  ARG A 82  
AI 2 LYS A 111 ? THR A 113 ? LYS A 159 THR A 161 
AI 3 ILE A 123 ? ILE A 124 ? ILE A 171 ILE A 172 
# 
loop_
_pdbx_struct_sheet_hbond.sheet_id 
_pdbx_struct_sheet_hbond.range_id_1 
_pdbx_struct_sheet_hbond.range_id_2 
_pdbx_struct_sheet_hbond.range_1_label_atom_id 
_pdbx_struct_sheet_hbond.range_1_label_comp_id 
_pdbx_struct_sheet_hbond.range_1_label_asym_id 
_pdbx_struct_sheet_hbond.range_1_label_seq_id 
_pdbx_struct_sheet_hbond.range_1_PDB_ins_code 
_pdbx_struct_sheet_hbond.range_1_auth_atom_id 
_pdbx_struct_sheet_hbond.range_1_auth_comp_id 
_pdbx_struct_sheet_hbond.range_1_auth_asym_id 
_pdbx_struct_sheet_hbond.range_1_auth_seq_id 
_pdbx_struct_sheet_hbond.range_2_label_atom_id 
_pdbx_struct_sheet_hbond.range_2_label_comp_id 
_pdbx_struct_sheet_hbond.range_2_label_asym_id 
_pdbx_struct_sheet_hbond.range_2_label_seq_id 
_pdbx_struct_sheet_hbond.range_2_PDB_ins_code 
_pdbx_struct_sheet_hbond.range_2_auth_atom_id 
_pdbx_struct_sheet_hbond.range_2_auth_comp_id 
_pdbx_struct_sheet_hbond.range_2_auth_asym_id 
_pdbx_struct_sheet_hbond.range_2_auth_seq_id 
AA 1 2 N PHE A 9   ? N PHE A 57  O LYS A 42  ? O LYS A 90  
AA 2 3 N VAL A 41  ? N VAL A 89  O VAL A 105 ? O VAL A 153 
AB 1 2 N MET A 26  ? N MET A 74  O ILE A 164 ? O ILE A 212 
AB 2 3 N ALA A 165 ? N ALA A 213 O HIS A 129 ? O HIS A 177 
AB 3 4 N ILE A 137 ? N ILE A 185 O CYS A 154 ? O CYS A 202 
AC 1 2 N MET A 26  ? N MET A 74  O ILE A 164 ? O ILE A 212 
AC 2 3 N ALA A 165 ? N ALA A 213 O HIS A 129 ? O HIS A 177 
AC 3 4 N VAL A 138 ? N VAL A 186 O ILE A 53  ? O ILE A 101 
AC 4 5 N ALA A 69  ? N ALA A 117 O LYS A 72  ? O LYS A 120 
AD 1 2 N TYR A 88  ? N TYR A 136 O MET A 56  ? O MET A 104 
AE 1 2 N MET A 26  ? N MET A 74  O ILE A 164 ? O ILE A 212 
AE 2 3 N ALA A 165 ? N ALA A 213 O HIS A 129 ? O HIS A 177 
AE 3 4 N VAL A 138 ? N VAL A 186 O ILE A 53  ? O ILE A 101 
AE 4 5 N MET A 56  ? N MET A 104 O TYR A 88  ? O TYR A 136 
AF 1 2 N ALA A 95  ? N ALA A 143 O TYR A 52  ? O TYR A 100 
AG 1 2 N MET A 26  ? N MET A 74  O ILE A 164 ? O ILE A 212 
AG 2 3 N ALA A 165 ? N ALA A 213 O HIS A 129 ? O HIS A 177 
AG 3 4 N VAL A 138 ? N VAL A 186 O ILE A 53  ? O ILE A 101 
AG 4 5 N TYR A 52  ? N TYR A 100 O ALA A 95  ? O ALA A 143 
AH 1 2 N HIS A 156 ? N HIS A 204 O LEU A 135 ? O LEU A 183 
AI 1 2 N ARG A 33  ? N ARG A 81  O LEU A 112 ? O LEU A 160 
AI 2 3 N THR A 113 ? N THR A 161 O ILE A 123 ? O ILE A 171 
# 
loop_
_struct_site.id 
_struct_site.pdbx_evidence_code 
_struct_site.pdbx_auth_asym_id 
_struct_site.pdbx_auth_comp_id 
_struct_site.pdbx_auth_seq_id 
_struct_site.pdbx_auth_ins_code 
_struct_site.pdbx_num_residues 
_struct_site.details 
AC1 Software A PE4 1231 ? 5 'BINDING SITE FOR RESIDUE PE4 A 1231' 
AC2 Software A MG  1232 ? 3 'BINDING SITE FOR RESIDUE MG A 1232'  
AC3 Software A MG  1233 ? 4 'BINDING SITE FOR RESIDUE MG A 1233'  
AC4 Software A MG  1234 ? 2 'BINDING SITE FOR RESIDUE MG A 1234'  
# 
loop_
_struct_site_gen.id 
_struct_site_gen.site_id 
_struct_site_gen.pdbx_num_res 
_struct_site_gen.label_comp_id 
_struct_site_gen.label_asym_id 
_struct_site_gen.label_seq_id 
_struct_site_gen.pdbx_auth_ins_code 
_struct_site_gen.auth_comp_id 
_struct_site_gen.auth_asym_id 
_struct_site_gen.auth_seq_id 
_struct_site_gen.label_atom_id 
_struct_site_gen.label_alt_id 
_struct_site_gen.symmetry 
_struct_site_gen.details 
1  AC1 5 THR A 155 ? THR A 203  . ? 1_555 ? 
2  AC1 5 HIS A 156 ? HIS A 204  . ? 1_555 ? 
3  AC1 5 VAL A 157 ? VAL A 205  . ? 1_555 ? 
4  AC1 5 PHE A 158 ? PHE A 206  . ? 1_555 ? 
5  AC1 5 HOH G .   ? HOH A 2134 . ? 1_555 ? 
6  AC2 3 LYS A 30  ? LYS A 78   . ? 1_555 ? 
7  AC2 3 LYS A 78  ? LYS A 126  . ? 4_545 ? 
8  AC2 3 ASN A 114 ? ASN A 162  . ? 1_555 ? 
9  AC3 4 HIS A 64  ? HIS A 112  . ? 1_555 ? 
10 AC3 4 GLY A 77  ? GLY A 125  . ? 1_555 ? 
11 AC3 4 ASN A 114 ? ASN A 162  . ? 4_445 ? 
12 AC3 4 HOH G .   ? HOH A 2059 . ? 1_555 ? 
13 AC4 2 ARG A 33  ? ARG A 81   . ? 1_555 ? 
14 AC4 2 ARG A 34  ? ARG A 82   . ? 1_555 ? 
# 
loop_
_pdbx_unobs_or_zero_occ_residues.id 
_pdbx_unobs_or_zero_occ_residues.PDB_model_num 
_pdbx_unobs_or_zero_occ_residues.polymer_flag 
_pdbx_unobs_or_zero_occ_residues.occupancy_flag 
_pdbx_unobs_or_zero_occ_residues.auth_asym_id 
_pdbx_unobs_or_zero_occ_residues.auth_comp_id 
_pdbx_unobs_or_zero_occ_residues.auth_seq_id 
_pdbx_unobs_or_zero_occ_residues.PDB_ins_code 
_pdbx_unobs_or_zero_occ_residues.label_asym_id 
_pdbx_unobs_or_zero_occ_residues.label_comp_id 
_pdbx_unobs_or_zero_occ_residues.label_seq_id 
1  1 Y 1 A GLY 49  ? A GLY 1   
2  1 Y 1 A ALA 50  ? A ALA 2   
3  1 Y 1 A MET 51  ? A MET 3   
4  1 Y 1 A MET 131 ? A MET 83  
5  1 Y 1 A PRO 132 ? A PRO 84  
6  1 Y 1 A GLY 133 ? A GLY 85  
7  1 Y 1 A PRO 231 ? A PRO 183 
8  1 Y 1 A PHE 232 ? A PHE 184 
9  1 Y 1 A ALA 233 ? A ALA 185 
10 1 Y 1 A LYS 234 ? A LYS 186 
11 1 Y 1 A GLY 235 ? A GLY 187 
12 1 Y 1 A PHE 236 ? A PHE 188 
13 1 Y 1 A ARG 237 ? A ARG 189 
14 1 Y 1 A GLY 238 ? A GLY 190 
15 1 Y 1 A SER 239 ? A SER 191 
16 1 Y 1 A ASP 240 ? A ASP 192 
17 1 Y 1 A ASP 241 ? A ASP 193 
18 1 Y 1 A MET 242 ? A MET 194 
19 1 Y 1 A GLU 243 ? A GLU 195 
20 1 Y 1 A LEU 244 ? A LEU 196 
21 1 Y 1 A HIS 245 ? A HIS 197 
22 1 Y 1 A ARG 246 ? A ARG 198 
23 1 Y 1 A MET 247 ? A MET 199 
24 1 Y 1 A SER 248 ? A SER 200 
25 1 Y 1 A ARG 249 ? A ARG 201 
26 1 Y 1 A MET 250 ? A MET 202 
27 1 Y 1 A GLN 251 ? A GLN 203 
# 
loop_
_chem_comp_atom.comp_id 
_chem_comp_atom.atom_id 
_chem_comp_atom.type_symbol 
_chem_comp_atom.pdbx_aromatic_flag 
_chem_comp_atom.pdbx_stereo_config 
_chem_comp_atom.pdbx_ordinal 
ALA N    N  N N 1   
ALA CA   C  N S 2   
ALA C    C  N N 3   
ALA O    O  N N 4   
ALA CB   C  N N 5   
ALA OXT  O  N N 6   
ALA H    H  N N 7   
ALA H2   H  N N 8   
ALA HA   H  N N 9   
ALA HB1  H  N N 10  
ALA HB2  H  N N 11  
ALA HB3  H  N N 12  
ALA HXT  H  N N 13  
ARG N    N  N N 14  
ARG CA   C  N S 15  
ARG C    C  N N 16  
ARG O    O  N N 17  
ARG CB   C  N N 18  
ARG CG   C  N N 19  
ARG CD   C  N N 20  
ARG NE   N  N N 21  
ARG CZ   C  N N 22  
ARG NH1  N  N N 23  
ARG NH2  N  N N 24  
ARG OXT  O  N N 25  
ARG H    H  N N 26  
ARG H2   H  N N 27  
ARG HA   H  N N 28  
ARG HB2  H  N N 29  
ARG HB3  H  N N 30  
ARG HG2  H  N N 31  
ARG HG3  H  N N 32  
ARG HD2  H  N N 33  
ARG HD3  H  N N 34  
ARG HE   H  N N 35  
ARG HH11 H  N N 36  
ARG HH12 H  N N 37  
ARG HH21 H  N N 38  
ARG HH22 H  N N 39  
ARG HXT  H  N N 40  
ASN N    N  N N 41  
ASN CA   C  N S 42  
ASN C    C  N N 43  
ASN O    O  N N 44  
ASN CB   C  N N 45  
ASN CG   C  N N 46  
ASN OD1  O  N N 47  
ASN ND2  N  N N 48  
ASN OXT  O  N N 49  
ASN H    H  N N 50  
ASN H2   H  N N 51  
ASN HA   H  N N 52  
ASN HB2  H  N N 53  
ASN HB3  H  N N 54  
ASN HD21 H  N N 55  
ASN HD22 H  N N 56  
ASN HXT  H  N N 57  
ASP N    N  N N 58  
ASP CA   C  N S 59  
ASP C    C  N N 60  
ASP O    O  N N 61  
ASP CB   C  N N 62  
ASP CG   C  N N 63  
ASP OD1  O  N N 64  
ASP OD2  O  N N 65  
ASP OXT  O  N N 66  
ASP H    H  N N 67  
ASP H2   H  N N 68  
ASP HA   H  N N 69  
ASP HB2  H  N N 70  
ASP HB3  H  N N 71  
ASP HD2  H  N N 72  
ASP HXT  H  N N 73  
CYS N    N  N N 74  
CYS CA   C  N R 75  
CYS C    C  N N 76  
CYS O    O  N N 77  
CYS CB   C  N N 78  
CYS SG   S  N N 79  
CYS OXT  O  N N 80  
CYS H    H  N N 81  
CYS H2   H  N N 82  
CYS HA   H  N N 83  
CYS HB2  H  N N 84  
CYS HB3  H  N N 85  
CYS HG   H  N N 86  
CYS HXT  H  N N 87  
GLN N    N  N N 88  
GLN CA   C  N S 89  
GLN C    C  N N 90  
GLN O    O  N N 91  
GLN CB   C  N N 92  
GLN CG   C  N N 93  
GLN CD   C  N N 94  
GLN OE1  O  N N 95  
GLN NE2  N  N N 96  
GLN OXT  O  N N 97  
GLN H    H  N N 98  
GLN H2   H  N N 99  
GLN HA   H  N N 100 
GLN HB2  H  N N 101 
GLN HB3  H  N N 102 
GLN HG2  H  N N 103 
GLN HG3  H  N N 104 
GLN HE21 H  N N 105 
GLN HE22 H  N N 106 
GLN HXT  H  N N 107 
GLU N    N  N N 108 
GLU CA   C  N S 109 
GLU C    C  N N 110 
GLU O    O  N N 111 
GLU CB   C  N N 112 
GLU CG   C  N N 113 
GLU CD   C  N N 114 
GLU OE1  O  N N 115 
GLU OE2  O  N N 116 
GLU OXT  O  N N 117 
GLU H    H  N N 118 
GLU H2   H  N N 119 
GLU HA   H  N N 120 
GLU HB2  H  N N 121 
GLU HB3  H  N N 122 
GLU HG2  H  N N 123 
GLU HG3  H  N N 124 
GLU HE2  H  N N 125 
GLU HXT  H  N N 126 
GLY N    N  N N 127 
GLY CA   C  N N 128 
GLY C    C  N N 129 
GLY O    O  N N 130 
GLY OXT  O  N N 131 
GLY H    H  N N 132 
GLY H2   H  N N 133 
GLY HA2  H  N N 134 
GLY HA3  H  N N 135 
GLY HXT  H  N N 136 
HIS N    N  N N 137 
HIS CA   C  N S 138 
HIS C    C  N N 139 
HIS O    O  N N 140 
HIS CB   C  N N 141 
HIS CG   C  Y N 142 
HIS ND1  N  Y N 143 
HIS CD2  C  Y N 144 
HIS CE1  C  Y N 145 
HIS NE2  N  Y N 146 
HIS OXT  O  N N 147 
HIS H    H  N N 148 
HIS H2   H  N N 149 
HIS HA   H  N N 150 
HIS HB2  H  N N 151 
HIS HB3  H  N N 152 
HIS HD1  H  N N 153 
HIS HD2  H  N N 154 
HIS HE1  H  N N 155 
HIS HE2  H  N N 156 
HIS HXT  H  N N 157 
HOH O    O  N N 158 
HOH H1   H  N N 159 
HOH H2   H  N N 160 
ILE N    N  N N 161 
ILE CA   C  N S 162 
ILE C    C  N N 163 
ILE O    O  N N 164 
ILE CB   C  N S 165 
ILE CG1  C  N N 166 
ILE CG2  C  N N 167 
ILE CD1  C  N N 168 
ILE OXT  O  N N 169 
ILE H    H  N N 170 
ILE H2   H  N N 171 
ILE HA   H  N N 172 
ILE HB   H  N N 173 
ILE HG12 H  N N 174 
ILE HG13 H  N N 175 
ILE HG21 H  N N 176 
ILE HG22 H  N N 177 
ILE HG23 H  N N 178 
ILE HD11 H  N N 179 
ILE HD12 H  N N 180 
ILE HD13 H  N N 181 
ILE HXT  H  N N 182 
LEU N    N  N N 183 
LEU CA   C  N S 184 
LEU C    C  N N 185 
LEU O    O  N N 186 
LEU CB   C  N N 187 
LEU CG   C  N N 188 
LEU CD1  C  N N 189 
LEU CD2  C  N N 190 
LEU OXT  O  N N 191 
LEU H    H  N N 192 
LEU H2   H  N N 193 
LEU HA   H  N N 194 
LEU HB2  H  N N 195 
LEU HB3  H  N N 196 
LEU HG   H  N N 197 
LEU HD11 H  N N 198 
LEU HD12 H  N N 199 
LEU HD13 H  N N 200 
LEU HD21 H  N N 201 
LEU HD22 H  N N 202 
LEU HD23 H  N N 203 
LEU HXT  H  N N 204 
LYS N    N  N N 205 
LYS CA   C  N S 206 
LYS C    C  N N 207 
LYS O    O  N N 208 
LYS CB   C  N N 209 
LYS CG   C  N N 210 
LYS CD   C  N N 211 
LYS CE   C  N N 212 
LYS NZ   N  N N 213 
LYS OXT  O  N N 214 
LYS H    H  N N 215 
LYS H2   H  N N 216 
LYS HA   H  N N 217 
LYS HB2  H  N N 218 
LYS HB3  H  N N 219 
LYS HG2  H  N N 220 
LYS HG3  H  N N 221 
LYS HD2  H  N N 222 
LYS HD3  H  N N 223 
LYS HE2  H  N N 224 
LYS HE3  H  N N 225 
LYS HZ1  H  N N 226 
LYS HZ2  H  N N 227 
LYS HZ3  H  N N 228 
LYS HXT  H  N N 229 
MET N    N  N N 230 
MET CA   C  N S 231 
MET C    C  N N 232 
MET O    O  N N 233 
MET CB   C  N N 234 
MET CG   C  N N 235 
MET SD   S  N N 236 
MET CE   C  N N 237 
MET OXT  O  N N 238 
MET H    H  N N 239 
MET H2   H  N N 240 
MET HA   H  N N 241 
MET HB2  H  N N 242 
MET HB3  H  N N 243 
MET HG2  H  N N 244 
MET HG3  H  N N 245 
MET HE1  H  N N 246 
MET HE2  H  N N 247 
MET HE3  H  N N 248 
MET HXT  H  N N 249 
MG  MG   MG N N 250 
PE4 O1   O  N N 251 
PE4 C1   C  N N 252 
PE4 C2   C  N N 253 
PE4 O2   O  N N 254 
PE4 C3   C  N N 255 
PE4 C4   C  N N 256 
PE4 O3   O  N N 257 
PE4 C5   C  N N 258 
PE4 C6   C  N N 259 
PE4 O4   O  N N 260 
PE4 C7   C  N N 261 
PE4 C8   C  N N 262 
PE4 O5   O  N N 263 
PE4 C9   C  N N 264 
PE4 C10  C  N N 265 
PE4 O6   O  N N 266 
PE4 C11  C  N N 267 
PE4 C12  C  N N 268 
PE4 O7   O  N N 269 
PE4 C13  C  N N 270 
PE4 C14  C  N N 271 
PE4 O8   O  N N 272 
PE4 C15  C  N N 273 
PE4 C16  C  N N 274 
PE4 HO1  H  N N 275 
PE4 H11  H  N N 276 
PE4 H12  H  N N 277 
PE4 H21  H  N N 278 
PE4 H22  H  N N 279 
PE4 H31  H  N N 280 
PE4 H32  H  N N 281 
PE4 H41  H  N N 282 
PE4 H42  H  N N 283 
PE4 H51  H  N N 284 
PE4 H52  H  N N 285 
PE4 H61  H  N N 286 
PE4 H62  H  N N 287 
PE4 H71  H  N N 288 
PE4 H72  H  N N 289 
PE4 H81  H  N N 290 
PE4 H82  H  N N 291 
PE4 H91  H  N N 292 
PE4 H92  H  N N 293 
PE4 H101 H  N N 294 
PE4 H102 H  N N 295 
PE4 H111 H  N N 296 
PE4 H112 H  N N 297 
PE4 H121 H  N N 298 
PE4 H122 H  N N 299 
PE4 H131 H  N N 300 
PE4 H132 H  N N 301 
PE4 H141 H  N N 302 
PE4 H142 H  N N 303 
PE4 H151 H  N N 304 
PE4 H152 H  N N 305 
PE4 H161 H  N N 306 
PE4 H162 H  N N 307 
PE4 H163 H  N N 308 
PHE N    N  N N 309 
PHE CA   C  N S 310 
PHE C    C  N N 311 
PHE O    O  N N 312 
PHE CB   C  N N 313 
PHE CG   C  Y N 314 
PHE CD1  C  Y N 315 
PHE CD2  C  Y N 316 
PHE CE1  C  Y N 317 
PHE CE2  C  Y N 318 
PHE CZ   C  Y N 319 
PHE OXT  O  N N 320 
PHE H    H  N N 321 
PHE H2   H  N N 322 
PHE HA   H  N N 323 
PHE HB2  H  N N 324 
PHE HB3  H  N N 325 
PHE HD1  H  N N 326 
PHE HD2  H  N N 327 
PHE HE1  H  N N 328 
PHE HE2  H  N N 329 
PHE HZ   H  N N 330 
PHE HXT  H  N N 331 
PRO N    N  N N 332 
PRO CA   C  N S 333 
PRO C    C  N N 334 
PRO O    O  N N 335 
PRO CB   C  N N 336 
PRO CG   C  N N 337 
PRO CD   C  N N 338 
PRO OXT  O  N N 339 
PRO H    H  N N 340 
PRO HA   H  N N 341 
PRO HB2  H  N N 342 
PRO HB3  H  N N 343 
PRO HG2  H  N N 344 
PRO HG3  H  N N 345 
PRO HD2  H  N N 346 
PRO HD3  H  N N 347 
PRO HXT  H  N N 348 
SER N    N  N N 349 
SER CA   C  N S 350 
SER C    C  N N 351 
SER O    O  N N 352 
SER CB   C  N N 353 
SER OG   O  N N 354 
SER OXT  O  N N 355 
SER H    H  N N 356 
SER H2   H  N N 357 
SER HA   H  N N 358 
SER HB2  H  N N 359 
SER HB3  H  N N 360 
SER HG   H  N N 361 
SER HXT  H  N N 362 
THR N    N  N N 363 
THR CA   C  N S 364 
THR C    C  N N 365 
THR O    O  N N 366 
THR CB   C  N R 367 
THR OG1  O  N N 368 
THR CG2  C  N N 369 
THR OXT  O  N N 370 
THR H    H  N N 371 
THR H2   H  N N 372 
THR HA   H  N N 373 
THR HB   H  N N 374 
THR HG1  H  N N 375 
THR HG21 H  N N 376 
THR HG22 H  N N 377 
THR HG23 H  N N 378 
THR HXT  H  N N 379 
TRP N    N  N N 380 
TRP CA   C  N S 381 
TRP C    C  N N 382 
TRP O    O  N N 383 
TRP CB   C  N N 384 
TRP CG   C  Y N 385 
TRP CD1  C  Y N 386 
TRP CD2  C  Y N 387 
TRP NE1  N  Y N 388 
TRP CE2  C  Y N 389 
TRP CE3  C  Y N 390 
TRP CZ2  C  Y N 391 
TRP CZ3  C  Y N 392 
TRP CH2  C  Y N 393 
TRP OXT  O  N N 394 
TRP H    H  N N 395 
TRP H2   H  N N 396 
TRP HA   H  N N 397 
TRP HB2  H  N N 398 
TRP HB3  H  N N 399 
TRP HD1  H  N N 400 
TRP HE1  H  N N 401 
TRP HE3  H  N N 402 
TRP HZ2  H  N N 403 
TRP HZ3  H  N N 404 
TRP HH2  H  N N 405 
TRP HXT  H  N N 406 
TYR N    N  N N 407 
TYR CA   C  N S 408 
TYR C    C  N N 409 
TYR O    O  N N 410 
TYR CB   C  N N 411 
TYR CG   C  Y N 412 
TYR CD1  C  Y N 413 
TYR CD2  C  Y N 414 
TYR CE1  C  Y N 415 
TYR CE2  C  Y N 416 
TYR CZ   C  Y N 417 
TYR OH   O  N N 418 
TYR OXT  O  N N 419 
TYR H    H  N N 420 
TYR H2   H  N N 421 
TYR HA   H  N N 422 
TYR HB2  H  N N 423 
TYR HB3  H  N N 424 
TYR HD1  H  N N 425 
TYR HD2  H  N N 426 
TYR HE1  H  N N 427 
TYR HE2  H  N N 428 
TYR HH   H  N N 429 
TYR HXT  H  N N 430 
VAL N    N  N N 431 
VAL CA   C  N S 432 
VAL C    C  N N 433 
VAL O    O  N N 434 
VAL CB   C  N N 435 
VAL CG1  C  N N 436 
VAL CG2  C  N N 437 
VAL OXT  O  N N 438 
VAL H    H  N N 439 
VAL H2   H  N N 440 
VAL HA   H  N N 441 
VAL HB   H  N N 442 
VAL HG11 H  N N 443 
VAL HG12 H  N N 444 
VAL HG13 H  N N 445 
VAL HG21 H  N N 446 
VAL HG22 H  N N 447 
VAL HG23 H  N N 448 
VAL HXT  H  N N 449 
# 
loop_
_chem_comp_bond.comp_id 
_chem_comp_bond.atom_id_1 
_chem_comp_bond.atom_id_2 
_chem_comp_bond.value_order 
_chem_comp_bond.pdbx_aromatic_flag 
_chem_comp_bond.pdbx_stereo_config 
_chem_comp_bond.pdbx_ordinal 
ALA N   CA   sing N N 1   
ALA N   H    sing N N 2   
ALA N   H2   sing N N 3   
ALA CA  C    sing N N 4   
ALA CA  CB   sing N N 5   
ALA CA  HA   sing N N 6   
ALA C   O    doub N N 7   
ALA C   OXT  sing N N 8   
ALA CB  HB1  sing N N 9   
ALA CB  HB2  sing N N 10  
ALA CB  HB3  sing N N 11  
ALA OXT HXT  sing N N 12  
ARG N   CA   sing N N 13  
ARG N   H    sing N N 14  
ARG N   H2   sing N N 15  
ARG CA  C    sing N N 16  
ARG CA  CB   sing N N 17  
ARG CA  HA   sing N N 18  
ARG C   O    doub N N 19  
ARG C   OXT  sing N N 20  
ARG CB  CG   sing N N 21  
ARG CB  HB2  sing N N 22  
ARG CB  HB3  sing N N 23  
ARG CG  CD   sing N N 24  
ARG CG  HG2  sing N N 25  
ARG CG  HG3  sing N N 26  
ARG CD  NE   sing N N 27  
ARG CD  HD2  sing N N 28  
ARG CD  HD3  sing N N 29  
ARG NE  CZ   sing N N 30  
ARG NE  HE   sing N N 31  
ARG CZ  NH1  sing N N 32  
ARG CZ  NH2  doub N N 33  
ARG NH1 HH11 sing N N 34  
ARG NH1 HH12 sing N N 35  
ARG NH2 HH21 sing N N 36  
ARG NH2 HH22 sing N N 37  
ARG OXT HXT  sing N N 38  
ASN N   CA   sing N N 39  
ASN N   H    sing N N 40  
ASN N   H2   sing N N 41  
ASN CA  C    sing N N 42  
ASN CA  CB   sing N N 43  
ASN CA  HA   sing N N 44  
ASN C   O    doub N N 45  
ASN C   OXT  sing N N 46  
ASN CB  CG   sing N N 47  
ASN CB  HB2  sing N N 48  
ASN CB  HB3  sing N N 49  
ASN CG  OD1  doub N N 50  
ASN CG  ND2  sing N N 51  
ASN ND2 HD21 sing N N 52  
ASN ND2 HD22 sing N N 53  
ASN OXT HXT  sing N N 54  
ASP N   CA   sing N N 55  
ASP N   H    sing N N 56  
ASP N   H2   sing N N 57  
ASP CA  C    sing N N 58  
ASP CA  CB   sing N N 59  
ASP CA  HA   sing N N 60  
ASP C   O    doub N N 61  
ASP C   OXT  sing N N 62  
ASP CB  CG   sing N N 63  
ASP CB  HB2  sing N N 64  
ASP CB  HB3  sing N N 65  
ASP CG  OD1  doub N N 66  
ASP CG  OD2  sing N N 67  
ASP OD2 HD2  sing N N 68  
ASP OXT HXT  sing N N 69  
CYS N   CA   sing N N 70  
CYS N   H    sing N N 71  
CYS N   H2   sing N N 72  
CYS CA  C    sing N N 73  
CYS CA  CB   sing N N 74  
CYS CA  HA   sing N N 75  
CYS C   O    doub N N 76  
CYS C   OXT  sing N N 77  
CYS CB  SG   sing N N 78  
CYS CB  HB2  sing N N 79  
CYS CB  HB3  sing N N 80  
CYS SG  HG   sing N N 81  
CYS OXT HXT  sing N N 82  
GLN N   CA   sing N N 83  
GLN N   H    sing N N 84  
GLN N   H2   sing N N 85  
GLN CA  C    sing N N 86  
GLN CA  CB   sing N N 87  
GLN CA  HA   sing N N 88  
GLN C   O    doub N N 89  
GLN C   OXT  sing N N 90  
GLN CB  CG   sing N N 91  
GLN CB  HB2  sing N N 92  
GLN CB  HB3  sing N N 93  
GLN CG  CD   sing N N 94  
GLN CG  HG2  sing N N 95  
GLN CG  HG3  sing N N 96  
GLN CD  OE1  doub N N 97  
GLN CD  NE2  sing N N 98  
GLN NE2 HE21 sing N N 99  
GLN NE2 HE22 sing N N 100 
GLN OXT HXT  sing N N 101 
GLU N   CA   sing N N 102 
GLU N   H    sing N N 103 
GLU N   H2   sing N N 104 
GLU CA  C    sing N N 105 
GLU CA  CB   sing N N 106 
GLU CA  HA   sing N N 107 
GLU C   O    doub N N 108 
GLU C   OXT  sing N N 109 
GLU CB  CG   sing N N 110 
GLU CB  HB2  sing N N 111 
GLU CB  HB3  sing N N 112 
GLU CG  CD   sing N N 113 
GLU CG  HG2  sing N N 114 
GLU CG  HG3  sing N N 115 
GLU CD  OE1  doub N N 116 
GLU CD  OE2  sing N N 117 
GLU OE2 HE2  sing N N 118 
GLU OXT HXT  sing N N 119 
GLY N   CA   sing N N 120 
GLY N   H    sing N N 121 
GLY N   H2   sing N N 122 
GLY CA  C    sing N N 123 
GLY CA  HA2  sing N N 124 
GLY CA  HA3  sing N N 125 
GLY C   O    doub N N 126 
GLY C   OXT  sing N N 127 
GLY OXT HXT  sing N N 128 
HIS N   CA   sing N N 129 
HIS N   H    sing N N 130 
HIS N   H2   sing N N 131 
HIS CA  C    sing N N 132 
HIS CA  CB   sing N N 133 
HIS CA  HA   sing N N 134 
HIS C   O    doub N N 135 
HIS C   OXT  sing N N 136 
HIS CB  CG   sing N N 137 
HIS CB  HB2  sing N N 138 
HIS CB  HB3  sing N N 139 
HIS CG  ND1  sing Y N 140 
HIS CG  CD2  doub Y N 141 
HIS ND1 CE1  doub Y N 142 
HIS ND1 HD1  sing N N 143 
HIS CD2 NE2  sing Y N 144 
HIS CD2 HD2  sing N N 145 
HIS CE1 NE2  sing Y N 146 
HIS CE1 HE1  sing N N 147 
HIS NE2 HE2  sing N N 148 
HIS OXT HXT  sing N N 149 
HOH O   H1   sing N N 150 
HOH O   H2   sing N N 151 
ILE N   CA   sing N N 152 
ILE N   H    sing N N 153 
ILE N   H2   sing N N 154 
ILE CA  C    sing N N 155 
ILE CA  CB   sing N N 156 
ILE CA  HA   sing N N 157 
ILE C   O    doub N N 158 
ILE C   OXT  sing N N 159 
ILE CB  CG1  sing N N 160 
ILE CB  CG2  sing N N 161 
ILE CB  HB   sing N N 162 
ILE CG1 CD1  sing N N 163 
ILE CG1 HG12 sing N N 164 
ILE CG1 HG13 sing N N 165 
ILE CG2 HG21 sing N N 166 
ILE CG2 HG22 sing N N 167 
ILE CG2 HG23 sing N N 168 
ILE CD1 HD11 sing N N 169 
ILE CD1 HD12 sing N N 170 
ILE CD1 HD13 sing N N 171 
ILE OXT HXT  sing N N 172 
LEU N   CA   sing N N 173 
LEU N   H    sing N N 174 
LEU N   H2   sing N N 175 
LEU CA  C    sing N N 176 
LEU CA  CB   sing N N 177 
LEU CA  HA   sing N N 178 
LEU C   O    doub N N 179 
LEU C   OXT  sing N N 180 
LEU CB  CG   sing N N 181 
LEU CB  HB2  sing N N 182 
LEU CB  HB3  sing N N 183 
LEU CG  CD1  sing N N 184 
LEU CG  CD2  sing N N 185 
LEU CG  HG   sing N N 186 
LEU CD1 HD11 sing N N 187 
LEU CD1 HD12 sing N N 188 
LEU CD1 HD13 sing N N 189 
LEU CD2 HD21 sing N N 190 
LEU CD2 HD22 sing N N 191 
LEU CD2 HD23 sing N N 192 
LEU OXT HXT  sing N N 193 
LYS N   CA   sing N N 194 
LYS N   H    sing N N 195 
LYS N   H2   sing N N 196 
LYS CA  C    sing N N 197 
LYS CA  CB   sing N N 198 
LYS CA  HA   sing N N 199 
LYS C   O    doub N N 200 
LYS C   OXT  sing N N 201 
LYS CB  CG   sing N N 202 
LYS CB  HB2  sing N N 203 
LYS CB  HB3  sing N N 204 
LYS CG  CD   sing N N 205 
LYS CG  HG2  sing N N 206 
LYS CG  HG3  sing N N 207 
LYS CD  CE   sing N N 208 
LYS CD  HD2  sing N N 209 
LYS CD  HD3  sing N N 210 
LYS CE  NZ   sing N N 211 
LYS CE  HE2  sing N N 212 
LYS CE  HE3  sing N N 213 
LYS NZ  HZ1  sing N N 214 
LYS NZ  HZ2  sing N N 215 
LYS NZ  HZ3  sing N N 216 
LYS OXT HXT  sing N N 217 
MET N   CA   sing N N 218 
MET N   H    sing N N 219 
MET N   H2   sing N N 220 
MET CA  C    sing N N 221 
MET CA  CB   sing N N 222 
MET CA  HA   sing N N 223 
MET C   O    doub N N 224 
MET C   OXT  sing N N 225 
MET CB  CG   sing N N 226 
MET CB  HB2  sing N N 227 
MET CB  HB3  sing N N 228 
MET CG  SD   sing N N 229 
MET CG  HG2  sing N N 230 
MET CG  HG3  sing N N 231 
MET SD  CE   sing N N 232 
MET CE  HE1  sing N N 233 
MET CE  HE2  sing N N 234 
MET CE  HE3  sing N N 235 
MET OXT HXT  sing N N 236 
PE4 O1  C1   sing N N 237 
PE4 O1  HO1  sing N N 238 
PE4 C1  C2   sing N N 239 
PE4 C1  H11  sing N N 240 
PE4 C1  H12  sing N N 241 
PE4 C2  O2   sing N N 242 
PE4 C2  H21  sing N N 243 
PE4 C2  H22  sing N N 244 
PE4 O2  C3   sing N N 245 
PE4 C3  C4   sing N N 246 
PE4 C3  H31  sing N N 247 
PE4 C3  H32  sing N N 248 
PE4 C4  O3   sing N N 249 
PE4 C4  H41  sing N N 250 
PE4 C4  H42  sing N N 251 
PE4 O3  C5   sing N N 252 
PE4 C5  C6   sing N N 253 
PE4 C5  H51  sing N N 254 
PE4 C5  H52  sing N N 255 
PE4 C6  O4   sing N N 256 
PE4 C6  H61  sing N N 257 
PE4 C6  H62  sing N N 258 
PE4 O4  C7   sing N N 259 
PE4 C7  C8   sing N N 260 
PE4 C7  H71  sing N N 261 
PE4 C7  H72  sing N N 262 
PE4 C8  O5   sing N N 263 
PE4 C8  H81  sing N N 264 
PE4 C8  H82  sing N N 265 
PE4 O5  C9   sing N N 266 
PE4 C9  C10  sing N N 267 
PE4 C9  H91  sing N N 268 
PE4 C9  H92  sing N N 269 
PE4 C10 O6   sing N N 270 
PE4 C10 H101 sing N N 271 
PE4 C10 H102 sing N N 272 
PE4 O6  C11  sing N N 273 
PE4 C11 C12  sing N N 274 
PE4 C11 H111 sing N N 275 
PE4 C11 H112 sing N N 276 
PE4 C12 O7   sing N N 277 
PE4 C12 H121 sing N N 278 
PE4 C12 H122 sing N N 279 
PE4 O7  C13  sing N N 280 
PE4 C13 C14  sing N N 281 
PE4 C13 H131 sing N N 282 
PE4 C13 H132 sing N N 283 
PE4 C14 O8   sing N N 284 
PE4 C14 H141 sing N N 285 
PE4 C14 H142 sing N N 286 
PE4 O8  C15  sing N N 287 
PE4 C15 C16  sing N N 288 
PE4 C15 H151 sing N N 289 
PE4 C15 H152 sing N N 290 
PE4 C16 H161 sing N N 291 
PE4 C16 H162 sing N N 292 
PE4 C16 H163 sing N N 293 
PHE N   CA   sing N N 294 
PHE N   H    sing N N 295 
PHE N   H2   sing N N 296 
PHE CA  C    sing N N 297 
PHE CA  CB   sing N N 298 
PHE CA  HA   sing N N 299 
PHE C   O    doub N N 300 
PHE C   OXT  sing N N 301 
PHE CB  CG   sing N N 302 
PHE CB  HB2  sing N N 303 
PHE CB  HB3  sing N N 304 
PHE CG  CD1  doub Y N 305 
PHE CG  CD2  sing Y N 306 
PHE CD1 CE1  sing Y N 307 
PHE CD1 HD1  sing N N 308 
PHE CD2 CE2  doub Y N 309 
PHE CD2 HD2  sing N N 310 
PHE CE1 CZ   doub Y N 311 
PHE CE1 HE1  sing N N 312 
PHE CE2 CZ   sing Y N 313 
PHE CE2 HE2  sing N N 314 
PHE CZ  HZ   sing N N 315 
PHE OXT HXT  sing N N 316 
PRO N   CA   sing N N 317 
PRO N   CD   sing N N 318 
PRO N   H    sing N N 319 
PRO CA  C    sing N N 320 
PRO CA  CB   sing N N 321 
PRO CA  HA   sing N N 322 
PRO C   O    doub N N 323 
PRO C   OXT  sing N N 324 
PRO CB  CG   sing N N 325 
PRO CB  HB2  sing N N 326 
PRO CB  HB3  sing N N 327 
PRO CG  CD   sing N N 328 
PRO CG  HG2  sing N N 329 
PRO CG  HG3  sing N N 330 
PRO CD  HD2  sing N N 331 
PRO CD  HD3  sing N N 332 
PRO OXT HXT  sing N N 333 
SER N   CA   sing N N 334 
SER N   H    sing N N 335 
SER N   H2   sing N N 336 
SER CA  C    sing N N 337 
SER CA  CB   sing N N 338 
SER CA  HA   sing N N 339 
SER C   O    doub N N 340 
SER C   OXT  sing N N 341 
SER CB  OG   sing N N 342 
SER CB  HB2  sing N N 343 
SER CB  HB3  sing N N 344 
SER OG  HG   sing N N 345 
SER OXT HXT  sing N N 346 
THR N   CA   sing N N 347 
THR N   H    sing N N 348 
THR N   H2   sing N N 349 
THR CA  C    sing N N 350 
THR CA  CB   sing N N 351 
THR CA  HA   sing N N 352 
THR C   O    doub N N 353 
THR C   OXT  sing N N 354 
THR CB  OG1  sing N N 355 
THR CB  CG2  sing N N 356 
THR CB  HB   sing N N 357 
THR OG1 HG1  sing N N 358 
THR CG2 HG21 sing N N 359 
THR CG2 HG22 sing N N 360 
THR CG2 HG23 sing N N 361 
THR OXT HXT  sing N N 362 
TRP N   CA   sing N N 363 
TRP N   H    sing N N 364 
TRP N   H2   sing N N 365 
TRP CA  C    sing N N 366 
TRP CA  CB   sing N N 367 
TRP CA  HA   sing N N 368 
TRP C   O    doub N N 369 
TRP C   OXT  sing N N 370 
TRP CB  CG   sing N N 371 
TRP CB  HB2  sing N N 372 
TRP CB  HB3  sing N N 373 
TRP CG  CD1  doub Y N 374 
TRP CG  CD2  sing Y N 375 
TRP CD1 NE1  sing Y N 376 
TRP CD1 HD1  sing N N 377 
TRP CD2 CE2  doub Y N 378 
TRP CD2 CE3  sing Y N 379 
TRP NE1 CE2  sing Y N 380 
TRP NE1 HE1  sing N N 381 
TRP CE2 CZ2  sing Y N 382 
TRP CE3 CZ3  doub Y N 383 
TRP CE3 HE3  sing N N 384 
TRP CZ2 CH2  doub Y N 385 
TRP CZ2 HZ2  sing N N 386 
TRP CZ3 CH2  sing Y N 387 
TRP CZ3 HZ3  sing N N 388 
TRP CH2 HH2  sing N N 389 
TRP OXT HXT  sing N N 390 
TYR N   CA   sing N N 391 
TYR N   H    sing N N 392 
TYR N   H2   sing N N 393 
TYR CA  C    sing N N 394 
TYR CA  CB   sing N N 395 
TYR CA  HA   sing N N 396 
TYR C   O    doub N N 397 
TYR C   OXT  sing N N 398 
TYR CB  CG   sing N N 399 
TYR CB  HB2  sing N N 400 
TYR CB  HB3  sing N N 401 
TYR CG  CD1  doub Y N 402 
TYR CG  CD2  sing Y N 403 
TYR CD1 CE1  sing Y N 404 
TYR CD1 HD1  sing N N 405 
TYR CD2 CE2  doub Y N 406 
TYR CD2 HD2  sing N N 407 
TYR CE1 CZ   doub Y N 408 
TYR CE1 HE1  sing N N 409 
TYR CE2 CZ   sing Y N 410 
TYR CE2 HE2  sing N N 411 
TYR CZ  OH   sing N N 412 
TYR OH  HH   sing N N 413 
TYR OXT HXT  sing N N 414 
VAL N   CA   sing N N 415 
VAL N   H    sing N N 416 
VAL N   H2   sing N N 417 
VAL CA  C    sing N N 418 
VAL CA  CB   sing N N 419 
VAL CA  HA   sing N N 420 
VAL C   O    doub N N 421 
VAL C   OXT  sing N N 422 
VAL CB  CG1  sing N N 423 
VAL CB  CG2  sing N N 424 
VAL CB  HB   sing N N 425 
VAL CG1 HG11 sing N N 426 
VAL CG1 HG12 sing N N 427 
VAL CG1 HG13 sing N N 428 
VAL CG2 HG21 sing N N 429 
VAL CG2 HG22 sing N N 430 
VAL CG2 HG23 sing N N 431 
VAL OXT HXT  sing N N 432 
# 
_atom_sites.entry_id                    2X6U 
_atom_sites.fract_transf_matrix[1][1]   -0.02330235 
_atom_sites.fract_transf_matrix[1][2]   -0.01174090 
_atom_sites.fract_transf_matrix[1][3]   0.00782458 
_atom_sites.fract_transf_matrix[2][1]   0.00623198 
_atom_sites.fract_transf_matrix[2][2]   -0.00426284 
_atom_sites.fract_transf_matrix[2][3]   0.01216299 
_atom_sites.fract_transf_matrix[3][1]   -0.00348627 
_atom_sites.fract_transf_matrix[3][2]   0.01058113 
_atom_sites.fract_transf_matrix[3][3]   0.00549470 
_atom_sites.fract_transf_vector[1]      -0.162751 
_atom_sites.fract_transf_vector[2]      -0.248426 
_atom_sites.fract_transf_vector[3]      0.238139 
# 
loop_
_atom_type.symbol 
C  
MG 
N  
O  
S  
# 
loop_
_atom_site.group_PDB 
_atom_site.id 
_atom_site.type_symbol 
_atom_site.label_atom_id 
_atom_site.label_alt_id 
_atom_site.label_comp_id 
_atom_site.label_asym_id 
_atom_site.label_entity_id 
_atom_site.label_seq_id 
_atom_site.pdbx_PDB_ins_code 
_atom_site.Cartn_x 
_atom_site.Cartn_y 
_atom_site.Cartn_z 
_atom_site.occupancy 
_atom_site.B_iso_or_equiv 
_atom_site.pdbx_formal_charge 
_atom_site.auth_seq_id 
_atom_site.auth_comp_id 
_atom_site.auth_asym_id 
_atom_site.auth_atom_id 
_atom_site.pdbx_PDB_model_num 
ATOM   1    N  N   . GLU A 1 4   ? 6.509   19.375  -6.971  1.00   48.18 ? 52   GLU A N   1 
ATOM   2    C  CA  . GLU A 1 4   ? 7.688   19.993  -6.368  1.00   52.06 ? 52   GLU A CA  1 
ATOM   3    C  C   . GLU A 1 4   ? 7.456   20.416  -4.921  1.00   49.99 ? 52   GLU A C   1 
ATOM   4    O  O   . GLU A 1 4   ? 6.441   21.033  -4.597  1.00   52.68 ? 52   GLU A O   1 
ATOM   5    C  CB  . GLU A 1 4   ? 8.140   21.207  -7.183  1.00   56.86 ? 52   GLU A CB  1 
ATOM   6    C  CG  . GLU A 1 4   ? 9.329   20.949  -8.088  0.0000 50.99 ? 52   GLU A CG  1 
ATOM   7    C  CD  . GLU A 1 4   ? 10.083  22.221  -8.423  0.0000 49.82 ? 52   GLU A CD  1 
ATOM   8    O  OE1 . GLU A 1 4   ? 9.427   23.250  -8.687  0.0000 49.78 ? 52   GLU A OE1 1 
ATOM   9    O  OE2 . GLU A 1 4   ? 11.332  22.193  -8.418  0.0000 49.12 ? 52   GLU A OE2 1 
ATOM   10   N  N   . GLY A 1 5   ? 8.407   20.087  -4.055  1.00   49.91 ? 53   GLY A N   1 
ATOM   11   C  CA  . GLY A 1 5   ? 8.358   20.533  -2.675  1.00   54.29 ? 53   GLY A CA  1 
ATOM   12   C  C   . GLY A 1 5   ? 7.381   19.761  -1.809  1.00   44.92 ? 53   GLY A C   1 
ATOM   13   O  O   . GLY A 1 5   ? 7.302   19.991  -0.603  1.00   41.82 ? 53   GLY A O   1 
ATOM   14   N  N   . ILE A 1 6   ? 6.626   18.855  -2.421  1.00   40.09 ? 54   ILE A N   1 
ATOM   15   C  CA  . ILE A 1 6   ? 5.737   17.982  -1.665  1.00   44.54 ? 54   ILE A CA  1 
ATOM   16   C  C   . ILE A 1 6   ? 6.536   16.833  -1.066  1.00   40.68 ? 54   ILE A C   1 
ATOM   17   O  O   . ILE A 1 6   ? 7.266   16.138  -1.774  1.00   42.06 ? 54   ILE A O   1 
ATOM   18   C  CB  . ILE A 1 6   ? 4.611   17.406  -2.545  1.00   40.98 ? 54   ILE A CB  1 
ATOM   19   C  CG1 . ILE A 1 6   ? 3.670   18.521  -3.003  1.00   42.73 ? 54   ILE A CG1 1 
ATOM   20   C  CG2 . ILE A 1 6   ? 3.837   16.335  -1.785  1.00   38.17 ? 54   ILE A CG2 1 
ATOM   21   C  CD1 . ILE A 1 6   ? 2.502   18.030  -3.824  1.00   44.40 ? 54   ILE A CD1 1 
ATOM   22   N  N   . LYS A 1 7   ? 6.399   16.640  0.242   1.00   41.58 ? 55   LYS A N   1 
ATOM   23   C  CA  . LYS A 1 7   ? 7.117   15.581  0.934   1.00   33.80 ? 55   LYS A CA  1 
ATOM   24   C  C   . LYS A 1 7   ? 6.160   14.606  1.605   1.00   34.61 ? 55   LYS A C   1 
ATOM   25   O  O   . LYS A 1 7   ? 5.047   14.970  1.990   1.00   34.17 ? 55   LYS A O   1 
ATOM   26   C  CB  . LYS A 1 7   ? 8.083   16.169  1.965   1.00   43.74 ? 55   LYS A CB  1 
ATOM   27   C  CG  . LYS A 1 7   ? 9.194   17.014  1.361   1.00   41.69 ? 55   LYS A CG  1 
ATOM   28   C  CD  . LYS A 1 7   ? 10.181  17.467  2.425   1.00   55.41 ? 55   LYS A CD  1 
ATOM   29   C  CE  . LYS A 1 7   ? 11.331  18.252  1.814   1.00   62.94 ? 55   LYS A CE  1 
ATOM   30   N  NZ  . LYS A 1 7   ? 10.855  19.474  1.109   1.00   69.93 ? 55   LYS A NZ  1 
ATOM   31   N  N   . VAL A 1 8   ? 6.601   13.360  1.740   1.00   32.30 ? 56   VAL A N   1 
ATOM   32   C  CA  . VAL A 1 8   ? 5.787   12.328  2.367   1.00   32.78 ? 56   VAL A CA  1 
ATOM   33   C  C   . VAL A 1 8   ? 6.626   11.534  3.358   1.00   31.32 ? 56   VAL A C   1 
ATOM   34   O  O   . VAL A 1 8   ? 7.753   11.141  3.055   1.00   30.45 ? 56   VAL A O   1 
ATOM   35   C  CB  . VAL A 1 8   ? 5.180   11.371  1.325   1.00   26.03 ? 56   VAL A CB  1 
ATOM   36   C  CG1 . VAL A 1 8   ? 4.332   10.314  2.017   1.00   25.93 ? 56   VAL A CG1 1 
ATOM   37   C  CG2 . VAL A 1 8   ? 4.346   12.146  0.316   1.00   26.43 ? 56   VAL A CG2 1 
ATOM   38   N  N   . PHE A 1 9   ? 6.072   11.303  4.543   1.00   23.88 ? 57   PHE A N   1 
ATOM   39   C  CA  . PHE A 1 9   ? 6.790   10.591  5.589   1.00   31.91 ? 57   PHE A CA  1 
ATOM   40   C  C   . PHE A 1 9   ? 5.988   9.402   6.095   1.00   28.60 ? 57   PHE A C   1 
ATOM   41   O  O   . PHE A 1 9   ? 4.812   9.532   6.424   1.00   33.01 ? 57   PHE A O   1 
ATOM   42   C  CB  . PHE A 1 9   ? 7.123   11.541  6.740   1.00   32.97 ? 57   PHE A CB  1 
ATOM   43   C  CG  . PHE A 1 9   ? 7.853   12.780  6.305   1.00   42.75 ? 57   PHE A CG  1 
ATOM   44   C  CD1 . PHE A 1 9   ? 7.153   13.907  5.902   1.00   42.70 ? 57   PHE A CD1 1 
ATOM   45   C  CD2 . PHE A 1 9   ? 9.238   12.815  6.288   1.00   46.06 ? 57   PHE A CD2 1 
ATOM   46   C  CE1 . PHE A 1 9   ? 7.821   15.047  5.494   1.00   39.40 ? 57   PHE A CE1 1 
ATOM   47   C  CE2 . PHE A 1 9   ? 9.912   13.953  5.884   1.00   46.84 ? 57   PHE A CE2 1 
ATOM   48   C  CZ  . PHE A 1 9   ? 9.200   15.071  5.487   1.00   38.77 ? 57   PHE A CZ  1 
ATOM   49   N  N   . LEU A 1 10  ? 6.638   8.245   6.157   1.00   25.31 ? 58   LEU A N   1 
ATOM   50   C  CA  . LEU A 1 10  ? 5.977   7.016   6.567   1.00   25.95 ? 58   LEU A CA  1 
ATOM   51   C  C   . LEU A 1 10  ? 5.811   6.948   8.082   1.00   29.43 ? 58   LEU A C   1 
ATOM   52   O  O   . LEU A 1 10  ? 6.783   7.070   8.829   1.00   35.87 ? 58   LEU A O   1 
ATOM   53   C  CB  . LEU A 1 10  ? 6.765   5.801   6.071   1.00   29.37 ? 58   LEU A CB  1 
ATOM   54   C  CG  . LEU A 1 10  ? 6.164   4.430   6.382   1.00   31.02 ? 58   LEU A CG  1 
ATOM   55   C  CD1 . LEU A 1 10  ? 4.839   4.248   5.649   1.00   26.99 ? 58   LEU A CD1 1 
ATOM   56   C  CD2 . LEU A 1 10  ? 7.142   3.316   6.017   1.00   23.54 ? 58   LEU A CD2 1 
ATOM   57   N  N   . HIS A 1 11  ? 4.575   6.755   8.526   1.00   29.25 ? 59   HIS A N   1 
ATOM   58   C  CA  . HIS A 1 11  ? 4.273   6.620   9.946   1.00   31.63 ? 59   HIS A CA  1 
ATOM   59   C  C   . HIS A 1 11  ? 4.737   5.259   10.447  1.00   33.48 ? 59   HIS A C   1 
ATOM   60   O  O   . HIS A 1 11  ? 4.617   4.261   9.736   1.00   31.22 ? 59   HIS A O   1 
ATOM   61   C  CB  . HIS A 1 11  ? 2.770   6.780   10.178  1.00   30.14 ? 59   HIS A CB  1 
ATOM   62   C  CG  . HIS A 1 11  ? 2.384   6.872   11.621  1.00   38.72 ? 59   HIS A CG  1 
ATOM   63   N  ND1 . HIS A 1 11  ? 2.920   7.811   12.476  1.00   40.99 ? 59   HIS A ND1 1 
ATOM   64   C  CD2 . HIS A 1 11  ? 1.501   6.155   12.356  1.00   37.87 ? 59   HIS A CD2 1 
ATOM   65   C  CE1 . HIS A 1 11  ? 2.389   7.662   13.678  1.00   40.40 ? 59   HIS A CE1 1 
ATOM   66   N  NE2 . HIS A 1 11  ? 1.524   6.666   13.630  1.00   39.61 ? 59   HIS A NE2 1 
ATOM   67   N  N   . GLU A 1 12  ? 5.275   5.225   11.664  1.00   34.27 ? 60   GLU A N   1 
ATOM   68   C  CA  . GLU A 1 12  ? 5.739   3.976   12.269  1.00   31.54 ? 60   GLU A CA  1 
ATOM   69   C  C   . GLU A 1 12  ? 6.800   3.283   11.414  1.00   30.72 ? 60   GLU A C   1 
ATOM   70   O  O   . GLU A 1 12  ? 6.836   2.053   11.325  1.00   31.92 ? 60   GLU A O   1 
ATOM   71   C  CB  . GLU A 1 12  ? 4.567   3.022   12.508  1.00   32.67 ? 60   GLU A CB  1 
ATOM   72   C  CG  . GLU A 1 12  ? 3.572   3.493   13.553  1.00   41.22 ? 60   GLU A CG  1 
ATOM   73   C  CD  . GLU A 1 12  ? 2.463   2.488   13.792  1.00   48.85 ? 60   GLU A CD  1 
ATOM   74   O  OE1 . GLU A 1 12  ? 2.010   1.855   12.814  1.00   55.77 ? 60   GLU A OE1 1 
ATOM   75   O  OE2 . GLU A 1 12  ? 2.043   2.326   14.958  1.00   53.93 ? 60   GLU A OE2 1 
ATOM   76   N  N   . ARG A 1 13  ? 7.663   4.079   10.790  1.00   28.11 ? 61   ARG A N   1 
ATOM   77   C  CA  . ARG A 1 13  ? 8.714   3.550   9.923   1.00   27.90 ? 61   ARG A CA  1 
ATOM   78   C  C   . ARG A 1 13  ? 9.563   2.484   10.622  1.00   36.92 ? 61   ARG A C   1 
ATOM   79   O  O   . ARG A 1 13  ? 9.993   1.514   9.997   1.00   29.61 ? 61   ARG A O   1 
ATOM   80   C  CB  . ARG A 1 13  ? 9.591   4.693   9.407   1.00   30.27 ? 61   ARG A CB  1 
ATOM   81   C  CG  . ARG A 1 13  ? 10.858  4.262   8.695   1.00   37.39 ? 61   ARG A CG  1 
ATOM   82   C  CD  . ARG A 1 13  ? 11.469  5.431   7.941   1.00   40.37 ? 61   ARG A CD  1 
ATOM   83   N  NE  . ARG A 1 13  ? 12.929  5.393   7.943   1.00   58.20 ? 61   ARG A NE  1 
ATOM   84   C  CZ  . ARG A 1 13  ? 13.670  4.855   6.981   1.00   46.59 ? 61   ARG A CZ  1 
ATOM   85   N  NH1 . ARG A 1 13  ? 13.091  4.300   5.927   1.00   52.97 ? 61   ARG A NH1 1 
ATOM   86   N  NH2 . ARG A 1 13  ? 14.992  4.871   7.073   1.00   55.24 ? 61   ARG A NH2 1 
ATOM   87   N  N   . GLU A 1 14  ? 9.793   2.662   11.920  1.00   32.11 ? 62   GLU A N   1 
ATOM   88   C  CA  . GLU A 1 14  ? 10.584  1.707   12.694  1.00   35.79 ? 62   GLU A CA  1 
ATOM   89   C  C   . GLU A 1 14  ? 9.942   0.319   12.753  1.00   32.12 ? 62   GLU A C   1 
ATOM   90   O  O   . GLU A 1 14  ? 10.631  -0.700  12.657  1.00   32.07 ? 62   GLU A O   1 
ATOM   91   C  CB  . GLU A 1 14  ? 10.826  2.243   14.108  1.00   42.63 ? 62   GLU A CB  1 
ATOM   92   C  CG  . GLU A 1 14  ? 11.702  3.484   14.150  0.0000 48.79 ? 62   GLU A CG  1 
ATOM   93   C  CD  . GLU A 1 14  ? 11.643  4.196   15.486  0.0000 59.59 ? 62   GLU A CD  1 
ATOM   94   O  OE1 . GLU A 1 14  ? 10.547  4.247   16.083  0.0000 61.42 ? 62   GLU A OE1 1 
ATOM   95   O  OE2 . GLU A 1 14  ? 12.689  4.708   15.937  0.0000 65.17 ? 62   GLU A OE2 1 
ATOM   96   N  N   . LEU A 1 15  ? 8.624   0.274   12.920  1.00   31.09 ? 63   LEU A N   1 
ATOM   97   C  CA  . LEU A 1 15  ? 7.916   -1.000  12.955  1.00   30.11 ? 63   LEU A CA  1 
ATOM   98   C  C   . LEU A 1 15  ? 7.967   -1.683  11.589  1.00   31.61 ? 63   LEU A C   1 
ATOM   99   O  O   . LEU A 1 15  ? 8.257   -2.877  11.491  1.00   33.69 ? 63   LEU A O   1 
ATOM   100  C  CB  . LEU A 1 15  ? 6.468   -0.811  13.405  1.00   27.42 ? 63   LEU A CB  1 
ATOM   101  C  CG  . LEU A 1 15  ? 5.674   -2.108  13.572  1.00   32.66 ? 63   LEU A CG  1 
ATOM   102  C  CD1 . LEU A 1 15  ? 6.388   -3.053  14.521  1.00   36.95 ? 63   LEU A CD1 1 
ATOM   103  C  CD2 . LEU A 1 15  ? 4.261   -1.830  14.053  1.00   37.98 ? 63   LEU A CD2 1 
ATOM   104  N  N   . TRP A 1 16  ? 7.680   -0.924  10.535  1.00   28.08 ? 64   TRP A N   1 
ATOM   105  C  CA  . TRP A 1 16  ? 7.809   -1.441  9.177   1.00   30.09 ? 64   TRP A CA  1 
ATOM   106  C  C   . TRP A 1 16  ? 9.187   -2.064  8.971   1.00   30.63 ? 64   TRP A C   1 
ATOM   107  O  O   . TRP A 1 16  ? 9.314   -3.157  8.417   1.00   22.84 ? 64   TRP A O   1 
ATOM   108  C  CB  . TRP A 1 16  ? 7.586   -0.330  8.150   1.00   26.46 ? 64   TRP A CB  1 
ATOM   109  C  CG  . TRP A 1 16  ? 6.145   -0.065  7.845   1.00   27.66 ? 64   TRP A CG  1 
ATOM   110  C  CD1 . TRP A 1 16  ? 5.394   0.988   8.277   1.00   28.43 ? 64   TRP A CD1 1 
ATOM   111  C  CD2 . TRP A 1 16  ? 5.279   -0.869  7.032   1.00   28.42 ? 64   TRP A CD2 1 
ATOM   112  N  NE1 . TRP A 1 16  ? 4.113   0.889   7.787   1.00   29.02 ? 64   TRP A NE1 1 
ATOM   113  C  CE2 . TRP A 1 16  ? 4.017   -0.241  7.018   1.00   27.08 ? 64   TRP A CE2 1 
ATOM   114  C  CE3 . TRP A 1 16  ? 5.447   -2.062  6.321   1.00   21.76 ? 64   TRP A CE3 1 
ATOM   115  C  CZ2 . TRP A 1 16  ? 2.930   -0.763  6.318   1.00   23.15 ? 64   TRP A CZ2 1 
ATOM   116  C  CZ3 . TRP A 1 16  ? 4.367   -2.576  5.618   1.00   19.28 ? 64   TRP A CZ3 1 
ATOM   117  C  CH2 . TRP A 1 16  ? 3.125   -1.929  5.625   1.00   26.14 ? 64   TRP A CH2 1 
ATOM   118  N  N   . LEU A 1 17  ? 10.218  -1.360  9.424   1.00   26.04 ? 65   LEU A N   1 
ATOM   119  C  CA  . LEU A 1 17  ? 11.586  -1.839  9.282   1.00   31.13 ? 65   LEU A CA  1 
ATOM   120  C  C   . LEU A 1 17  ? 11.805  -3.172  10.000  1.00   26.42 ? 65   LEU A C   1 
ATOM   121  O  O   . LEU A 1 17  ? 12.523  -4.032  9.502   1.00   31.64 ? 65   LEU A O   1 
ATOM   122  C  CB  . LEU A 1 17  ? 12.584  -0.788  9.777   1.00   33.13 ? 65   LEU A CB  1 
ATOM   123  C  CG  . LEU A 1 17  ? 12.763  0.445   8.886   1.00   30.37 ? 65   LEU A CG  1 
ATOM   124  C  CD1 . LEU A 1 17  ? 13.657  1.475   9.565   1.00   37.88 ? 65   LEU A CD1 1 
ATOM   125  C  CD2 . LEU A 1 17  ? 13.330  0.056   7.528   1.00   37.82 ? 65   LEU A CD2 1 
ATOM   126  N  N   . LYS A 1 18  ? 11.186  -3.340  11.164  1.00   33.89 ? 66   LYS A N   1 
ATOM   127  C  CA  . LYS A 1 18  ? 11.272  -4.602  11.895  1.00   32.59 ? 66   LYS A CA  1 
ATOM   128  C  C   . LYS A 1 18  ? 10.805  -5.744  11.002  1.00   35.17 ? 66   LYS A C   1 
ATOM   129  O  O   . LYS A 1 18  ? 11.512  -6.738  10.819  1.00   28.80 ? 66   LYS A O   1 
ATOM   130  C  CB  . LYS A 1 18  ? 10.416  -4.564  13.161  1.00   30.36 ? 66   LYS A CB  1 
ATOM   131  C  CG  . LYS A 1 18  ? 11.010  -3.780  14.326  1.00   41.06 ? 66   LYS A CG  1 
ATOM   132  C  CD  . LYS A 1 18  ? 10.123  -3.915  15.561  1.00   39.32 ? 66   LYS A CD  1 
ATOM   133  C  CE  . LYS A 1 18  ? 10.420  -2.846  16.602  1.00   50.65 ? 66   LYS A CE  1 
ATOM   134  N  NZ  . LYS A 1 18  ? 11.652  -3.135  17.387  1.00   56.69 ? 66   LYS A NZ  1 
ATOM   135  N  N   . PHE A 1 19  ? 9.607   -5.591  10.445  1.00   26.35 ? 67   PHE A N   1 
ATOM   136  C  CA  . PHE A 1 19  ? 9.046   -6.591  9.545   1.00   28.75 ? 67   PHE A CA  1 
ATOM   137  C  C   . PHE A 1 19  ? 9.909   -6.748  8.296   1.00   22.22 ? 67   PHE A C   1 
ATOM   138  O  O   . PHE A 1 19  ? 10.166  -7.866  7.841   1.00   25.98 ? 67   PHE A O   1 
ATOM   139  C  CB  . PHE A 1 19  ? 7.608   -6.221  9.158   1.00   27.92 ? 67   PHE A CB  1 
ATOM   140  C  CG  . PHE A 1 19  ? 6.607   -6.423  10.265  1.00   26.64 ? 67   PHE A CG  1 
ATOM   141  C  CD1 . PHE A 1 19  ? 5.975   -7.643  10.433  1.00   28.02 ? 67   PHE A CD1 1 
ATOM   142  C  CD2 . PHE A 1 19  ? 6.295   -5.388  11.134  1.00   29.37 ? 67   PHE A CD2 1 
ATOM   143  C  CE1 . PHE A 1 19  ? 5.053   -7.834  11.451  1.00   30.89 ? 67   PHE A CE1 1 
ATOM   144  C  CE2 . PHE A 1 19  ? 5.374   -5.570  12.156  1.00   29.20 ? 67   PHE A CE2 1 
ATOM   145  C  CZ  . PHE A 1 19  ? 4.753   -6.796  12.315  1.00   27.94 ? 67   PHE A CZ  1 
ATOM   146  N  N   . HIS A 1 20  ? 10.357  -5.622  7.748   1.00   20.99 ? 68   HIS A N   1 
ATOM   147  C  CA  . HIS A 1 20  ? 11.157  -5.621  6.527   1.00   26.73 ? 68   HIS A CA  1 
ATOM   148  C  C   . HIS A 1 20  ? 12.470  -6.391  6.677   1.00   31.00 ? 68   HIS A C   1 
ATOM   149  O  O   . HIS A 1 20  ? 12.872  -7.125  5.773   1.00   28.88 ? 68   HIS A O   1 
ATOM   150  C  CB  . HIS A 1 20  ? 11.435  -4.185  6.079   1.00   24.45 ? 68   HIS A CB  1 
ATOM   151  C  CG  . HIS A 1 20  ? 12.118  -4.088  4.753   1.00   27.40 ? 68   HIS A CG  1 
ATOM   152  N  ND1 . HIS A 1 20  ? 11.529  -4.510  3.581   1.00   32.36 ? 68   HIS A ND1 1 
ATOM   153  C  CD2 . HIS A 1 20  ? 13.337  -3.609  4.410   1.00   28.54 ? 68   HIS A CD2 1 
ATOM   154  C  CE1 . HIS A 1 20  ? 12.356  -4.300  2.573   1.00   31.46 ? 68   HIS A CE1 1 
ATOM   155  N  NE2 . HIS A 1 20  ? 13.461  -3.752  3.048   1.00   34.10 ? 68   HIS A NE2 1 
ATOM   156  N  N   . GLU A 1 21  ? 13.134  -6.216  7.817   1.00   29.45 ? 69   GLU A N   1 
ATOM   157  C  CA  . GLU A 1 21  ? 14.395  -6.907  8.092   1.00   32.51 ? 69   GLU A CA  1 
ATOM   158  C  C   . GLU A 1 21  ? 14.220  -8.417  8.024   1.00   32.21 ? 69   GLU A C   1 
ATOM   159  O  O   . GLU A 1 21  ? 15.099  -9.136  7.543   1.00   31.54 ? 69   GLU A O   1 
ATOM   160  C  CB  . GLU A 1 21  ? 14.928  -6.524  9.475   1.00   34.81 ? 69   GLU A CB  1 
ATOM   161  C  CG  . GLU A 1 21  ? 15.250  -5.053  9.645   0.0000 32.41 ? 69   GLU A CG  1 
ATOM   162  C  CD  . GLU A 1 21  ? 15.456  -4.672  11.098  0.0000 32.67 ? 69   GLU A CD  1 
ATOM   163  O  OE1 . GLU A 1 21  ? 15.493  -5.582  11.953  0.0000 32.78 ? 69   GLU A OE1 1 
ATOM   164  O  OE2 . GLU A 1 21  ? 15.577  -3.463  11.385  0.0000 32.68 ? 69   GLU A OE2 1 
ATOM   165  N  N   . VAL A 1 22  ? 13.080  -8.891  8.515   1.00   26.61 ? 70   VAL A N   1 
ATOM   166  C  CA  . VAL A 1 22  ? 12.767  -10.316 8.533   1.00   27.92 ? 70   VAL A CA  1 
ATOM   167  C  C   . VAL A 1 22  ? 12.232  -10.819 7.188   1.00   32.15 ? 70   VAL A C   1 
ATOM   168  O  O   . VAL A 1 22  ? 12.476  -11.962 6.800   1.00   31.23 ? 70   VAL A O   1 
ATOM   169  C  CB  . VAL A 1 22  ? 11.730  -10.632 9.629   1.00   29.15 ? 70   VAL A CB  1 
ATOM   170  C  CG1 . VAL A 1 22  ? 11.336  -12.096 9.588   1.00   34.52 ? 70   VAL A CG1 1 
ATOM   171  C  CG2 . VAL A 1 22  ? 12.276  -10.249 11.007  1.00   35.97 ? 70   VAL A CG2 1 
ATOM   172  N  N   . GLY A 1 23  ? 11.498  -9.961  6.484   1.00   23.46 ? 71   GLY A N   1 
ATOM   173  C  CA  . GLY A 1 23  ? 10.844  -10.347 5.243   1.00   26.52 ? 71   GLY A CA  1 
ATOM   174  C  C   . GLY A 1 23  ? 9.341   -10.298 5.438   1.00   27.28 ? 71   GLY A C   1 
ATOM   175  O  O   . GLY A 1 23  ? 8.717   -11.290 5.820   1.00   26.03 ? 71   GLY A O   1 
ATOM   176  N  N   . THR A 1 24  ? 8.759   -9.130  5.190   1.00   21.60 ? 72   THR A N   1 
ATOM   177  C  CA  . THR A 1 24  ? 7.358   -8.889  5.516   1.00   17.96 ? 72   THR A CA  1 
ATOM   178  C  C   . THR A 1 24  ? 6.393   -9.823  4.792   1.00   17.77 ? 72   THR A C   1 
ATOM   179  O  O   . THR A 1 24  ? 6.533   -10.075 3.591   1.00   18.11 ? 72   THR A O   1 
ATOM   180  C  CB  . THR A 1 24  ? 6.965   -7.436  5.211   1.00   20.12 ? 72   THR A CB  1 
ATOM   181  O  OG1 . THR A 1 24  ? 7.877   -6.550  5.874   1.00   24.04 ? 72   THR A OG1 1 
ATOM   182  C  CG2 . THR A 1 24  ? 5.541   -7.157  5.682   1.00   21.14 ? 72   THR A CG2 1 
ATOM   183  N  N   . GLU A 1 25  ? 5.411   -10.327 5.535   1.00   19.36 ? 73   GLU A N   1 
ATOM   184  C  CA  . GLU A 1 25  ? 4.329   -11.123 4.963   1.00   18.11 ? 73   GLU A CA  1 
ATOM   185  C  C   . GLU A 1 25  ? 2.991   -10.493 5.335   1.00   18.73 ? 73   GLU A C   1 
ATOM   186  O  O   . GLU A 1 25  ? 2.794   -10.073 6.476   1.00   22.32 ? 73   GLU A O   1 
ATOM   187  C  CB  . GLU A 1 25  ? 4.362   -12.561 5.494   1.00   19.06 ? 73   GLU A CB  1 
ATOM   188  C  CG  . GLU A 1 25  ? 5.638   -13.320 5.201   1.00   17.75 ? 73   GLU A CG  1 
ATOM   189  C  CD  . GLU A 1 25  ? 5.657   -14.699 5.848   1.00   24.43 ? 73   GLU A CD  1 
ATOM   190  O  OE1 . GLU A 1 25  ? 4.572   -15.295 6.031   1.00   21.19 ? 73   GLU A OE1 1 
ATOM   191  O  OE2 . GLU A 1 25  ? 6.760   -15.192 6.161   1.00   21.51 ? 73   GLU A OE2 1 
ATOM   192  N  N   . MET A 1 26  ? 2.073   -10.443 4.375   1.00   16.77 ? 74   MET A N   1 
ATOM   193  C  CA  . MET A 1 26  ? 0.722   -9.957  4.626   1.00   20.45 ? 74   MET A CA  1 
ATOM   194  C  C   . MET A 1 26  ? -0.299  -11.028 4.267   1.00   20.65 ? 74   MET A C   1 
ATOM   195  O  O   . MET A 1 26  ? -0.274  -11.567 3.160   1.00   17.40 ? 74   MET A O   1 
ATOM   196  C  CB  . MET A 1 26  ? 0.441   -8.706  3.792   1.00   21.02 ? 74   MET A CB  1 
ATOM   197  C  CG  . MET A 1 26  ? 1.315   -7.520  4.135   1.00   21.84 ? 74   MET A CG  1 
ATOM   198  S  SD  . MET A 1 26  ? 0.872   -6.808  5.732   1.00   24.69 ? 74   MET A SD  1 
ATOM   199  C  CE  . MET A 1 26  ? 1.987   -5.404  5.763   1.00   21.56 ? 74   MET A CE  1 
ATOM   200  N  N   . ILE A 1 27  ? -1.202  -11.323 5.198   1.00   18.23 ? 75   ILE A N   1 
ATOM   201  C  CA  . ILE A 1 27  ? -2.254  -12.314 4.972   1.00   20.78 ? 75   ILE A CA  1 
ATOM   202  C  C   . ILE A 1 27  ? -3.304  -11.789 3.998   1.00   20.71 ? 75   ILE A C   1 
ATOM   203  O  O   . ILE A 1 27  ? -3.729  -10.638 4.099   1.00   22.19 ? 75   ILE A O   1 
ATOM   204  C  CB  . ILE A 1 27  ? -2.969  -12.694 6.296   1.00   25.04 ? 75   ILE A CB  1 
ATOM   205  C  CG1 . ILE A 1 27  ? -2.033  -13.482 7.218   1.00   27.76 ? 75   ILE A CG1 1 
ATOM   206  C  CG2 . ILE A 1 27  ? -4.233  -13.500 6.017   1.00   25.60 ? 75   ILE A CG2 1 
ATOM   207  C  CD1 . ILE A 1 27  ? -1.709  -14.871 6.724   1.00   29.88 ? 75   ILE A CD1 1 
ATOM   208  N  N   . ILE A 1 28  ? -3.716  -12.634 3.054   1.00   20.39 ? 76   ILE A N   1 
ATOM   209  C  CA  . ILE A 1 28  ? -4.826  -12.310 2.162   1.00   19.39 ? 76   ILE A CA  1 
ATOM   210  C  C   . ILE A 1 28  ? -5.917  -13.370 2.286   1.00   21.25 ? 76   ILE A C   1 
ATOM   211  O  O   . ILE A 1 28  ? -5.623  -14.551 2.466   1.00   20.16 ? 76   ILE A O   1 
ATOM   212  C  CB  . ILE A 1 28  ? -4.378  -12.177 0.686   1.00   18.96 ? 76   ILE A CB  1 
ATOM   213  C  CG1 . ILE A 1 28  ? -3.887  -13.523 0.146   1.00   21.26 ? 76   ILE A CG1 1 
ATOM   214  C  CG2 . ILE A 1 28  ? -3.290  -11.120 0.556   1.00   19.14 ? 76   ILE A CG2 1 
ATOM   215  C  CD1 . ILE A 1 28  ? -3.552  -13.503 -1.335  1.00   21.47 ? 76   ILE A CD1 1 
ATOM   216  N  N   . THR A 1 29  ? -7.175  -12.940 2.211   1.00   23.24 ? 77   THR A N   1 
ATOM   217  C  CA  . THR A 1 29  ? -8.307  -13.852 2.370   1.00   27.09 ? 77   THR A CA  1 
ATOM   218  C  C   . THR A 1 29  ? -9.400  -13.535 1.361   1.00   26.01 ? 77   THR A C   1 
ATOM   219  O  O   . THR A 1 29  ? -9.404  -12.465 0.758   1.00   22.41 ? 77   THR A O   1 
ATOM   220  C  CB  . THR A 1 29  ? -8.928  -13.752 3.774   1.00   23.33 ? 77   THR A CB  1 
ATOM   221  O  OG1 . THR A 1 29  ? -9.566  -12.478 3.920   1.00   26.37 ? 77   THR A OG1 1 
ATOM   222  C  CG2 . THR A 1 29  ? -7.866  -13.911 4.854   1.00   28.92 ? 77   THR A CG2 1 
ATOM   223  N  N   . LYS A 1 30  ? -10.340 -14.459 1.197   1.00   22.90 ? 78   LYS A N   1 
ATOM   224  C  CA  . LYS A 1 30  ? -11.437 -14.248 0.259   1.00   25.19 ? 78   LYS A CA  1 
ATOM   225  C  C   . LYS A 1 30  ? -12.242 -13.002 0.612   1.00   27.52 ? 78   LYS A C   1 
ATOM   226  O  O   . LYS A 1 30  ? -12.530 -12.173 -0.249  1.00   26.78 ? 78   LYS A O   1 
ATOM   227  C  CB  . LYS A 1 30  ? -12.359 -15.466 0.209   1.00   25.94 ? 78   LYS A CB  1 
ATOM   228  C  CG  . LYS A 1 30  ? -13.522 -15.304 -0.760  1.00   24.19 ? 78   LYS A CG  1 
ATOM   229  C  CD  . LYS A 1 30  ? -14.339 -16.579 -0.873  1.00   28.69 ? 78   LYS A CD  1 
ATOM   230  C  CE  . LYS A 1 30  ? -15.330 -16.485 -2.022  1.00   34.36 ? 78   LYS A CE  1 
ATOM   231  N  NZ  . LYS A 1 30  ? -16.019 -17.780 -2.264  1.00   41.51 ? 78   LYS A NZ  1 
ATOM   232  N  N   . ALA A 1 31  ? -12.596 -12.870 1.883   1.00   27.95 ? 79   ALA A N   1 
ATOM   233  C  CA  . ALA A 1 31  ? -13.410 -11.748 2.334   1.00   32.08 ? 79   ALA A CA  1 
ATOM   234  C  C   . ALA A 1 31  ? -12.625 -10.435 2.351   1.00   33.49 ? 79   ALA A C   1 
ATOM   235  O  O   . ALA A 1 31  ? -13.205 -9.351  2.271   1.00   28.04 ? 79   ALA A O   1 
ATOM   236  C  CB  . ALA A 1 31  ? -13.992 -12.037 3.707   1.00   34.78 ? 79   ALA A CB  1 
ATOM   237  N  N   . GLY A 1 32  ? -11.304 -10.538 2.451   1.00   26.35 ? 80   GLY A N   1 
ATOM   238  C  CA  . GLY A 1 32  ? -10.460 -9.358  2.507   1.00   25.34 ? 80   GLY A CA  1 
ATOM   239  C  C   . GLY A 1 32  ? -9.870  -9.153  3.890   1.00   29.26 ? 80   GLY A C   1 
ATOM   240  O  O   . GLY A 1 32  ? -10.564 -9.298  4.898   1.00   28.92 ? 80   GLY A O   1 
ATOM   241  N  N   . ARG A 1 33  ? -8.587  -8.813  3.933   1.00   23.91 ? 81   ARG A N   1 
ATOM   242  C  CA  A ARG A 1 33  ? -7.877  -8.640  5.196   0.50   24.24 ? 81   ARG A CA  1 
ATOM   243  C  CA  B ARG A 1 33  ? -7.873  -8.643  5.193   0.50   24.24 ? 81   ARG A CA  1 
ATOM   244  C  C   . ARG A 1 33  ? -7.074  -7.345  5.190   1.00   24.79 ? 81   ARG A C   1 
ATOM   245  O  O   . ARG A 1 33  ? -6.353  -7.055  4.237   1.00   22.63 ? 81   ARG A O   1 
ATOM   246  C  CB  A ARG A 1 33  ? -6.952  -9.836  5.460   0.50   26.46 ? 81   ARG A CB  1 
ATOM   247  C  CB  B ARG A 1 33  ? -6.937  -9.831  5.436   0.50   26.46 ? 81   ARG A CB  1 
ATOM   248  C  CG  A ARG A 1 33  ? -5.959  -9.622  6.597   0.50   30.22 ? 81   ARG A CG  1 
ATOM   249  C  CG  B ARG A 1 33  ? -6.127  -9.740  6.721   0.50   30.27 ? 81   ARG A CG  1 
ATOM   250  C  CD  A ARG A 1 33  ? -6.620  -9.730  7.969   0.50   29.75 ? 81   ARG A CD  1 
ATOM   251  C  CD  B ARG A 1 33  ? -7.003  -9.948  7.948   0.50   29.32 ? 81   ARG A CD  1 
ATOM   252  N  NE  A ARG A 1 33  ? -6.386  -11.034 8.586   0.50   36.50 ? 81   ARG A NE  1 
ATOM   253  N  NE  B ARG A 1 33  ? -7.442  -11.335 8.061   0.50   35.69 ? 81   ARG A NE  1 
ATOM   254  C  CZ  A ARG A 1 33  ? -7.215  -12.069 8.490   0.50   38.07 ? 81   ARG A CZ  1 
ATOM   255  C  CZ  B ARG A 1 33  ? -6.754  -12.284 8.685   0.50   37.17 ? 81   ARG A CZ  1 
ATOM   256  N  NH1 A ARG A 1 33  ? -8.344  -11.959 7.802   0.50   36.47 ? 81   ARG A NH1 1 
ATOM   257  N  NH1 B ARG A 1 33  ? -5.595  -11.995 9.261   0.50   34.43 ? 81   ARG A NH1 1 
ATOM   258  N  NH2 A ARG A 1 33  ? -6.914  -13.215 9.083   0.50   38.78 ? 81   ARG A NH2 1 
ATOM   259  N  NH2 B ARG A 1 33  ? -7.224  -13.523 8.736   0.50   38.04 ? 81   ARG A NH2 1 
ATOM   260  N  N   . ARG A 1 34  ? -7.208  -6.563  6.255   1.00   24.20 ? 82   ARG A N   1 
ATOM   261  C  CA  . ARG A 1 34  ? -6.445  -5.329  6.393   1.00   23.95 ? 82   ARG A CA  1 
ATOM   262  C  C   . ARG A 1 34  ? -4.958  -5.637  6.531   1.00   23.49 ? 82   ARG A C   1 
ATOM   263  O  O   . ARG A 1 34  ? -4.577  -6.725  6.973   1.00   22.91 ? 82   ARG A O   1 
ATOM   264  C  CB  . ARG A 1 34  ? -6.920  -4.546  7.615   1.00   25.04 ? 82   ARG A CB  1 
ATOM   265  C  CG  . ARG A 1 34  ? -8.330  -3.992  7.498   1.00   25.00 ? 82   ARG A CG  1 
ATOM   266  C  CD  . ARG A 1 34  ? -8.634  -3.080  8.688   1.00   33.23 ? 82   ARG A CD  1 
ATOM   267  N  NE  . ARG A 1 34  ? -9.978  -2.517  8.621   1.00   45.00 ? 82   ARG A NE  1 
ATOM   268  C  CZ  . ARG A 1 34  ? -10.383 -1.454  9.312   1.00   57.71 ? 82   ARG A CZ  1 
ATOM   269  N  NH1 . ARG A 1 34  ? -9.545  -0.822  10.127  1.00   44.62 ? 82   ARG A NH1 1 
ATOM   270  N  NH2 . ARG A 1 34  ? -11.629 -1.018  9.183   1.00   54.85 ? 82   ARG A NH2 1 
ATOM   271  N  N   . MET A 1 35  ? -4.118  -4.676  6.161   1.00   22.20 ? 83   MET A N   1 
ATOM   272  C  CA  . MET A 1 35  ? -2.672  -4.840  6.292   1.00   21.70 ? 83   MET A CA  1 
ATOM   273  C  C   . MET A 1 35  ? -2.212  -4.581  7.720   1.00   29.40 ? 83   MET A C   1 
ATOM   274  O  O   . MET A 1 35  ? -2.810  -3.781  8.430   1.00   27.52 ? 83   MET A O   1 
ATOM   275  C  CB  . MET A 1 35  ? -1.935  -3.884  5.356   1.00   17.43 ? 83   MET A CB  1 
ATOM   276  C  CG  . MET A 1 35  ? -2.152  -4.165  3.879   1.00   25.04 ? 83   MET A CG  1 
ATOM   277  S  SD  . MET A 1 35  ? -0.788  -3.542  2.879   1.00   34.28 ? 83   MET A SD  1 
ATOM   278  C  CE  . MET A 1 35  ? -0.909  -1.786  3.184   1.00   31.60 ? 83   MET A CE  1 
ATOM   279  N  N   . PHE A 1 36  ? -1.149  -5.267  8.132   1.00   26.11 ? 84   PHE A N   1 
ATOM   280  C  CA  . PHE A 1 36  ? -0.441  -4.915  9.358   1.00   26.94 ? 84   PHE A CA  1 
ATOM   281  C  C   . PHE A 1 36  ? 1.062   -5.029  9.136   1.00   30.01 ? 84   PHE A C   1 
ATOM   282  O  O   . PHE A 1 36  ? 1.555   -6.082  8.728   1.00   30.59 ? 84   PHE A O   1 
ATOM   283  C  CB  . PHE A 1 36  ? -0.871  -5.782  10.542  1.00   31.42 ? 84   PHE A CB  1 
ATOM   284  C  CG  . PHE A 1 36  ? -0.303  -5.318  11.852  1.00   35.49 ? 84   PHE A CG  1 
ATOM   285  C  CD1 . PHE A 1 36  ? 0.928   -5.777  12.289  1.00   31.72 ? 84   PHE A CD1 1 
ATOM   286  C  CD2 . PHE A 1 36  ? -0.983  -4.394  12.629  1.00   42.43 ? 84   PHE A CD2 1 
ATOM   287  C  CE1 . PHE A 1 36  ? 1.462   -5.339  13.482  1.00   36.96 ? 84   PHE A CE1 1 
ATOM   288  C  CE2 . PHE A 1 36  ? -0.452  -3.952  13.825  1.00   42.61 ? 84   PHE A CE2 1 
ATOM   289  C  CZ  . PHE A 1 36  ? 0.771   -4.426  14.253  1.00   42.54 ? 84   PHE A CZ  1 
ATOM   290  N  N   . PRO A 1 37  ? 1.799   -3.939  9.394   1.00   28.82 ? 85   PRO A N   1 
ATOM   291  C  CA  . PRO A 1 37  ? 1.302   -2.644  9.881   1.00   27.66 ? 85   PRO A CA  1 
ATOM   292  C  C   . PRO A 1 37  ? 0.307   -1.965  8.944   1.00   28.32 ? 85   PRO A C   1 
ATOM   293  O  O   . PRO A 1 37  ? 0.220   -2.309  7.762   1.00   26.82 ? 85   PRO A O   1 
ATOM   294  C  CB  . PRO A 1 37  ? 2.572   -1.792  9.960   1.00   27.12 ? 85   PRO A CB  1 
ATOM   295  C  CG  . PRO A 1 37  ? 3.680   -2.769  10.098  1.00   29.01 ? 85   PRO A CG  1 
ATOM   296  C  CD  . PRO A 1 37  ? 3.268   -3.960  9.288   1.00   26.19 ? 85   PRO A CD  1 
ATOM   297  N  N   . SER A 1 38  ? -0.446  -1.010  9.483   1.00   30.21 ? 86   SER A N   1 
ATOM   298  C  CA  . SER A 1 38  ? -1.299  -0.156  8.673   1.00   31.95 ? 86   SER A CA  1 
ATOM   299  C  C   . SER A 1 38  ? -0.407  0.808   7.910   1.00   27.42 ? 86   SER A C   1 
ATOM   300  O  O   . SER A 1 38  ? 0.631   1.236   8.416   1.00   31.19 ? 86   SER A O   1 
ATOM   301  C  CB  . SER A 1 38  ? -2.271  0.640   9.554   1.00   34.10 ? 86   SER A CB  1 
ATOM   302  O  OG  . SER A 1 38  ? -3.150  -0.219  10.256  1.00   43.72 ? 86   SER A OG  1 
ATOM   303  N  N   . TYR A 1 39  ? -0.805  1.141   6.690   1.00   25.48 ? 87   TYR A N   1 
ATOM   304  C  CA  . TYR A 1 39  ? -0.073  2.116   5.894   1.00   23.55 ? 87   TYR A CA  1 
ATOM   305  C  C   . TYR A 1 39  ? -0.631  3.509   6.173   1.00   28.20 ? 87   TYR A C   1 
ATOM   306  O  O   . TYR A 1 39  ? -1.754  3.822   5.774   1.00   23.51 ? 87   TYR A O   1 
ATOM   307  C  CB  . TYR A 1 39  ? -0.217  1.781   4.411   1.00   24.96 ? 87   TYR A CB  1 
ATOM   308  C  CG  . TYR A 1 39  ? 0.672   2.569   3.475   1.00   27.60 ? 87   TYR A CG  1 
ATOM   309  C  CD1 . TYR A 1 39  ? 0.306   3.838   3.042   1.00   28.08 ? 87   TYR A CD1 1 
ATOM   310  C  CD2 . TYR A 1 39  ? 1.860   2.026   2.991   1.00   25.18 ? 87   TYR A CD2 1 
ATOM   311  C  CE1 . TYR A 1 39  ? 1.110   4.558   2.173   1.00   27.44 ? 87   TYR A CE1 1 
ATOM   312  C  CE2 . TYR A 1 39  ? 2.671   2.739   2.120   1.00   27.51 ? 87   TYR A CE2 1 
ATOM   313  C  CZ  . TYR A 1 39  ? 2.290   4.004   1.714   1.00   29.43 ? 87   TYR A CZ  1 
ATOM   314  O  OH  . TYR A 1 39  ? 3.084   4.719   0.844   1.00   31.84 ? 87   TYR A OH  1 
ATOM   315  N  N   . LYS A 1 40  ? 0.147   4.335   6.870   1.00   26.03 ? 88   LYS A N   1 
ATOM   316  C  CA  . LYS A 1 40  ? -0.245  5.718   7.139   1.00   28.00 ? 88   LYS A CA  1 
ATOM   317  C  C   . LYS A 1 40  ? 0.912   6.659   6.827   1.00   27.05 ? 88   LYS A C   1 
ATOM   318  O  O   . LYS A 1 40  ? 2.078   6.312   7.023   1.00   25.32 ? 88   LYS A O   1 
ATOM   319  C  CB  . LYS A 1 40  ? -0.677  5.891   8.596   1.00   31.90 ? 88   LYS A CB  1 
ATOM   320  C  CG  . LYS A 1 40  ? -1.834  5.005   9.025   1.00   31.44 ? 88   LYS A CG  1 
ATOM   321  C  CD  . LYS A 1 40  ? -2.203  5.266   10.479  1.00   30.51 ? 88   LYS A CD  1 
ATOM   322  C  CE  . LYS A 1 40  ? -3.080  4.161   11.032  1.00   38.36 ? 88   LYS A CE  1 
ATOM   323  N  NZ  . LYS A 1 40  ? -3.386  4.372   12.472  1.00   40.36 ? 88   LYS A NZ  1 
ATOM   324  N  N   . VAL A 1 41  ? 0.599   7.850   6.331   1.00   24.86 ? 89   VAL A N   1 
ATOM   325  C  CA  . VAL A 1 41  ? 1.647   8.793   5.968   1.00   23.58 ? 89   VAL A CA  1 
ATOM   326  C  C   . VAL A 1 41  ? 1.353   10.204  6.459   1.00   32.02 ? 89   VAL A C   1 
ATOM   327  O  O   . VAL A 1 41  ? 0.200   10.567  6.695   1.00   22.62 ? 89   VAL A O   1 
ATOM   328  C  CB  . VAL A 1 41  ? 1.884   8.827   4.445   1.00   25.29 ? 89   VAL A CB  1 
ATOM   329  C  CG1 . VAL A 1 41  ? 2.365   7.467   3.944   1.00   28.71 ? 89   VAL A CG1 1 
ATOM   330  C  CG2 . VAL A 1 41  ? 0.614   9.262   3.717   1.00   29.30 ? 89   VAL A CG2 1 
ATOM   331  N  N   . LYS A 1 42  ? 2.413   10.989  6.622   1.00   31.83 ? 90   LYS A N   1 
ATOM   332  C  CA  . LYS A 1 42  ? 2.289   12.415  6.896   1.00   30.04 ? 90   LYS A CA  1 
ATOM   333  C  C   . LYS A 1 42  ? 2.724   13.178  5.648   1.00   28.77 ? 90   LYS A C   1 
ATOM   334  O  O   . LYS A 1 42  ? 3.775   12.895  5.072   1.00   33.94 ? 90   LYS A O   1 
ATOM   335  C  CB  . LYS A 1 42  ? 3.152   12.816  8.094   1.00   30.45 ? 90   LYS A CB  1 
ATOM   336  C  CG  . LYS A 1 42  ? 3.174   14.312  8.359   1.00   29.75 ? 90   LYS A CG  1 
ATOM   337  C  CD  . LYS A 1 42  ? 4.182   14.667  9.444   1.00   41.50 ? 90   LYS A CD  1 
ATOM   338  C  CE  . LYS A 1 42  ? 4.181   16.166  9.731   1.00   50.07 ? 90   LYS A CE  1 
ATOM   339  N  NZ  . LYS A 1 42  ? 2.892   16.628  10.323  1.00   36.56 ? 90   LYS A NZ  1 
ATOM   340  N  N   . VAL A 1 43  ? 1.914   14.137  5.218   1.00   29.47 ? 91   VAL A N   1 
ATOM   341  C  CA  A VAL A 1 43  ? 2.210   14.878  3.997   0.50   30.51 ? 91   VAL A CA  1 
ATOM   342  C  CA  B VAL A 1 43  ? 2.214   14.878  3.999   0.50   30.51 ? 91   VAL A CA  1 
ATOM   343  C  C   . VAL A 1 43  ? 2.366   16.371  4.270   1.00   34.60 ? 91   VAL A C   1 
ATOM   344  O  O   . VAL A 1 43  ? 1.572   16.963  5.000   1.00   28.41 ? 91   VAL A O   1 
ATOM   345  C  CB  A VAL A 1 43  ? 1.115   14.667  2.932   0.50   31.47 ? 91   VAL A CB  1 
ATOM   346  C  CB  B VAL A 1 43  ? 1.129   14.663  2.922   0.50   31.47 ? 91   VAL A CB  1 
ATOM   347  C  CG1 A VAL A 1 43  ? 1.413   15.491  1.690   0.50   25.17 ? 91   VAL A CG1 1 
ATOM   348  C  CG1 B VAL A 1 43  ? 0.994   13.179  2.591   0.50   29.05 ? 91   VAL A CG1 1 
ATOM   349  C  CG2 A VAL A 1 43  ? 0.991   13.188  2.582   0.50   29.05 ? 91   VAL A CG2 1 
ATOM   350  C  CG2 B VAL A 1 43  ? -0.201  15.237  3.384   0.50   29.21 ? 91   VAL A CG2 1 
ATOM   351  N  N   . THR A 1 44  ? 3.397   16.965  3.678   1.00   30.18 ? 92   THR A N   1 
ATOM   352  C  CA  . THR A 1 44  ? 3.653   18.392  3.814   1.00   38.57 ? 92   THR A CA  1 
ATOM   353  C  C   . THR A 1 44  ? 4.001   18.980  2.450   1.00   31.44 ? 92   THR A C   1 
ATOM   354  O  O   . THR A 1 44  ? 4.419   18.260  1.546   1.00   37.10 ? 92   THR A O   1 
ATOM   355  C  CB  . THR A 1 44  ? 4.815   18.671  4.789   1.00   33.60 ? 92   THR A CB  1 
ATOM   356  O  OG1 . THR A 1 44  ? 6.048   18.224  4.210   1.00   37.05 ? 92   THR A OG1 1 
ATOM   357  C  CG2 . THR A 1 44  ? 4.591   17.952  6.110   1.00   33.25 ? 92   THR A CG2 1 
ATOM   358  N  N   . GLY A 1 45  ? 3.825   20.288  2.304   1.00   33.80 ? 93   GLY A N   1 
ATOM   359  C  CA  . GLY A 1 45  ? 4.187   20.960  1.071   1.00   36.08 ? 93   GLY A CA  1 
ATOM   360  C  C   . GLY A 1 45  ? 3.042   21.077  0.083   1.00   37.91 ? 93   GLY A C   1 
ATOM   361  O  O   . GLY A 1 45  ? 3.244   21.457  -1.068  1.00   34.88 ? 93   GLY A O   1 
ATOM   362  N  N   . LEU A 1 46  ? 1.839   20.733  0.529   1.00   35.06 ? 94   LEU A N   1 
ATOM   363  C  CA  A LEU A 1 46  ? 0.651   20.871  -0.305  0.50   37.06 ? 94   LEU A CA  1 
ATOM   364  C  CA  B LEU A 1 46  ? 0.649   20.871  -0.302  0.50   37.06 ? 94   LEU A CA  1 
ATOM   365  C  C   . LEU A 1 46  ? 0.156   22.311  -0.282  1.00   36.17 ? 94   LEU A C   1 
ATOM   366  O  O   . LEU A 1 46  ? 0.334   23.021  0.708   1.00   36.29 ? 94   LEU A O   1 
ATOM   367  C  CB  A LEU A 1 46  ? -0.463  19.945  0.185   0.50   34.23 ? 94   LEU A CB  1 
ATOM   368  C  CB  B LEU A 1 46  ? -0.466  19.949  0.194   0.50   34.23 ? 94   LEU A CB  1 
ATOM   369  C  CG  A LEU A 1 46  ? -0.221  18.435  0.131   0.50   33.88 ? 94   LEU A CG  1 
ATOM   370  C  CG  B LEU A 1 46  ? -0.508  18.510  -0.326  0.50   34.62 ? 94   LEU A CG  1 
ATOM   371  C  CD1 A LEU A 1 46  ? -1.363  17.696  0.820   0.50   28.71 ? 94   LEU A CD1 1 
ATOM   372  C  CD1 B LEU A 1 46  ? 0.889   17.918  -0.430  0.50   34.90 ? 94   LEU A CD1 1 
ATOM   373  C  CD2 A LEU A 1 46  ? -0.055  17.965  -1.307  0.50   30.60 ? 94   LEU A CD2 1 
ATOM   374  C  CD2 B LEU A 1 46  ? -1.411  17.654  0.559   0.50   29.04 ? 94   LEU A CD2 1 
ATOM   375  N  N   . ASN A 1 47  ? -0.459  22.742  -1.377  1.00   36.68 ? 95   ASN A N   1 
ATOM   376  C  CA  . ASN A 1 47  ? -1.081  24.056  -1.404  1.00   39.59 ? 95   ASN A CA  1 
ATOM   377  C  C   . ASN A 1 47  ? -2.355  23.977  -0.578  1.00   39.87 ? 95   ASN A C   1 
ATOM   378  O  O   . ASN A 1 47  ? -3.280  23.241  -0.928  1.00   34.45 ? 95   ASN A O   1 
ATOM   379  C  CB  . ASN A 1 47  ? -1.392  24.483  -2.835  1.00   31.03 ? 95   ASN A CB  1 
ATOM   380  C  CG  . ASN A 1 47  ? -1.985  25.880  -2.914  1.00   42.93 ? 95   ASN A CG  1 
ATOM   381  O  OD1 . ASN A 1 47  ? -2.779  26.285  -2.061  1.00   35.57 ? 95   ASN A OD1 1 
ATOM   382  N  ND2 . ASN A 1 47  ? -1.608  26.622  -3.949  1.00   41.30 ? 95   ASN A ND2 1 
ATOM   383  N  N   . PRO A 1 48  ? -2.404  24.724  0.533   1.00   37.25 ? 96   PRO A N   1 
ATOM   384  C  CA  . PRO A 1 48  ? -3.522  24.623  1.475   1.00   35.95 ? 96   PRO A CA  1 
ATOM   385  C  C   . PRO A 1 48  ? -4.873  24.783  0.786   1.00   36.97 ? 96   PRO A C   1 
ATOM   386  O  O   . PRO A 1 48  ? -5.875  24.284  1.295   1.00   39.18 ? 96   PRO A O   1 
ATOM   387  C  CB  . PRO A 1 48  ? -3.276  25.797  2.432   1.00   39.89 ? 96   PRO A CB  1 
ATOM   388  C  CG  . PRO A 1 48  ? -1.810  26.043  2.360   1.00   42.95 ? 96   PRO A CG  1 
ATOM   389  C  CD  . PRO A 1 48  ? -1.414  25.734  0.947   1.00   38.05 ? 96   PRO A CD  1 
ATOM   390  N  N   . LYS A 1 49  ? -4.888  25.462  -0.357  1.00   36.83 ? 97   LYS A N   1 
ATOM   391  C  CA  . LYS A 1 49  ? -6.134  25.818  -1.030  1.00   43.55 ? 97   LYS A CA  1 
ATOM   392  C  C   . LYS A 1 49  ? -6.525  24.862  -2.157  1.00   34.64 ? 97   LYS A C   1 
ATOM   393  O  O   . LYS A 1 49  ? -7.710  24.637  -2.399  1.00   35.36 ? 97   LYS A O   1 
ATOM   394  C  CB  . LYS A 1 49  ? -6.043  27.243  -1.587  1.00   46.71 ? 97   LYS A CB  1 
ATOM   395  C  CG  . LYS A 1 49  ? -5.765  28.311  -0.545  1.00   46.08 ? 97   LYS A CG  1 
ATOM   396  C  CD  . LYS A 1 49  ? -6.948  28.491  0.389   1.00   55.60 ? 97   LYS A CD  1 
ATOM   397  C  CE  . LYS A 1 49  ? -6.838  29.796  1.166   1.00   60.44 ? 97   LYS A CE  1 
ATOM   398  N  NZ  . LYS A 1 49  ? -7.829  29.875  2.278   1.00   70.73 ? 97   LYS A NZ  1 
ATOM   399  N  N   . THR A 1 50  ? -5.537  24.313  -2.856  1.00   36.02 ? 98   THR A N   1 
ATOM   400  C  CA  A THR A 1 50  ? -5.784  23.429  -3.992  0.50   35.75 ? 98   THR A CA  1 
ATOM   401  C  CA  B THR A 1 50  ? -5.848  23.451  -3.992  0.50   35.75 ? 98   THR A CA  1 
ATOM   402  C  C   . THR A 1 50  ? -6.333  22.077  -3.542  1.00   32.49 ? 98   THR A C   1 
ATOM   403  O  O   . THR A 1 50  ? -5.994  21.599  -2.459  1.00   32.20 ? 98   THR A O   1 
ATOM   404  C  CB  A THR A 1 50  ? -4.488  23.196  -4.794  0.50   37.05 ? 98   THR A CB  1 
ATOM   405  C  CB  B THR A 1 50  ? -4.660  23.293  -4.958  0.50   37.32 ? 98   THR A CB  1 
ATOM   406  O  OG1 A THR A 1 50  ? -3.896  24.458  -5.126  0.50   35.37 ? 98   THR A OG1 1 
ATOM   407  O  OG1 B THR A 1 50  ? -3.762  22.293  -4.465  0.50   37.75 ? 98   THR A OG1 1 
ATOM   408  C  CG2 A THR A 1 50  ? -4.768  22.411  -6.075  0.50   32.21 ? 98   THR A CG2 1 
ATOM   409  C  CG2 B THR A 1 50  ? -3.926  24.611  -5.126  0.50   35.41 ? 98   THR A CG2 1 
ATOM   410  N  N   . LYS A 1 51  ? -7.155  21.455  -4.380  1.00   32.77 ? 99   LYS A N   1 
ATOM   411  C  CA  . LYS A 1 51  ? -7.685  20.135  -4.063  1.00   30.79 ? 99   LYS A CA  1 
ATOM   412  C  C   . LYS A 1 51  ? -6.776  19.018  -4.574  1.00   26.73 ? 99   LYS A C   1 
ATOM   413  O  O   . LYS A 1 51  ? -6.138  19.140  -5.620  1.00   26.57 ? 99   LYS A O   1 
ATOM   414  C  CB  . LYS A 1 51  ? -9.106  19.968  -4.598  1.00   30.72 ? 99   LYS A CB  1 
ATOM   415  C  CG  . LYS A 1 51  ? -10.154 20.700  -3.769  1.00   35.34 ? 99   LYS A CG  1 
ATOM   416  C  CD  . LYS A 1 51  ? -11.538 20.581  -4.382  1.00   41.22 ? 99   LYS A CD  1 
ATOM   417  C  CE  . LYS A 1 51  ? -12.545 21.430  -3.626  1.00   51.01 ? 99   LYS A CE  1 
ATOM   418  N  NZ  . LYS A 1 51  ? -12.631 21.039  -2.190  1.00   59.52 ? 99   LYS A NZ  1 
ATOM   419  N  N   . TYR A 1 52  ? -6.721  17.935  -3.812  1.00   24.41 ? 100  TYR A N   1 
ATOM   420  C  CA  . TYR A 1 52  ? -5.908  16.782  -4.169  1.00   25.56 ? 100  TYR A CA  1 
ATOM   421  C  C   . TYR A 1 52  ? -6.687  15.495  -3.962  1.00   24.68 ? 100  TYR A C   1 
ATOM   422  O  O   . TYR A 1 52  ? -7.509  15.395  -3.047  1.00   22.99 ? 100  TYR A O   1 
ATOM   423  C  CB  . TYR A 1 52  ? -4.648  16.731  -3.307  1.00   24.00 ? 100  TYR A CB  1 
ATOM   424  C  CG  . TYR A 1 52  ? -3.722  17.913  -3.483  1.00   31.97 ? 100  TYR A CG  1 
ATOM   425  C  CD1 . TYR A 1 52  ? -2.728  17.904  -4.454  1.00   29.20 ? 100  TYR A CD1 1 
ATOM   426  C  CD2 . TYR A 1 52  ? -3.835  19.034  -2.667  1.00   35.22 ? 100  TYR A CD2 1 
ATOM   427  C  CE1 . TYR A 1 52  ? -1.872  18.987  -4.612  1.00   31.32 ? 100  TYR A CE1 1 
ATOM   428  C  CE2 . TYR A 1 52  ? -2.986  20.119  -2.817  1.00   33.72 ? 100  TYR A CE2 1 
ATOM   429  C  CZ  . TYR A 1 52  ? -2.008  20.092  -3.791  1.00   32.42 ? 100  TYR A CZ  1 
ATOM   430  O  OH  . TYR A 1 52  ? -1.165  21.174  -3.945  1.00   33.78 ? 100  TYR A OH  1 
ATOM   431  N  N   . ILE A 1 53  ? -6.424  14.515  -4.821  1.00   23.25 ? 101  ILE A N   1 
ATOM   432  C  CA  . ILE A 1 53  ? -6.907  13.156  -4.610  1.00   22.62 ? 101  ILE A CA  1 
ATOM   433  C  C   . ILE A 1 53  ? -5.737  12.283  -4.175  1.00   24.23 ? 101  ILE A C   1 
ATOM   434  O  O   . ILE A 1 53  ? -4.693  12.264  -4.829  1.00   24.54 ? 101  ILE A O   1 
ATOM   435  C  CB  . ILE A 1 53  ? -7.493  12.557  -5.900  1.00   25.43 ? 101  ILE A CB  1 
ATOM   436  C  CG1 . ILE A 1 53  ? -8.744  13.328  -6.333  1.00   24.99 ? 101  ILE A CG1 1 
ATOM   437  C  CG2 . ILE A 1 53  ? -7.799  11.065  -5.709  1.00   23.61 ? 101  ILE A CG2 1 
ATOM   438  C  CD1 . ILE A 1 53  ? -9.185  13.009  -7.745  1.00   27.60 ? 101  ILE A CD1 1 
ATOM   439  N  N   . LEU A 1 54  ? -5.910  11.564  -3.072  1.00   19.25 ? 102  LEU A N   1 
ATOM   440  C  CA  . LEU A 1 54  ? -4.903  10.604  -2.640  1.00   24.23 ? 102  LEU A CA  1 
ATOM   441  C  C   . LEU A 1 54  ? -5.409  9.179   -2.833  1.00   26.43 ? 102  LEU A C   1 
ATOM   442  O  O   . LEU A 1 54  ? -6.553  8.861   -2.509  1.00   26.81 ? 102  LEU A O   1 
ATOM   443  C  CB  . LEU A 1 54  ? -4.497  10.840  -1.186  1.00   22.67 ? 102  LEU A CB  1 
ATOM   444  C  CG  . LEU A 1 54  ? -3.321  11.802  -0.985  1.00   26.13 ? 102  LEU A CG  1 
ATOM   445  C  CD1 . LEU A 1 54  ? -3.651  13.204  -1.486  1.00   24.77 ? 102  LEU A CD1 1 
ATOM   446  C  CD2 . LEU A 1 54  ? -2.908  11.836  0.475   1.00   30.15 ? 102  LEU A CD2 1 
ATOM   447  N  N   . LEU A 1 55  ? -4.558  8.326   -3.384  1.00   21.94 ? 103  LEU A N   1 
ATOM   448  C  CA  . LEU A 1 55  ? -4.931  6.935   -3.573  1.00   20.84 ? 103  LEU A CA  1 
ATOM   449  C  C   . LEU A 1 55  ? -3.712  6.033   -3.479  1.00   27.07 ? 103  LEU A C   1 
ATOM   450  O  O   . LEU A 1 55  ? -2.575  6.503   -3.511  1.00   21.27 ? 103  LEU A O   1 
ATOM   451  C  CB  . LEU A 1 55  ? -5.660  6.738   -4.909  1.00   23.81 ? 103  LEU A CB  1 
ATOM   452  C  CG  . LEU A 1 55  ? -5.023  7.129   -6.247  1.00   31.33 ? 103  LEU A CG  1 
ATOM   453  C  CD1 . LEU A 1 55  ? -4.816  8.634   -6.385  1.00   29.29 ? 103  LEU A CD1 1 
ATOM   454  C  CD2 . LEU A 1 55  ? -3.733  6.375   -6.501  1.00   42.89 ? 103  LEU A CD2 1 
ATOM   455  N  N   . MET A 1 56  ? -3.959  4.733   -3.365  1.00   19.39 ? 104  MET A N   1 
ATOM   456  C  CA  . MET A 1 56  ? -2.883  3.756   -3.312  1.00   20.48 ? 104  MET A CA  1 
ATOM   457  C  C   . MET A 1 56  ? -3.118  2.649   -4.319  1.00   18.97 ? 104  MET A C   1 
ATOM   458  O  O   . MET A 1 56  ? -4.258  2.333   -4.655  1.00   22.90 ? 104  MET A O   1 
ATOM   459  C  CB  . MET A 1 56  ? -2.798  3.124   -1.924  1.00   19.79 ? 104  MET A CB  1 
ATOM   460  C  CG  . MET A 1 56  ? -2.061  3.946   -0.890  1.00   32.26 ? 104  MET A CG  1 
ATOM   461  S  SD  . MET A 1 56  ? -1.893  2.993   0.627   1.00   41.90 ? 104  MET A SD  1 
ATOM   462  C  CE  . MET A 1 56  ? -1.184  1.479   -0.018  1.00   26.82 ? 104  MET A CE  1 
ATOM   463  N  N   . ASP A 1 57  ? -2.029  2.073   -4.808  1.00   25.81 ? 105  ASP A N   1 
ATOM   464  C  CA  . ASP A 1 57  ? -2.100  0.798   -5.498  1.00   22.98 ? 105  ASP A CA  1 
ATOM   465  C  C   . ASP A 1 57  ? -0.991  -0.104  -4.970  1.00   21.03 ? 105  ASP A C   1 
ATOM   466  O  O   . ASP A 1 57  ? -0.102  0.343   -4.244  1.00   19.74 ? 105  ASP A O   1 
ATOM   467  C  CB  . ASP A 1 57  ? -2.045  0.959   -7.023  1.00   21.93 ? 105  ASP A CB  1 
ATOM   468  C  CG  . ASP A 1 57  ? -0.723  1.519   -7.518  1.00   26.17 ? 105  ASP A CG  1 
ATOM   469  O  OD1 . ASP A 1 57  ? 0.206   1.702   -6.706  1.00   26.81 ? 105  ASP A OD1 1 
ATOM   470  O  OD2 . ASP A 1 57  ? -0.621  1.787   -8.734  1.00   32.66 ? 105  ASP A OD2 1 
ATOM   471  N  N   . ILE A 1 58  ? -1.069  -1.379  -5.313  1.00   20.61 ? 106  ILE A N   1 
ATOM   472  C  CA  . ILE A 1 58  ? -0.076  -2.343  -4.879  1.00   19.01 ? 106  ILE A CA  1 
ATOM   473  C  C   . ILE A 1 58  ? 0.346   -3.129  -6.105  1.00   21.47 ? 106  ILE A C   1 
ATOM   474  O  O   . ILE A 1 58  ? -0.424  -3.930  -6.635  1.00   23.93 ? 106  ILE A O   1 
ATOM   475  C  CB  . ILE A 1 58  ? -0.644  -3.278  -3.804  1.00   19.01 ? 106  ILE A CB  1 
ATOM   476  C  CG1 . ILE A 1 58  ? -1.245  -2.447  -2.662  1.00   21.19 ? 106  ILE A CG1 1 
ATOM   477  C  CG2 . ILE A 1 58  ? 0.440   -4.217  -3.289  1.00   18.72 ? 106  ILE A CG2 1 
ATOM   478  C  CD1 . ILE A 1 58  ? -1.698  -3.258  -1.475  1.00   23.21 ? 106  ILE A CD1 1 
ATOM   479  N  N   . VAL A 1 59  ? 1.562   -2.874  -6.573  1.00   18.91 ? 107  VAL A N   1 
ATOM   480  C  CA  . VAL A 1 59  ? 2.019   -3.440  -7.837  1.00   17.28 ? 107  VAL A CA  1 
ATOM   481  C  C   . VAL A 1 59  ? 3.053   -4.532  -7.594  1.00   16.27 ? 107  VAL A C   1 
ATOM   482  O  O   . VAL A 1 59  ? 3.676   -4.577  -6.531  1.00   16.44 ? 107  VAL A O   1 
ATOM   483  C  CB  . VAL A 1 59  ? 2.640   -2.352  -8.745  1.00   21.51 ? 107  VAL A CB  1 
ATOM   484  C  CG1 . VAL A 1 59  ? 1.608   -1.279  -9.073  1.00   28.02 ? 107  VAL A CG1 1 
ATOM   485  C  CG2 . VAL A 1 59  ? 3.866   -1.741  -8.072  1.00   24.39 ? 107  VAL A CG2 1 
ATOM   486  N  N   . PRO A 1 60  ? 3.233   -5.425  -8.578  1.00   22.87 ? 108  PRO A N   1 
ATOM   487  C  CA  . PRO A 1 60  ? 4.270   -6.455  -8.466  1.00   20.42 ? 108  PRO A CA  1 
ATOM   488  C  C   . PRO A 1 60  ? 5.640   -5.833  -8.206  1.00   21.70 ? 108  PRO A C   1 
ATOM   489  O  O   . PRO A 1 60  ? 6.000   -4.837  -8.841  1.00   21.46 ? 108  PRO A O   1 
ATOM   490  C  CB  . PRO A 1 60  ? 4.236   -7.134  -9.841  1.00   22.27 ? 108  PRO A CB  1 
ATOM   491  C  CG  . PRO A 1 60  ? 2.833   -6.919  -10.327 1.00   23.52 ? 108  PRO A CG  1 
ATOM   492  C  CD  . PRO A 1 60  ? 2.444   -5.558  -9.817  1.00   20.20 ? 108  PRO A CD  1 
ATOM   493  N  N   . ALA A 1 61  ? 6.385   -6.400  -7.264  1.00   18.70 ? 109  ALA A N   1 
ATOM   494  C  CA  . ALA A 1 61  ? 7.730   -5.916  -6.964  1.00   18.91 ? 109  ALA A CA  1 
ATOM   495  C  C   . ALA A 1 61  ? 8.734   -6.544  -7.923  1.00   26.04 ? 109  ALA A C   1 
ATOM   496  O  O   . ALA A 1 61  ? 9.826   -6.018  -8.139  1.00   24.70 ? 109  ALA A O   1 
ATOM   497  C  CB  . ALA A 1 61  ? 8.100   -6.233  -5.524  1.00   22.60 ? 109  ALA A CB  1 
ATOM   498  N  N   . ASP A 1 62  ? 8.356   -7.683  -8.485  1.00   22.78 ? 110  ASP A N   1 
ATOM   499  C  CA  . ASP A 1 62  ? 9.182   -8.368  -9.470  1.00   25.23 ? 110  ASP A CA  1 
ATOM   500  C  C   . ASP A 1 62  ? 8.326   -9.371  -10.220 1.00   25.22 ? 110  ASP A C   1 
ATOM   501  O  O   . ASP A 1 62  ? 7.118   -9.447  -10.000 1.00   26.81 ? 110  ASP A O   1 
ATOM   502  C  CB  . ASP A 1 62  ? 10.379  -9.055  -8.805  1.00   30.53 ? 110  ASP A CB  1 
ATOM   503  C  CG  . ASP A 1 62  ? 9.965   -10.059 -7.745  1.00   22.89 ? 110  ASP A CG  1 
ATOM   504  O  OD1 . ASP A 1 62  ? 9.028   -10.850 -7.989  1.00   19.76 ? 110  ASP A OD1 1 
ATOM   505  O  OD2 . ASP A 1 62  ? 10.593  -10.066 -6.667  1.00   23.80 ? 110  ASP A OD2 1 
ATOM   506  N  N   . ASP A 1 63  ? 8.946   -10.144 -11.104 1.00   20.40 ? 111  ASP A N   1 
ATOM   507  C  CA  . ASP A 1 63  ? 8.190   -11.084 -11.925 1.00   19.74 ? 111  ASP A CA  1 
ATOM   508  C  C   . ASP A 1 63  ? 8.456   -12.527 -11.510 1.00   17.55 ? 111  ASP A C   1 
ATOM   509  O  O   . ASP A 1 63  ? 8.533   -13.416 -12.360 1.00   22.87 ? 111  ASP A O   1 
ATOM   510  C  CB  . ASP A 1 63  ? 8.516   -10.883 -13.411 1.00   28.65 ? 111  ASP A CB  1 
ATOM   511  C  CG  . ASP A 1 63  ? 7.470   -11.501 -14.331 1.00   33.87 ? 111  ASP A CG  1 
ATOM   512  O  OD1 . ASP A 1 63  ? 6.262   -11.355 -14.054 1.00   36.28 ? 111  ASP A OD1 1 
ATOM   513  O  OD2 . ASP A 1 63  ? 7.858   -12.128 -15.338 1.00   36.96 ? 111  ASP A OD2 1 
ATOM   514  N  N   . HIS A 1 64  ? 8.584   -12.757 -10.205 1.00   19.38 ? 112  HIS A N   1 
ATOM   515  C  CA  . HIS A 1 64  ? 8.836   -14.104 -9.686  1.00   15.45 ? 112  HIS A CA  1 
ATOM   516  C  C   . HIS A 1 64  ? 7.725   -14.606 -8.776  1.00   19.52 ? 112  HIS A C   1 
ATOM   517  O  O   . HIS A 1 64  ? 6.896   -13.836 -8.285  1.00   19.69 ? 112  HIS A O   1 
ATOM   518  C  CB  . HIS A 1 64  ? 10.127  -14.135 -8.862  1.00   21.31 ? 112  HIS A CB  1 
ATOM   519  C  CG  . HIS A 1 64  ? 11.350  -13.728 -9.618  1.00   24.36 ? 112  HIS A CG  1 
ATOM   520  N  ND1 . HIS A 1 64  ? 12.185  -12.719 -9.189  1.00   24.30 ? 112  HIS A ND1 1 
ATOM   521  C  CD2 . HIS A 1 64  ? 11.885  -14.196 -10.770 1.00   20.67 ? 112  HIS A CD2 1 
ATOM   522  C  CE1 . HIS A 1 64  ? 13.179  -12.581 -10.047 1.00   22.75 ? 112  HIS A CE1 1 
ATOM   523  N  NE2 . HIS A 1 64  ? 13.022  -13.465 -11.016 1.00   28.91 ? 112  HIS A NE2 1 
ATOM   524  N  N   . ARG A 1 65  ? 7.714   -15.914 -8.554  1.00   18.64 ? 113  ARG A N   1 
ATOM   525  C  CA  A ARG A 1 65  ? 6.909   -16.538 -7.508  0.70   19.45 ? 113  ARG A CA  1 
ATOM   526  C  CA  B ARG A 1 65  ? 6.937   -16.438 -7.446  0.30   19.54 ? 113  ARG A CA  1 
ATOM   527  C  C   . ARG A 1 65  ? 7.873   -17.171 -6.499  1.00   21.04 ? 113  ARG A C   1 
ATOM   528  O  O   . ARG A 1 65  ? 8.958   -17.620 -6.886  1.00   19.31 ? 113  ARG A O   1 
ATOM   529  C  CB  A ARG A 1 65  ? 5.988   -17.602 -8.107  0.70   22.51 ? 113  ARG A CB  1 
ATOM   530  C  CB  B ARG A 1 65  ? 5.736   -17.279 -7.896  0.30   22.22 ? 113  ARG A CB  1 
ATOM   531  C  CG  A ARG A 1 65  ? 4.961   -18.163 -7.142  0.70   21.46 ? 113  ARG A CG  1 
ATOM   532  C  CG  B ARG A 1 65  ? 6.036   -18.662 -8.421  0.30   23.35 ? 113  ARG A CG  1 
ATOM   533  C  CD  A ARG A 1 65  ? 4.055   -19.170 -7.832  0.70   28.90 ? 113  ARG A CD  1 
ATOM   534  C  CD  B ARG A 1 65  ? 4.745   -19.471 -8.447  0.30   25.95 ? 113  ARG A CD  1 
ATOM   535  N  NE  A ARG A 1 65  ? 3.005   -19.654 -6.941  0.70   30.97 ? 113  ARG A NE  1 
ATOM   536  N  NE  B ARG A 1 65  ? 4.437   -20.043 -7.137  0.30   30.76 ? 113  ARG A NE  1 
ATOM   537  C  CZ  A ARG A 1 65  ? 3.204   -20.541 -5.972  0.70   31.21 ? 113  ARG A CZ  1 
ATOM   538  C  CZ  B ARG A 1 65  ? 3.219   -20.093 -6.606  0.30   30.74 ? 113  ARG A CZ  1 
ATOM   539  N  NH1 A ARG A 1 65  ? 4.418   -21.031 -5.764  0.70   31.18 ? 113  ARG A NH1 1 
ATOM   540  N  NH1 B ARG A 1 65  ? 2.184   -19.584 -7.259  0.30   31.20 ? 113  ARG A NH1 1 
ATOM   541  N  NH2 A ARG A 1 65  ? 2.194   -20.930 -5.205  0.70   31.95 ? 113  ARG A NH2 1 
ATOM   542  N  NH2 B ARG A 1 65  ? 3.038   -20.638 -5.410  0.30   31.65 ? 113  ARG A NH2 1 
ATOM   543  N  N   . TYR A 1 66  ? 7.476   -17.231 -5.236  1.00   20.20 ? 114  TYR A N   1 
ATOM   544  C  CA  . TYR A 1 66  ? 8.402   -17.616 -4.176  1.00   18.26 ? 114  TYR A CA  1 
ATOM   545  C  C   . TYR A 1 66  ? 7.959   -18.797 -3.335  1.00   19.25 ? 114  TYR A C   1 
ATOM   546  O  O   . TYR A 1 66  ? 6.783   -19.144 -3.288  1.00   20.65 ? 114  TYR A O   1 
ATOM   547  C  CB  . TYR A 1 66  ? 8.607   -16.429 -3.234  1.00   19.24 ? 114  TYR A CB  1 
ATOM   548  C  CG  . TYR A 1 66  ? 9.370   -15.272 -3.829  1.00   15.46 ? 114  TYR A CG  1 
ATOM   549  C  CD1 . TYR A 1 66  ? 8.712   -14.262 -4.525  1.00   18.99 ? 114  TYR A CD1 1 
ATOM   550  C  CD2 . TYR A 1 66  ? 10.742  -15.173 -3.674  1.00   19.03 ? 114  TYR A CD2 1 
ATOM   551  C  CE1 . TYR A 1 66  ? 9.412   -13.188 -5.060  1.00   19.10 ? 114  TYR A CE1 1 
ATOM   552  C  CE2 . TYR A 1 66  ? 11.450  -14.112 -4.208  1.00   22.56 ? 114  TYR A CE2 1 
ATOM   553  C  CZ  . TYR A 1 66  ? 10.783  -13.126 -4.901  1.00   22.31 ? 114  TYR A CZ  1 
ATOM   554  O  OH  . TYR A 1 66  ? 11.499  -12.077 -5.427  1.00   27.27 ? 114  TYR A OH  1 
ATOM   555  N  N   . LYS A 1 67  ? 8.927   -19.401 -2.655  1.00   22.99 ? 115  LYS A N   1 
ATOM   556  C  CA  . LYS A 1 67  ? 8.644   -20.389 -1.628  1.00   24.15 ? 115  LYS A CA  1 
ATOM   557  C  C   . LYS A 1 67  ? 9.572   -20.158 -0.444  1.00   25.54 ? 115  LYS A C   1 
ATOM   558  O  O   . LYS A 1 67  ? 10.752  -19.843 -0.619  1.00   24.37 ? 115  LYS A O   1 
ATOM   559  C  CB  . LYS A 1 67  ? 8.809   -21.814 -2.165  1.00   26.12 ? 115  LYS A CB  1 
ATOM   560  C  CG  . LYS A 1 67  ? 8.473   -22.886 -1.138  1.00   26.99 ? 115  LYS A CG  1 
ATOM   561  C  CD  . LYS A 1 67  ? 8.373   -24.261 -1.777  1.00   44.36 ? 115  LYS A CD  1 
ATOM   562  C  CE  . LYS A 1 67  ? 7.836   -25.286 -0.789  1.00   49.30 ? 115  LYS A CE  1 
ATOM   563  N  NZ  . LYS A 1 67  ? 8.690   -25.385 0.428   1.00   52.16 ? 115  LYS A NZ  1 
ATOM   564  N  N   . PHE A 1 68  ? 9.027   -20.296 0.760   1.00   23.86 ? 116  PHE A N   1 
ATOM   565  C  CA  . PHE A 1 68  ? 9.817   -20.175 1.974   1.00   17.68 ? 116  PHE A CA  1 
ATOM   566  C  C   . PHE A 1 68  ? 10.222  -21.574 2.428   1.00   25.22 ? 116  PHE A C   1 
ATOM   567  O  O   . PHE A 1 68  ? 9.368   -22.427 2.677   1.00   23.25 ? 116  PHE A O   1 
ATOM   568  C  CB  . PHE A 1 68  ? 9.021   -19.474 3.076   1.00   24.61 ? 116  PHE A CB  1 
ATOM   569  C  CG  . PHE A 1 68  ? 9.837   -19.133 4.291   1.00   23.68 ? 116  PHE A CG  1 
ATOM   570  C  CD1 . PHE A 1 68  ? 10.671  -18.029 4.292   1.00   19.94 ? 116  PHE A CD1 1 
ATOM   571  C  CD2 . PHE A 1 68  ? 9.768   -19.918 5.434   1.00   26.17 ? 116  PHE A CD2 1 
ATOM   572  C  CE1 . PHE A 1 68  ? 11.428  -17.708 5.409   1.00   25.99 ? 116  PHE A CE1 1 
ATOM   573  C  CE2 . PHE A 1 68  ? 10.520  -19.604 6.556   1.00   27.15 ? 116  PHE A CE2 1 
ATOM   574  C  CZ  . PHE A 1 68  ? 11.351  -18.499 6.543   1.00   31.69 ? 116  PHE A CZ  1 
ATOM   575  N  N   . ALA A 1 69  ? 11.525  -21.806 2.517   1.00   24.52 ? 117  ALA A N   1 
ATOM   576  C  CA  . ALA A 1 69  ? 12.055  -23.106 2.916   1.00   33.06 ? 117  ALA A CA  1 
ATOM   577  C  C   . ALA A 1 69  ? 13.412  -22.929 3.575   1.00   30.39 ? 117  ALA A C   1 
ATOM   578  O  O   . ALA A 1 69  ? 14.202  -22.078 3.162   1.00   25.50 ? 117  ALA A O   1 
ATOM   579  C  CB  . ALA A 1 69  ? 12.168  -24.025 1.711   1.00   29.43 ? 117  ALA A CB  1 
ATOM   580  N  N   . ASP A 1 70  ? 13.676  -23.733 4.600   1.00   39.28 ? 118  ASP A N   1 
ATOM   581  C  CA  . ASP A 1 70  ? 14.937  -23.661 5.331   1.00   37.23 ? 118  ASP A CA  1 
ATOM   582  C  C   . ASP A 1 70  ? 15.241  -22.238 5.784   1.00   37.55 ? 118  ASP A C   1 
ATOM   583  O  O   . ASP A 1 70  ? 16.368  -21.761 5.654   1.00   37.80 ? 118  ASP A O   1 
ATOM   584  C  CB  . ASP A 1 70  ? 16.084  -24.204 4.474   1.00   46.51 ? 118  ASP A CB  1 
ATOM   585  C  CG  . ASP A 1 70  ? 15.942  -25.686 4.187   1.00   46.28 ? 118  ASP A CG  1 
ATOM   586  O  OD1 . ASP A 1 70  ? 15.315  -26.393 5.003   1.00   51.97 ? 118  ASP A OD1 1 
ATOM   587  O  OD2 . ASP A 1 70  ? 16.455  -26.145 3.145   1.00   54.09 ? 118  ASP A OD2 1 
ATOM   588  N  N   . ASN A 1 71  ? 14.223  -21.566 6.313   1.00   40.03 ? 119  ASN A N   1 
ATOM   589  C  CA  . ASN A 1 71  ? 14.372  -20.208 6.830   1.00   32.93 ? 119  ASN A CA  1 
ATOM   590  C  C   . ASN A 1 71  ? 14.896  -19.199 5.812   1.00   37.17 ? 119  ASN A C   1 
ATOM   591  O  O   . ASN A 1 71  ? 15.719  -18.344 6.138   1.00   35.10 ? 119  ASN A O   1 
ATOM   592  C  CB  . ASN A 1 71  ? 15.241  -20.204 8.091   1.00   37.89 ? 119  ASN A CB  1 
ATOM   593  C  CG  . ASN A 1 71  ? 14.476  -20.650 9.323   1.00   50.07 ? 119  ASN A CG  1 
ATOM   594  O  OD1 . ASN A 1 71  ? 13.351  -20.202 9.564   1.00   50.11 ? 119  ASN A OD1 1 
ATOM   595  N  ND2 . ASN A 1 71  ? 15.081  -21.532 10.112  1.00   51.04 ? 119  ASN A ND2 1 
ATOM   596  N  N   . LYS A 1 72  ? 14.398  -19.289 4.583   1.00   28.53 ? 120  LYS A N   1 
ATOM   597  C  CA  . LYS A 1 72  ? 14.845  -18.409 3.514   1.00   33.34 ? 120  LYS A CA  1 
ATOM   598  C  C   . LYS A 1 72  ? 13.795  -18.349 2.412   1.00   24.73 ? 120  LYS A C   1 
ATOM   599  O  O   . LYS A 1 72  ? 13.187  -19.367 2.076   1.00   22.93 ? 120  LYS A O   1 
ATOM   600  C  CB  . LYS A 1 72  ? 16.173  -18.918 2.943   1.00   38.88 ? 120  LYS A CB  1 
ATOM   601  C  CG  . LYS A 1 72  ? 16.677  -18.153 1.735   1.00   37.98 ? 120  LYS A CG  1 
ATOM   602  C  CD  . LYS A 1 72  ? 17.915  -18.812 1.147   1.00   42.29 ? 120  LYS A CD  1 
ATOM   603  C  CE  . LYS A 1 72  ? 18.426  -18.048 -0.067  1.00   62.27 ? 120  LYS A CE  1 
ATOM   604  N  NZ  . LYS A 1 72  ? 19.707  -18.609 -0.582  1.00   62.05 ? 120  LYS A NZ  1 
ATOM   605  N  N   . TRP A 1 73  ? 13.573  -17.156 1.861   1.00   24.03 ? 121  TRP A N   1 
ATOM   606  C  CA  . TRP A 1 73  ? 12.709  -17.013 0.689   1.00   22.21 ? 121  TRP A CA  1 
ATOM   607  C  C   . TRP A 1 73  ? 13.513  -17.258 -0.578  1.00   21.80 ? 121  TRP A C   1 
ATOM   608  O  O   . TRP A 1 73  ? 14.579  -16.679 -0.762  1.00   24.85 ? 121  TRP A O   1 
ATOM   609  C  CB  . TRP A 1 73  ? 12.077  -15.620 0.628   1.00   21.87 ? 121  TRP A CB  1 
ATOM   610  C  CG  . TRP A 1 73  ? 10.937  -15.427 1.570   1.00   22.70 ? 121  TRP A CG  1 
ATOM   611  C  CD1 . TRP A 1 73  ? 10.964  -14.770 2.766   1.00   22.12 ? 121  TRP A CD1 1 
ATOM   612  C  CD2 . TRP A 1 73  ? 9.593   -15.898 1.402   1.00   21.99 ? 121  TRP A CD2 1 
ATOM   613  N  NE1 . TRP A 1 73  ? 9.720   -14.800 3.351   1.00   21.95 ? 121  TRP A NE1 1 
ATOM   614  C  CE2 . TRP A 1 73  ? 8.862   -15.489 2.536   1.00   24.96 ? 121  TRP A CE2 1 
ATOM   615  C  CE3 . TRP A 1 73  ? 8.938   -16.624 0.404   1.00   23.91 ? 121  TRP A CE3 1 
ATOM   616  C  CZ2 . TRP A 1 73  ? 7.507   -15.781 2.698   1.00   22.24 ? 121  TRP A CZ2 1 
ATOM   617  C  CZ3 . TRP A 1 73  ? 7.590   -16.915 0.566   1.00   23.51 ? 121  TRP A CZ3 1 
ATOM   618  C  CH2 . TRP A 1 73  ? 6.889   -16.488 1.704   1.00   18.29 ? 121  TRP A CH2 1 
ATOM   619  N  N   . SER A 1 74  ? 12.996  -18.115 -1.452  1.00   21.77 ? 122  SER A N   1 
ATOM   620  C  CA  . SER A 1 74  ? 13.668  -18.415 -2.706  1.00   21.66 ? 122  SER A CA  1 
ATOM   621  C  C   . SER A 1 74  ? 12.705  -18.304 -3.872  1.00   21.02 ? 122  SER A C   1 
ATOM   622  O  O   . SER A 1 74  ? 11.511  -18.585 -3.732  1.00   19.23 ? 122  SER A O   1 
ATOM   623  C  CB  . SER A 1 74  ? 14.273  -19.822 -2.674  1.00   28.12 ? 122  SER A CB  1 
ATOM   624  O  OG  . SER A 1 74  ? 15.336  -19.897 -1.742  1.00   28.90 ? 122  SER A OG  1 
ATOM   625  N  N   . VAL A 1 75  ? 13.232  -17.881 -5.019  1.00   18.63 ? 123  VAL A N   1 
ATOM   626  C  CA  . VAL A 1 75  ? 12.467  -17.864 -6.263  1.00   20.11 ? 123  VAL A CA  1 
ATOM   627  C  C   . VAL A 1 75  ? 12.325  -19.286 -6.791  1.00   23.24 ? 123  VAL A C   1 
ATOM   628  O  O   . VAL A 1 75  ? 13.318  -20.000 -6.944  1.00   24.95 ? 123  VAL A O   1 
ATOM   629  C  CB  . VAL A 1 75  ? 13.154  -16.996 -7.340  1.00   20.03 ? 123  VAL A CB  1 
ATOM   630  C  CG1 . VAL A 1 75  ? 12.506  -17.226 -8.707  1.00   23.36 ? 123  VAL A CG1 1 
ATOM   631  C  CG2 . VAL A 1 75  ? 13.104  -15.518 -6.958  1.00   18.95 ? 123  VAL A CG2 1 
ATOM   632  N  N   . THR A 1 76  ? 11.093  -19.698 -7.071  1.00   19.70 ? 124  THR A N   1 
ATOM   633  C  CA  . THR A 1 76  ? 10.853  -21.050 -7.567  1.00   19.47 ? 124  THR A CA  1 
ATOM   634  C  C   . THR A 1 76  ? 10.265  -21.058 -8.972  1.00   23.24 ? 124  THR A C   1 
ATOM   635  O  O   . THR A 1 76  ? 10.021  -22.123 -9.538  1.00   28.19 ? 124  THR A O   1 
ATOM   636  C  CB  . THR A 1 76  ? 9.919   -21.853 -6.636  1.00   24.72 ? 124  THR A CB  1 
ATOM   637  O  OG1 . THR A 1 76  ? 8.658   -21.181 -6.526  1.00   28.58 ? 124  THR A OG1 1 
ATOM   638  C  CG2 . THR A 1 76  ? 10.538  -22.011 -5.252  1.00   23.09 ? 124  THR A CG2 1 
ATOM   639  N  N   . GLY A 1 77  ? 10.035  -19.872 -9.531  1.00   20.79 ? 125  GLY A N   1 
ATOM   640  C  CA  . GLY A 1 77  ? 9.517   -19.760 -10.883 1.00   25.38 ? 125  GLY A CA  1 
ATOM   641  C  C   . GLY A 1 77  ? 9.060   -18.362 -11.259 1.00   25.64 ? 125  GLY A C   1 
ATOM   642  O  O   . GLY A 1 77  ? 9.323   -17.391 -10.545 1.00   20.32 ? 125  GLY A O   1 
ATOM   643  N  N   . LYS A 1 78  ? 8.376   -18.262 -12.395 1.00   20.18 ? 126  LYS A N   1 
ATOM   644  C  CA  . LYS A 1 78  ? 7.877   -16.986 -12.895 1.00   23.39 ? 126  LYS A CA  1 
ATOM   645  C  C   . LYS A 1 78  ? 6.568   -16.601 -12.205 1.00   21.21 ? 126  LYS A C   1 
ATOM   646  O  O   . LYS A 1 78  ? 5.789   -17.465 -11.810 1.00   20.91 ? 126  LYS A O   1 
ATOM   647  C  CB  . LYS A 1 78  ? 7.648   -17.071 -14.407 1.00   23.23 ? 126  LYS A CB  1 
ATOM   648  C  CG  . LYS A 1 78  ? 7.087   -15.805 -15.030 1.00   33.15 ? 126  LYS A CG  1 
ATOM   649  C  CD  . LYS A 1 78  ? 6.272   -16.131 -16.274 1.00   42.01 ? 126  LYS A CD  1 
ATOM   650  C  CE  . LYS A 1 78  ? 5.905   -14.875 -17.051 1.00   50.16 ? 126  LYS A CE  1 
ATOM   651  N  NZ  . LYS A 1 78  ? 7.092   -14.238 -17.686 1.00   46.11 ? 126  LYS A NZ  1 
ATOM   652  N  N   . ALA A 1 79  ? 6.329   -15.299 -12.071 1.00   23.08 ? 127  ALA A N   1 
ATOM   653  C  CA  . ALA A 1 79  ? 5.075   -14.805 -11.506 1.00   18.93 ? 127  ALA A CA  1 
ATOM   654  C  C   . ALA A 1 79  ? 3.899   -15.231 -12.377 1.00   28.66 ? 127  ALA A C   1 
ATOM   655  O  O   . ALA A 1 79  ? 4.011   -15.295 -13.601 1.00   24.20 ? 127  ALA A O   1 
ATOM   656  C  CB  . ALA A 1 79  ? 5.109   -13.295 -11.383 1.00   18.39 ? 127  ALA A CB  1 
ATOM   657  N  N   . GLU A 1 80  ? 2.768   -15.517 -11.742 1.00   24.46 ? 128  GLU A N   1 
ATOM   658  C  CA  . GLU A 1 80  ? 1.577   -15.930 -12.474 1.00   28.36 ? 128  GLU A CA  1 
ATOM   659  C  C   . GLU A 1 80  ? 0.942   -14.738 -13.181 1.00   35.38 ? 128  GLU A C   1 
ATOM   660  O  O   . GLU A 1 80  ? 1.211   -13.593 -12.824 1.00   29.50 ? 128  GLU A O   1 
ATOM   661  C  CB  . GLU A 1 80  ? 0.581   -16.603 -11.531 1.00   28.30 ? 128  GLU A CB  1 
ATOM   662  C  CG  . GLU A 1 80  ? 0.997   -18.004 -11.125 1.00   33.85 ? 128  GLU A CG  1 
ATOM   663  C  CD  . GLU A 1 80  ? 0.329   -18.464 -9.847  1.00   45.16 ? 128  GLU A CD  1 
ATOM   664  O  OE1 . GLU A 1 80  ? -0.546  -17.735 -9.333  1.00   48.59 ? 128  GLU A OE1 1 
ATOM   665  O  OE2 . GLU A 1 80  ? 0.683   -19.555 -9.354  1.00   46.69 ? 128  GLU A OE2 1 
ATOM   666  N  N   . PRO A 1 81  ? 0.114   -15.003 -14.206 1.00   35.83 ? 129  PRO A N   1 
ATOM   667  C  CA  . PRO A 1 81  ? -0.566  -13.920 -14.924 1.00   45.46 ? 129  PRO A CA  1 
ATOM   668  C  C   . PRO A 1 81  ? -1.314  -13.002 -13.963 1.00   37.91 ? 129  PRO A C   1 
ATOM   669  O  O   . PRO A 1 81  ? -1.972  -13.480 -13.039 1.00   36.75 ? 129  PRO A O   1 
ATOM   670  C  CB  . PRO A 1 81  ? -1.552  -14.667 -15.822 1.00   45.15 ? 129  PRO A CB  1 
ATOM   671  C  CG  . PRO A 1 81  ? -0.906  -15.993 -16.055 1.00   47.56 ? 129  PRO A CG  1 
ATOM   672  C  CD  . PRO A 1 81  ? -0.184  -16.327 -14.781 1.00   37.23 ? 129  PRO A CD  1 
ATOM   673  N  N   . ALA A 1 82  ? -1.207  -11.696 -14.181 1.00   40.62 ? 130  ALA A N   1 
ATOM   674  C  CA  . ALA A 1 82  ? -1.852  -10.721 -13.308 1.00   43.30 ? 130  ALA A CA  1 
ATOM   675  C  C   . ALA A 1 82  ? -3.366  -10.751 -13.478 1.00   44.44 ? 130  ALA A C   1 
ATOM   676  O  O   . ALA A 1 82  ? -3.903  -10.147 -14.406 1.00   47.17 ? 130  ALA A O   1 
ATOM   677  C  CB  . ALA A 1 82  ? -1.314  -9.329  -13.587 1.00   47.81 ? 130  ALA A CB  1 
ATOM   678  N  N   . ARG A 1 86  ? -6.272  -3.094  -9.414  1.00   25.44 ? 134  ARG A N   1 
ATOM   679  C  CA  . ARG A 1 86  ? -7.257  -2.274  -8.715  1.00   28.62 ? 134  ARG A CA  1 
ATOM   680  C  C   . ARG A 1 86  ? -6.609  -1.142  -7.921  1.00   33.00 ? 134  ARG A C   1 
ATOM   681  O  O   . ARG A 1 86  ? -5.436  -1.215  -7.564  1.00   32.79 ? 134  ARG A O   1 
ATOM   682  C  CB  . ARG A 1 86  ? -8.111  -3.136  -7.786  1.00   27.28 ? 134  ARG A CB  1 
ATOM   683  C  CG  . ARG A 1 86  ? -9.064  -4.065  -8.519  1.00   36.16 ? 134  ARG A CG  1 
ATOM   684  C  CD  . ARG A 1 86  ? -10.145 -4.573  -7.595  1.00   33.92 ? 134  ARG A CD  1 
ATOM   685  N  NE  . ARG A 1 86  ? -11.083 -5.463  -8.276  1.00   28.91 ? 134  ARG A NE  1 
ATOM   686  C  CZ  . ARG A 1 86  ? -11.944 -6.248  -7.638  1.00   31.59 ? 134  ARG A CZ  1 
ATOM   687  N  NH1 . ARG A 1 86  ? -11.972 -6.253  -6.313  1.00   23.82 ? 134  ARG A NH1 1 
ATOM   688  N  NH2 . ARG A 1 86  ? -12.773 -7.028  -8.320  1.00   30.44 ? 134  ARG A NH2 1 
ATOM   689  N  N   . LEU A 1 87  ? -7.385  -0.100  -7.644  1.00   26.27 ? 135  LEU A N   1 
ATOM   690  C  CA  . LEU A 1 87  ? -6.892  1.055   -6.897  1.00   30.51 ? 135  LEU A CA  1 
ATOM   691  C  C   . LEU A 1 87  ? -7.724  1.288   -5.642  1.00   32.26 ? 135  LEU A C   1 
ATOM   692  O  O   . LEU A 1 87  ? -8.915  0.978   -5.612  1.00   29.43 ? 135  LEU A O   1 
ATOM   693  C  CB  . LEU A 1 87  ? -6.942  2.318   -7.762  1.00   31.64 ? 135  LEU A CB  1 
ATOM   694  C  CG  . LEU A 1 87  ? -6.156  2.343   -9.075  1.00   34.91 ? 135  LEU A CG  1 
ATOM   695  C  CD1 . LEU A 1 87  ? -6.545  3.563   -9.901  1.00   38.49 ? 135  LEU A CD1 1 
ATOM   696  C  CD2 . LEU A 1 87  ? -4.662  2.327   -8.809  1.00   33.09 ? 135  LEU A CD2 1 
ATOM   697  N  N   . TYR A 1 88  ? -7.096  1.842   -4.611  1.00   24.77 ? 136  TYR A N   1 
ATOM   698  C  CA  . TYR A 1 88  ? -7.822  2.276   -3.423  1.00   21.20 ? 136  TYR A CA  1 
ATOM   699  C  C   . TYR A 1 88  ? -7.757  3.796   -3.344  1.00   26.37 ? 136  TYR A C   1 
ATOM   700  O  O   . TYR A 1 88  ? -6.693  4.365   -3.111  1.00   24.61 ? 136  TYR A O   1 
ATOM   701  C  CB  . TYR A 1 88  ? -7.228  1.657   -2.152  1.00   22.75 ? 136  TYR A CB  1 
ATOM   702  C  CG  . TYR A 1 88  ? -7.906  2.114   -0.873  1.00   25.46 ? 136  TYR A CG  1 
ATOM   703  C  CD1 . TYR A 1 88  ? -9.065  1.499   -0.420  1.00   28.85 ? 136  TYR A CD1 1 
ATOM   704  C  CD2 . TYR A 1 88  ? -7.393  3.173   -0.129  1.00   26.47 ? 136  TYR A CD2 1 
ATOM   705  C  CE1 . TYR A 1 88  ? -9.689  1.916   0.744   1.00   30.97 ? 136  TYR A CE1 1 
ATOM   706  C  CE2 . TYR A 1 88  ? -8.013  3.597   1.036   1.00   28.62 ? 136  TYR A CE2 1 
ATOM   707  C  CZ  . TYR A 1 88  ? -9.160  2.966   1.465   1.00   30.44 ? 136  TYR A CZ  1 
ATOM   708  O  OH  . TYR A 1 88  ? -9.781  3.383   2.620   1.00   32.23 ? 136  TYR A OH  1 
ATOM   709  N  N   . VAL A 1 89  ? -8.892  4.451   -3.556  1.00   26.49 ? 137  VAL A N   1 
ATOM   710  C  CA  . VAL A 1 89  ? -8.966  5.904   -3.423  1.00   26.73 ? 137  VAL A CA  1 
ATOM   711  C  C   . VAL A 1 89  ? -9.311  6.263   -1.988  1.00   21.22 ? 137  VAL A C   1 
ATOM   712  O  O   . VAL A 1 89  ? -10.266 5.733   -1.421  1.00   24.48 ? 137  VAL A O   1 
ATOM   713  C  CB  . VAL A 1 89  ? -10.029 6.506   -4.362  1.00   29.42 ? 137  VAL A CB  1 
ATOM   714  C  CG1 . VAL A 1 89  ? -10.099 8.018   -4.192  1.00   27.11 ? 137  VAL A CG1 1 
ATOM   715  C  CG2 . VAL A 1 89  ? -9.722  6.143   -5.806  1.00   26.42 ? 137  VAL A CG2 1 
ATOM   716  N  N   . HIS A 1 90  ? -8.535  7.156   -1.386  1.00   24.45 ? 138  HIS A N   1 
ATOM   717  C  CA  . HIS A 1 90  ? -8.837  7.557   -0.016  1.00   26.73 ? 138  HIS A CA  1 
ATOM   718  C  C   . HIS A 1 90  ? -10.227 8.187   0.037   1.00   20.75 ? 138  HIS A C   1 
ATOM   719  O  O   . HIS A 1 90  ? -10.548 9.047   -0.780  1.00   25.54 ? 138  HIS A O   1 
ATOM   720  C  CB  . HIS A 1 90  ? -7.785  8.518   0.536   1.00   24.29 ? 138  HIS A CB  1 
ATOM   721  C  CG  . HIS A 1 90  ? -7.839  8.662   2.023   1.00   31.90 ? 138  HIS A CG  1 
ATOM   722  N  ND1 . HIS A 1 90  ? -8.786  9.435   2.662   1.00   30.90 ? 138  HIS A ND1 1 
ATOM   723  C  CD2 . HIS A 1 90  ? -7.078  8.115   3.001   1.00   27.30 ? 138  HIS A CD2 1 
ATOM   724  C  CE1 . HIS A 1 90  ? -8.598  9.369   3.967   1.00   32.02 ? 138  HIS A CE1 1 
ATOM   725  N  NE2 . HIS A 1 90  ? -7.568  8.574   4.200   1.00   28.44 ? 138  HIS A NE2 1 
ATOM   726  N  N   . PRO A 1 91  ? -11.060 7.739   0.992   1.00   27.52 ? 139  PRO A N   1 
ATOM   727  C  CA  . PRO A 1 91  ? -12.462 8.155   1.138   1.00   30.69 ? 139  PRO A CA  1 
ATOM   728  C  C   . PRO A 1 91  ? -12.660 9.672   1.199   1.00   30.72 ? 139  PRO A C   1 
ATOM   729  O  O   . PRO A 1 91  ? -13.720 10.161  0.802   1.00   27.63 ? 139  PRO A O   1 
ATOM   730  C  CB  . PRO A 1 91  ? -12.877 7.522   2.471   1.00   32.84 ? 139  PRO A CB  1 
ATOM   731  C  CG  . PRO A 1 91  ? -11.981 6.346   2.624   1.00   39.06 ? 139  PRO A CG  1 
ATOM   732  C  CD  . PRO A 1 91  ? -10.674 6.740   2.005   1.00   28.68 ? 139  PRO A CD  1 
ATOM   733  N  N   . ASP A 1 92  ? -11.662 10.402  1.689   1.00   29.16 ? 140  ASP A N   1 
ATOM   734  C  CA  . ASP A 1 92  ? -11.776 11.853  1.826   1.00   34.50 ? 140  ASP A CA  1 
ATOM   735  C  C   . ASP A 1 92  ? -11.605 12.600  0.502   1.00   33.40 ? 140  ASP A C   1 
ATOM   736  O  O   . ASP A 1 92  ? -11.857 13.802  0.430   1.00   34.60 ? 140  ASP A O   1 
ATOM   737  C  CB  . ASP A 1 92  ? -10.764 12.381  2.848   1.00   28.30 ? 140  ASP A CB  1 
ATOM   738  C  CG  . ASP A 1 92  ? -11.065 11.926  4.267   1.00   29.51 ? 140  ASP A CG  1 
ATOM   739  O  OD1 . ASP A 1 92  ? -12.099 11.260  4.482   1.00   36.89 ? 140  ASP A OD1 1 
ATOM   740  O  OD2 . ASP A 1 92  ? -10.257 12.235  5.169   1.00   32.54 ? 140  ASP A OD2 1 
ATOM   741  N  N   . SER A 1 93  ? -11.184 11.888  -0.541  1.00   27.98 ? 141  SER A N   1 
ATOM   742  C  CA  . SER A 1 93  ? -10.870 12.511  -1.827  1.00   25.11 ? 141  SER A CA  1 
ATOM   743  C  C   . SER A 1 93  ? -12.111 12.993  -2.581  1.00   28.77 ? 141  SER A C   1 
ATOM   744  O  O   . SER A 1 93  ? -13.138 12.318  -2.592  1.00   27.39 ? 141  SER A O   1 
ATOM   745  C  CB  . SER A 1 93  ? -10.078 11.541  -2.717  1.00   23.65 ? 141  SER A CB  1 
ATOM   746  O  OG  . SER A 1 93  ? -8.930  11.043  -2.050  1.00   24.15 ? 141  SER A OG  1 
ATOM   747  N  N   . PRO A 1 94  ? -12.018 14.175  -3.215  1.00   30.18 ? 142  PRO A N   1 
ATOM   748  C  CA  . PRO A 1 94  ? -10.870 15.083  -3.132  1.00   28.83 ? 142  PRO A CA  1 
ATOM   749  C  C   . PRO A 1 94  ? -10.986 15.999  -1.921  1.00   33.76 ? 142  PRO A C   1 
ATOM   750  O  O   . PRO A 1 94  ? -12.091 16.228  -1.428  1.00   32.71 ? 142  PRO A O   1 
ATOM   751  C  CB  . PRO A 1 94  ? -10.987 15.923  -4.414  1.00   28.94 ? 142  PRO A CB  1 
ATOM   752  C  CG  . PRO A 1 94  ? -12.096 15.287  -5.228  1.00   35.05 ? 142  PRO A CG  1 
ATOM   753  C  CD  . PRO A 1 94  ? -12.982 14.624  -4.230  1.00   32.11 ? 142  PRO A CD  1 
ATOM   754  N  N   . ALA A 1 95  ? -9.860  16.521  -1.452  1.00   29.29 ? 143  ALA A N   1 
ATOM   755  C  CA  . ALA A 1 95  ? -9.857  17.425  -0.309  1.00   28.25 ? 143  ALA A CA  1 
ATOM   756  C  C   . ALA A 1 95  ? -8.742  18.447  -0.458  1.00   29.23 ? 143  ALA A C   1 
ATOM   757  O  O   . ALA A 1 95  ? -7.792  18.232  -1.214  1.00   26.30 ? 143  ALA A O   1 
ATOM   758  C  CB  . ALA A 1 95  ? -9.698  16.645  0.986   1.00   27.41 ? 143  ALA A CB  1 
ATOM   759  N  N   . THR A 1 96  ? -8.864  19.563  0.254   1.00   29.06 ? 144  THR A N   1 
ATOM   760  C  CA  . THR A 1 96  ? -7.858  20.612  0.197   1.00   30.14 ? 144  THR A CA  1 
ATOM   761  C  C   . THR A 1 96  ? -6.548  20.117  0.792   1.00   30.36 ? 144  THR A C   1 
ATOM   762  O  O   . THR A 1 96  ? -6.544  19.226  1.640   1.00   29.07 ? 144  THR A O   1 
ATOM   763  C  CB  . THR A 1 96  ? -8.302  21.869  0.976   1.00   33.32 ? 144  THR A CB  1 
ATOM   764  O  OG1 . THR A 1 96  ? -8.465  21.545  2.362   1.00   29.75 ? 144  THR A OG1 1 
ATOM   765  C  CG2 . THR A 1 96  ? -9.619  22.399  0.429   1.00   35.58 ? 144  THR A CG2 1 
ATOM   766  N  N   . GLY A 1 97  ? -5.441  20.700  0.348   1.00   29.55 ? 145  GLY A N   1 
ATOM   767  C  CA  . GLY A 1 97  ? -4.146  20.396  0.924   1.00   32.38 ? 145  GLY A CA  1 
ATOM   768  C  C   . GLY A 1 97  ? -4.183  20.598  2.425   1.00   37.16 ? 145  GLY A C   1 
ATOM   769  O  O   . GLY A 1 97  ? -3.586  19.830  3.181   1.00   29.86 ? 145  GLY A O   1 
ATOM   770  N  N   . ALA A 1 98  ? -4.893  21.639  2.855   1.00   30.11 ? 146  ALA A N   1 
ATOM   771  C  CA  . ALA A 1 98  ? -5.061  21.927  4.273   1.00   32.09 ? 146  ALA A CA  1 
ATOM   772  C  C   . ALA A 1 98  ? -5.643  20.733  5.020   1.00   32.27 ? 146  ALA A C   1 
ATOM   773  O  O   . ALA A 1 98  ? -5.184  20.389  6.106   1.00   32.68 ? 146  ALA A O   1 
ATOM   774  C  CB  . ALA A 1 98  ? -5.942  23.164  4.468   1.00   38.35 ? 146  ALA A CB  1 
ATOM   775  N  N   . HIS A 1 99  ? -6.657  20.103  4.436   1.00   31.08 ? 147  HIS A N   1 
ATOM   776  C  CA  . HIS A 1 99  ? -7.273  18.935  5.053   1.00   34.45 ? 147  HIS A CA  1 
ATOM   777  C  C   . HIS A 1 99  ? -6.298  17.766  5.159   1.00   31.25 ? 147  HIS A C   1 
ATOM   778  O  O   . HIS A 1 99  ? -6.168  17.152  6.220   1.00   31.93 ? 147  HIS A O   1 
ATOM   779  C  CB  . HIS A 1 99  ? -8.521  18.491  4.288   1.00   29.31 ? 147  HIS A CB  1 
ATOM   780  C  CG  . HIS A 1 99  ? -9.093  17.200  4.785   1.00   40.74 ? 147  HIS A CG  1 
ATOM   781  N  ND1 . HIS A 1 99  ? -9.934  17.129  5.875   1.00   33.28 ? 147  HIS A ND1 1 
ATOM   782  C  CD2 . HIS A 1 99  ? -8.924  15.926  4.355   1.00   29.22 ? 147  HIS A CD2 1 
ATOM   783  C  CE1 . HIS A 1 99  ? -10.269 15.868  6.088   1.00   38.79 ? 147  HIS A CE1 1 
ATOM   784  N  NE2 . HIS A 1 99  ? -9.669  15.119  5.180   1.00   31.66 ? 147  HIS A NE2 1 
ATOM   785  N  N   . TRP A 1 100 ? -5.621  17.460  4.057   1.00   31.46 ? 148  TRP A N   1 
ATOM   786  C  CA  . TRP A 1 100 ? -4.677  16.343  4.025   1.00   32.49 ? 148  TRP A CA  1 
ATOM   787  C  C   . TRP A 1 100 ? -3.529  16.521  5.019   1.00   35.28 ? 148  TRP A C   1 
ATOM   788  O  O   . TRP A 1 100 ? -3.033  15.543  5.587   1.00   30.33 ? 148  TRP A O   1 
ATOM   789  C  CB  . TRP A 1 100 ? -4.102  16.151  2.617   1.00   26.47 ? 148  TRP A CB  1 
ATOM   790  C  CG  . TRP A 1 100 ? -5.103  15.746  1.576   1.00   24.29 ? 148  TRP A CG  1 
ATOM   791  C  CD1 . TRP A 1 100 ? -5.472  16.463  0.476   1.00   28.36 ? 148  TRP A CD1 1 
ATOM   792  C  CD2 . TRP A 1 100 ? -5.862  14.529  1.535   1.00   26.75 ? 148  TRP A CD2 1 
ATOM   793  N  NE1 . TRP A 1 100 ? -6.411  15.767  -0.250  1.00   30.10 ? 148  TRP A NE1 1 
ATOM   794  C  CE2 . TRP A 1 100 ? -6.671  14.580  0.380   1.00   23.97 ? 148  TRP A CE2 1 
ATOM   795  C  CE3 . TRP A 1 100 ? -5.938  13.404  2.364   1.00   35.73 ? 148  TRP A CE3 1 
ATOM   796  C  CZ2 . TRP A 1 100 ? -7.541  13.548  0.029   1.00   28.24 ? 148  TRP A CZ2 1 
ATOM   797  C  CZ3 . TRP A 1 100 ? -6.806  12.375  2.012   1.00   31.14 ? 148  TRP A CZ3 1 
ATOM   798  C  CH2 . TRP A 1 100 ? -7.592  12.456  0.852   1.00   27.60 ? 148  TRP A CH2 1 
ATOM   799  N  N   . MET A 1 101 ? -3.108  17.767  5.224   1.00   29.64 ? 149  MET A N   1 
ATOM   800  C  CA  . MET A 1 101 ? -1.947  18.052  6.069   1.00   34.56 ? 149  MET A CA  1 
ATOM   801  C  C   . MET A 1 101 ? -2.293  18.164  7.553   1.00   36.01 ? 149  MET A C   1 
ATOM   802  O  O   . MET A 1 101 ? -1.407  18.132  8.411   1.00   33.23 ? 149  MET A O   1 
ATOM   803  C  CB  . MET A 1 101 ? -1.241  19.327  5.597   1.00   35.17 ? 149  MET A CB  1 
ATOM   804  C  CG  . MET A 1 101 ? -0.604  19.208  4.222   1.00   31.91 ? 149  MET A CG  1 
ATOM   805  S  SD  . MET A 1 101 ? 0.433   20.624  3.797   1.00   38.39 ? 149  MET A SD  1 
ATOM   806  C  CE  . MET A 1 101 ? -0.770  21.955  3.810   1.00   33.68 ? 149  MET A CE  1 
ATOM   807  N  N   . ARG A 1 102 ? -3.584  18.280  7.850   1.00   35.99 ? 150  ARG A N   1 
ATOM   808  C  CA  . ARG A 1 102 ? -4.040  18.535  9.213   1.00   38.44 ? 150  ARG A CA  1 
ATOM   809  C  C   . ARG A 1 102 ? -3.696  17.387  10.162  1.00   43.92 ? 150  ARG A C   1 
ATOM   810  O  O   . ARG A 1 102 ? -3.277  17.616  11.296  1.00   35.39 ? 150  ARG A O   1 
ATOM   811  C  CB  . ARG A 1 102 ? -5.545  18.817  9.218   1.00   39.67 ? 150  ARG A CB  1 
ATOM   812  C  CG  . ARG A 1 102 ? -6.013  19.764  10.308  1.00   47.95 ? 150  ARG A CG  1 
ATOM   813  C  CD  . ARG A 1 102 ? -7.330  20.414  9.911   0.0000 44.28 ? 150  ARG A CD  1 
ATOM   814  N  NE  . ARG A 1 102 ? -7.145  21.444  8.891   0.0000 42.12 ? 150  ARG A NE  1 
ATOM   815  C  CZ  . ARG A 1 102 ? -8.083  21.818  8.025   0.0000 41.30 ? 150  ARG A CZ  1 
ATOM   816  N  NH1 . ARG A 1 102 ? -9.274  21.236  8.040   0.0000 40.89 ? 150  ARG A NH1 1 
ATOM   817  N  NH2 . ARG A 1 102 ? -7.824  22.767  7.135   0.0000 40.41 ? 150  ARG A NH2 1 
ATOM   818  N  N   . GLN A 1 103 ? -3.870  16.153  9.697   1.00   39.83 ? 151  GLN A N   1 
ATOM   819  C  CA  . GLN A 1 103 ? -3.510  14.979  10.487  1.00   35.00 ? 151  GLN A CA  1 
ATOM   820  C  C   . GLN A 1 103 ? -2.966  13.877  9.584   1.00   32.71 ? 151  GLN A C   1 
ATOM   821  O  O   . GLN A 1 103 ? -2.870  14.055  8.371   1.00   29.65 ? 151  GLN A O   1 
ATOM   822  C  CB  . GLN A 1 103 ? -4.714  14.459  11.275  1.00   32.98 ? 151  GLN A CB  1 
ATOM   823  C  CG  . GLN A 1 103 ? -5.851  13.923  10.409  1.00   44.09 ? 151  GLN A CG  1 
ATOM   824  C  CD  . GLN A 1 103 ? -6.745  15.024  9.859   1.00   54.75 ? 151  GLN A CD  1 
ATOM   825  O  OE1 . GLN A 1 103 ? -7.256  15.858  10.609  1.00   51.38 ? 151  GLN A OE1 1 
ATOM   826  N  NE2 . GLN A 1 103 ? -6.949  15.020  8.545   1.00   44.20 ? 151  GLN A NE2 1 
ATOM   827  N  N   . LEU A 1 104 ? -2.611  12.742  10.176  1.00   32.48 ? 152  LEU A N   1 
ATOM   828  C  CA  . LEU A 1 104 ? -2.127  11.603  9.406   1.00   31.03 ? 152  LEU A CA  1 
ATOM   829  C  C   . LEU A 1 104 ? -3.132  11.188  8.338   1.00   31.89 ? 152  LEU A C   1 
ATOM   830  O  O   . LEU A 1 104 ? -4.346  11.262  8.544   1.00   32.52 ? 152  LEU A O   1 
ATOM   831  C  CB  . LEU A 1 104 ? -1.828  10.413  10.319  1.00   33.72 ? 152  LEU A CB  1 
ATOM   832  C  CG  . LEU A 1 104 ? -0.541  10.475  11.142  1.00   36.51 ? 152  LEU A CG  1 
ATOM   833  C  CD1 . LEU A 1 104 ? -0.400  9.233   12.012  1.00   39.44 ? 152  LEU A CD1 1 
ATOM   834  C  CD2 . LEU A 1 104 ? 0.665   10.635  10.237  1.00   38.17 ? 152  LEU A CD2 1 
ATOM   835  N  N   . VAL A 1 105 ? -2.620  10.751  7.195   1.00   32.06 ? 153  VAL A N   1 
ATOM   836  C  CA  . VAL A 1 105 ? -3.464  10.174  6.155   1.00   26.20 ? 153  VAL A CA  1 
ATOM   837  C  C   . VAL A 1 105 ? -3.405  8.653   6.269   1.00   26.61 ? 153  VAL A C   1 
ATOM   838  O  O   . VAL A 1 105 ? -2.394  8.042   5.938   1.00   26.75 ? 153  VAL A O   1 
ATOM   839  C  CB  . VAL A 1 105 ? -3.007  10.607  4.755   1.00   26.45 ? 153  VAL A CB  1 
ATOM   840  C  CG1 . VAL A 1 105 ? -3.972  10.088  3.698   1.00   24.78 ? 153  VAL A CG1 1 
ATOM   841  C  CG2 . VAL A 1 105 ? -2.886  12.128  4.674   1.00   26.33 ? 153  VAL A CG2 1 
ATOM   842  N  N   . SER A 1 106 ? -4.489  8.051   6.747   1.00   30.86 ? 154  SER A N   1 
ATOM   843  C  CA  . SER A 1 106 ? -4.516  6.617   7.006   1.00   23.91 ? 154  SER A CA  1 
ATOM   844  C  C   . SER A 1 106 ? -5.201  5.845   5.888   1.00   28.54 ? 154  SER A C   1 
ATOM   845  O  O   . SER A 1 106 ? -6.260  6.240   5.406   1.00   24.09 ? 154  SER A O   1 
ATOM   846  C  CB  . SER A 1 106 ? -5.226  6.328   8.330   1.00   30.22 ? 154  SER A CB  1 
ATOM   847  O  OG  . SER A 1 106 ? -5.483  4.943   8.476   1.00   31.52 ? 154  SER A OG  1 
ATOM   848  N  N   . PHE A 1 107 ? -4.585  4.736   5.492   1.00   27.85 ? 155  PHE A N   1 
ATOM   849  C  CA  . PHE A 1 107 ? -5.155  3.834   4.498   1.00   22.12 ? 155  PHE A CA  1 
ATOM   850  C  C   . PHE A 1 107 ? -5.436  2.482   5.156   1.00   28.07 ? 155  PHE A C   1 
ATOM   851  O  O   . PHE A 1 107 ? -5.418  1.445   4.498   1.00   27.28 ? 155  PHE A O   1 
ATOM   852  C  CB  . PHE A 1 107 ? -4.180  3.651   3.334   1.00   23.86 ? 155  PHE A CB  1 
ATOM   853  C  CG  . PHE A 1 107 ? -4.089  4.844   2.432   1.00   22.75 ? 155  PHE A CG  1 
ATOM   854  C  CD1 . PHE A 1 107 ? -3.243  5.898   2.735   1.00   25.77 ? 155  PHE A CD1 1 
ATOM   855  C  CD2 . PHE A 1 107 ? -4.852  4.914   1.282   1.00   24.10 ? 155  PHE A CD2 1 
ATOM   856  C  CE1 . PHE A 1 107 ? -3.159  7.002   1.907   1.00   31.19 ? 155  PHE A CE1 1 
ATOM   857  C  CE2 . PHE A 1 107 ? -4.774  6.013   0.448   1.00   31.82 ? 155  PHE A CE2 1 
ATOM   858  C  CZ  . PHE A 1 107 ? -3.925  7.060   0.762   1.00   27.18 ? 155  PHE A CZ  1 
ATOM   859  N  N   . GLN A 1 108 ? -5.699  2.505   6.458   1.00   23.41 ? 156  GLN A N   1 
ATOM   860  C  CA  . GLN A 1 108 ? -5.881  1.281   7.235   1.00   25.24 ? 156  GLN A CA  1 
ATOM   861  C  C   . GLN A 1 108 ? -7.111  0.476   6.820   1.00   24.45 ? 156  GLN A C   1 
ATOM   862  O  O   . GLN A 1 108 ? -7.210  -0.710  7.133   1.00   27.33 ? 156  GLN A O   1 
ATOM   863  C  CB  . GLN A 1 108 ? -5.956  1.610   8.728   1.00   28.80 ? 156  GLN A CB  1 
ATOM   864  C  CG  . GLN A 1 108 ? -7.115  2.514   9.096   1.00   35.41 ? 156  GLN A CG  1 
ATOM   865  C  CD  . GLN A 1 108 ? -7.055  2.966   10.541  1.00   43.24 ? 156  GLN A CD  1 
ATOM   866  O  OE1 . GLN A 1 108 ? -7.324  2.190   11.459  1.00   53.18 ? 156  GLN A OE1 1 
ATOM   867  N  NE2 . GLN A 1 108 ? -6.702  4.228   10.751  1.00   32.98 ? 156  GLN A NE2 1 
ATOM   868  N  N   . LYS A 1 109 ? -8.049  1.119   6.130   1.00   26.48 ? 157  LYS A N   1 
ATOM   869  C  CA  . LYS A 1 109 ? -9.261  0.438   5.676   1.00   29.01 ? 157  LYS A CA  1 
ATOM   870  C  C   . LYS A 1 109 ? -9.018  -0.424  4.438   1.00   28.93 ? 157  LYS A C   1 
ATOM   871  O  O   . LYS A 1 109 ? -9.848  -1.261  4.084   1.00   31.55 ? 157  LYS A O   1 
ATOM   872  C  CB  . LYS A 1 109 ? -10.379 1.447   5.398   1.00   32.01 ? 157  LYS A CB  1 
ATOM   873  C  CG  . LYS A 1 109 ? -10.906 2.139   6.646   1.00   39.50 ? 157  LYS A CG  1 
ATOM   874  C  CD  . LYS A 1 109 ? -12.162 2.942   6.348   0.0000 38.06 ? 157  LYS A CD  1 
ATOM   875  C  CE  . LYS A 1 109 ? -12.740 3.555   7.613   0.0000 40.48 ? 157  LYS A CE  1 
ATOM   876  N  NZ  . LYS A 1 109 ? -14.010 4.285   7.344   0.0000 41.37 ? 157  LYS A NZ  1 
ATOM   877  N  N   . LEU A 1 110 ? -7.880  -0.216  3.783   1.00   27.14 ? 158  LEU A N   1 
ATOM   878  C  CA  . LEU A 1 110 ? -7.534  -0.978  2.585   1.00   27.66 ? 158  LEU A CA  1 
ATOM   879  C  C   . LEU A 1 110 ? -7.461  -2.471  2.917   1.00   26.85 ? 158  LEU A C   1 
ATOM   880  O  O   . LEU A 1 110 ? -6.876  -2.857  3.929   1.00   25.79 ? 158  LEU A O   1 
ATOM   881  C  CB  . LEU A 1 110 ? -6.206  -0.472  2.008   1.00   22.27 ? 158  LEU A CB  1 
ATOM   882  C  CG  . LEU A 1 110 ? -5.685  -1.068  0.694   1.00   27.32 ? 158  LEU A CG  1 
ATOM   883  C  CD1 . LEU A 1 110 ? -4.812  -0.062  -0.037  1.00   28.03 ? 158  LEU A CD1 1 
ATOM   884  C  CD2 . LEU A 1 110 ? -4.922  -2.361  0.931   1.00   23.88 ? 158  LEU A CD2 1 
ATOM   885  N  N   . LYS A 1 111 ? -8.071  -3.304  2.074   1.00   24.99 ? 159  LYS A N   1 
ATOM   886  C  CA  . LYS A 1 111 ? -8.093  -4.747  2.310   1.00   21.20 ? 159  LYS A CA  1 
ATOM   887  C  C   . LYS A 1 111 ? -7.497  -5.544  1.152   1.00   20.56 ? 159  LYS A C   1 
ATOM   888  O  O   . LYS A 1 111 ? -7.629  -5.160  -0.011  1.00   18.98 ? 159  LYS A O   1 
ATOM   889  C  CB  . LYS A 1 111 ? -9.515  -5.236  2.594   1.00   25.07 ? 159  LYS A CB  1 
ATOM   890  C  CG  . LYS A 1 111 ? -10.032 -4.868  3.980   1.00   25.37 ? 159  LYS A CG  1 
ATOM   891  C  CD  . LYS A 1 111 ? -11.357 -5.549  4.274   1.00   27.34 ? 159  LYS A CD  1 
ATOM   892  C  CE  . LYS A 1 111 ? -11.876 -5.161  5.652   1.00   35.15 ? 159  LYS A CE  1 
ATOM   893  N  NZ  . LYS A 1 111 ? -13.193 -5.790  5.945   1.00   45.99 ? 159  LYS A NZ  1 
ATOM   894  N  N   . LEU A 1 112 ? -6.854  -6.659  1.490   1.00   20.08 ? 160  LEU A N   1 
ATOM   895  C  CA  . LEU A 1 112 ? -6.228  -7.542  0.509   1.00   21.30 ? 160  LEU A CA  1 
ATOM   896  C  C   . LEU A 1 112 ? -7.024  -8.833  0.373   1.00   20.28 ? 160  LEU A C   1 
ATOM   897  O  O   . LEU A 1 112 ? -7.433  -9.419  1.374   1.00   20.76 ? 160  LEU A O   1 
ATOM   898  C  CB  . LEU A 1 112 ? -4.803  -7.888  0.942   1.00   18.58 ? 160  LEU A CB  1 
ATOM   899  C  CG  . LEU A 1 112 ? -3.878  -6.726  1.298   1.00   17.20 ? 160  LEU A CG  1 
ATOM   900  C  CD1 . LEU A 1 112 ? -2.502  -7.251  1.708   1.00   24.10 ? 160  LEU A CD1 1 
ATOM   901  C  CD2 . LEU A 1 112 ? -3.776  -5.728  0.151   1.00   16.64 ? 160  LEU A CD2 1 
ATOM   902  N  N   . THR A 1 113 ? -7.220  -9.284  -0.862  1.00   18.21 ? 161  THR A N   1 
ATOM   903  C  CA  . THR A 1 113 ? -7.982  -10.505 -1.121  1.00   17.62 ? 161  THR A CA  1 
ATOM   904  C  C   . THR A 1 113 ? -7.292  -11.399 -2.149  1.00   19.61 ? 161  THR A C   1 
ATOM   905  O  O   . THR A 1 113 ? -6.505  -10.929 -2.974  1.00   16.39 ? 161  THR A O   1 
ATOM   906  C  CB  . THR A 1 113 ? -9.405  -10.175 -1.624  1.00   24.52 ? 161  THR A CB  1 
ATOM   907  O  OG1 . THR A 1 113 ? -10.158 -11.385 -1.799  1.00   25.91 ? 161  THR A OG1 1 
ATOM   908  C  CG2 . THR A 1 113 ? -9.340  -9.433  -2.945  1.00   20.77 ? 161  THR A CG2 1 
ATOM   909  N  N   . ASN A 1 114 ? -7.585  -12.695 -2.091  1.00   18.08 ? 162  ASN A N   1 
ATOM   910  C  CA  . ASN A 1 114 ? -7.098  -13.625 -3.106  1.00   15.70 ? 162  ASN A CA  1 
ATOM   911  C  C   . ASN A 1 114 ? -8.189  -14.012 -4.107  1.00   23.54 ? 162  ASN A C   1 
ATOM   912  O  O   . ASN A 1 114 ? -7.952  -14.790 -5.036  1.00   20.28 ? 162  ASN A O   1 
ATOM   913  C  CB  . ASN A 1 114 ? -6.470  -14.871 -2.464  1.00   16.01 ? 162  ASN A CB  1 
ATOM   914  C  CG  . ASN A 1 114 ? -7.409  -15.579 -1.494  1.00   25.75 ? 162  ASN A CG  1 
ATOM   915  O  OD1 . ASN A 1 114 ? -7.084  -16.650 -0.977  1.00   29.18 ? 162  ASN A OD1 1 
ATOM   916  N  ND2 . ASN A 1 114 ? -8.575  -14.991 -1.246  1.00   16.73 ? 162  ASN A ND2 1 
ATOM   917  N  N   . ASN A 1 115 ? -9.378  -13.443 -3.920  1.00   19.65 ? 163  ASN A N   1 
ATOM   918  C  CA  . ASN A 1 115 ? -10.530 -13.743 -4.766  1.00   22.12 ? 163  ASN A CA  1 
ATOM   919  C  C   . ASN A 1 115 ? -10.529 -12.927 -6.056  1.00   21.79 ? 163  ASN A C   1 
ATOM   920  O  O   . ASN A 1 115 ? -10.812 -11.726 -6.041  1.00   22.94 ? 163  ASN A O   1 
ATOM   921  C  CB  . ASN A 1 115 ? -11.836 -13.511 -3.994  1.00   23.61 ? 163  ASN A CB  1 
ATOM   922  C  CG  . ASN A 1 115 ? -13.069 -13.899 -4.799  1.00   24.33 ? 163  ASN A CG  1 
ATOM   923  O  OD1 . ASN A 1 115 ? -12.965 -14.461 -5.887  1.00   25.01 ? 163  ASN A OD1 1 
ATOM   924  N  ND2 . ASN A 1 115 ? -14.244 -13.600 -4.258  1.00   26.06 ? 163  ASN A ND2 1 
ATOM   925  N  N   . HIS A 1 116 ? -10.212 -13.580 -7.169  1.00   16.91 ? 164  HIS A N   1 
ATOM   926  C  CA  . HIS A 1 116 ? -10.157 -12.897 -8.459  1.00   21.53 ? 164  HIS A CA  1 
ATOM   927  C  C   . HIS A 1 116 ? -11.528 -12.440 -8.955  1.00   24.16 ? 164  HIS A C   1 
ATOM   928  O  O   . HIS A 1 116 ? -11.624 -11.674 -9.910  1.00   25.11 ? 164  HIS A O   1 
ATOM   929  C  CB  . HIS A 1 116 ? -9.463  -13.774 -9.499  1.00   24.97 ? 164  HIS A CB  1 
ATOM   930  C  CG  . HIS A 1 116 ? -7.991  -13.905 -9.274  1.00   29.21 ? 164  HIS A CG  1 
ATOM   931  N  ND1 . HIS A 1 116 ? -7.057  -13.623 -10.246 1.00   38.72 ? 164  HIS A ND1 1 
ATOM   932  C  CD2 . HIS A 1 116 ? -7.289  -14.261 -8.171  1.00   23.21 ? 164  HIS A CD2 1 
ATOM   933  C  CE1 . HIS A 1 116 ? -5.844  -13.817 -9.760  1.00   38.68 ? 164  HIS A CE1 1 
ATOM   934  N  NE2 . HIS A 1 116 ? -5.957  -14.204 -8.502  1.00   29.68 ? 164  HIS A NE2 1 
ATOM   935  N  N   . LEU A 1 117 ? -12.582 -12.907 -8.296  1.00   23.76 ? 165  LEU A N   1 
ATOM   936  C  CA  . LEU A 1 117 ? -13.936 -12.465 -8.616  1.00   27.66 ? 165  LEU A CA  1 
ATOM   937  C  C   . LEU A 1 117 ? -14.510 -11.624 -7.482  1.00   26.95 ? 165  LEU A C   1 
ATOM   938  O  O   . LEU A 1 117 ? -15.725 -11.522 -7.330  1.00   27.13 ? 165  LEU A O   1 
ATOM   939  C  CB  . LEU A 1 117 ? -14.845 -13.666 -8.892  1.00   24.15 ? 165  LEU A CB  1 
ATOM   940  C  CG  . LEU A 1 117 ? -14.446 -14.563 -10.069 1.00   24.15 ? 165  LEU A CG  1 
ATOM   941  C  CD1 . LEU A 1 117 ? -15.426 -15.719 -10.219 1.00   26.14 ? 165  LEU A CD1 1 
ATOM   942  C  CD2 . LEU A 1 117 ? -14.358 -13.759 -11.367 1.00   29.42 ? 165  LEU A CD2 1 
ATOM   943  N  N   . ASP A 1 118 ? -13.630 -11.025 -6.684  1.00   26.58 ? 166  ASP A N   1 
ATOM   944  C  CA  . ASP A 1 118 ? -14.053 -10.198 -5.556  1.00   22.24 ? 166  ASP A CA  1 
ATOM   945  C  C   . ASP A 1 118 ? -15.023 -9.098  -5.987  1.00   24.18 ? 166  ASP A C   1 
ATOM   946  O  O   . ASP A 1 118 ? -14.742 -8.342  -6.918  1.00   26.67 ? 166  ASP A O   1 
ATOM   947  C  CB  . ASP A 1 118 ? -12.842 -9.563  -4.867  1.00   23.72 ? 166  ASP A CB  1 
ATOM   948  C  CG  . ASP A 1 118 ? -13.241 -8.518  -3.842  1.00   22.90 ? 166  ASP A CG  1 
ATOM   949  O  OD1 . ASP A 1 118 ? -13.865 -8.891  -2.824  1.00   24.39 ? 166  ASP A OD1 1 
ATOM   950  O  OD2 . ASP A 1 118 ? -12.930 -7.322  -4.052  1.00   22.68 ? 166  ASP A OD2 1 
ATOM   951  N  N   . PRO A 1 119 ? -16.172 -9.007  -5.302  1.00   25.28 ? 167  PRO A N   1 
ATOM   952  C  CA  . PRO A 1 119 ? -17.209 -8.020  -5.616  1.00   28.93 ? 167  PRO A CA  1 
ATOM   953  C  C   . PRO A 1 119 ? -17.080 -6.743  -4.785  1.00   35.42 ? 167  PRO A C   1 
ATOM   954  O  O   . PRO A 1 119 ? -17.772 -5.765  -5.066  1.00   33.18 ? 167  PRO A O   1 
ATOM   955  C  CB  . PRO A 1 119 ? -18.509 -8.742  -5.222  1.00   31.43 ? 167  PRO A CB  1 
ATOM   956  C  CG  . PRO A 1 119 ? -18.091 -10.080 -4.623  1.00   37.76 ? 167  PRO A CG  1 
ATOM   957  C  CD  . PRO A 1 119 ? -16.639 -9.973  -4.299  1.00   29.31 ? 167  PRO A CD  1 
ATOM   958  N  N   . PHE A 1 120 ? -16.211 -6.756  -3.780  1.00   33.48 ? 168  PHE A N   1 
ATOM   959  C  CA  . PHE A 1 120 ? -16.138 -5.656  -2.822  1.00   31.05 ? 168  PHE A CA  1 
ATOM   960  C  C   . PHE A 1 120 ? -15.180 -4.543  -3.240  1.00   32.91 ? 168  PHE A C   1 
ATOM   961  O  O   . PHE A 1 120 ? -15.134 -3.489  -2.607  1.00   32.10 ? 168  PHE A O   1 
ATOM   962  C  CB  . PHE A 1 120 ? -15.752 -6.178  -1.438  1.00   29.26 ? 168  PHE A CB  1 
ATOM   963  C  CG  . PHE A 1 120 ? -16.673 -7.240  -0.913  1.00   34.25 ? 168  PHE A CG  1 
ATOM   964  C  CD1 . PHE A 1 120 ? -18.001 -6.951  -0.646  1.00   43.22 ? 168  PHE A CD1 1 
ATOM   965  C  CD2 . PHE A 1 120 ? -16.212 -8.523  -0.679  1.00   32.26 ? 168  PHE A CD2 1 
ATOM   966  C  CE1 . PHE A 1 120 ? -18.853 -7.925  -0.162  1.00   43.99 ? 168  PHE A CE1 1 
ATOM   967  C  CE2 . PHE A 1 120 ? -17.057 -9.501  -0.194  1.00   42.64 ? 168  PHE A CE2 1 
ATOM   968  C  CZ  . PHE A 1 120 ? -18.381 -9.201  0.065   1.00   48.91 ? 168  PHE A CZ  1 
ATOM   969  N  N   . GLY A 1 121 ? -14.411 -4.779  -4.297  1.00   26.81 ? 169  GLY A N   1 
ATOM   970  C  CA  . GLY A 1 121 ? -13.460 -3.789  -4.772  1.00   27.00 ? 169  GLY A CA  1 
ATOM   971  C  C   . GLY A 1 121 ? -12.170 -3.750  -3.969  1.00   23.50 ? 169  GLY A C   1 
ATOM   972  O  O   . GLY A 1 121 ? -11.446 -2.749  -3.982  1.00   25.66 ? 169  GLY A O   1 
ATOM   973  N  N   . HIS A 1 122 ? -11.881 -4.840  -3.263  1.00   22.73 ? 170  HIS A N   1 
ATOM   974  C  CA  . HIS A 1 122 ? -10.625 -4.965  -2.535  1.00   24.54 ? 170  HIS A CA  1 
ATOM   975  C  C   . HIS A 1 122 ? -9.489  -5.178  -3.527  1.00   21.69 ? 170  HIS A C   1 
ATOM   976  O  O   . HIS A 1 122 ? -9.726  -5.472  -4.699  1.00   25.52 ? 170  HIS A O   1 
ATOM   977  C  CB  . HIS A 1 122 ? -10.676 -6.137  -1.551  1.00   23.94 ? 170  HIS A CB  1 
ATOM   978  C  CG  . HIS A 1 122 ? -11.719 -5.992  -0.486  1.00   29.00 ? 170  HIS A CG  1 
ATOM   979  N  ND1 . HIS A 1 122 ? -12.087 -4.769  0.037   1.00   31.32 ? 170  HIS A ND1 1 
ATOM   980  C  CD2 . HIS A 1 122 ? -12.457 -6.918  0.170   1.00   30.05 ? 170  HIS A CD2 1 
ATOM   981  C  CE1 . HIS A 1 122 ? -13.013 -4.950  0.962   1.00   27.63 ? 170  HIS A CE1 1 
ATOM   982  N  NE2 . HIS A 1 122 ? -13.253 -6.246  1.065   1.00   31.44 ? 170  HIS A NE2 1 
ATOM   983  N  N   A ILE A 1 123 ? -8.252  -5.026  -3.064  0.50   17.04 ? 171  ILE A N   1 
ATOM   984  N  N   B ILE A 1 123 ? -8.258  -5.032  -3.047  0.50   17.12 ? 171  ILE A N   1 
ATOM   985  C  CA  A ILE A 1 123 ? -7.097  -5.227  -3.936  0.50   18.01 ? 171  ILE A CA  1 
ATOM   986  C  CA  B ILE A 1 123 ? -7.077  -5.251  -3.876  0.50   18.03 ? 171  ILE A CA  1 
ATOM   987  C  C   A ILE A 1 123 ? -6.733  -6.708  -4.036  0.50   20.58 ? 171  ILE A C   1 
ATOM   988  C  C   B ILE A 1 123 ? -6.802  -6.747  -4.015  0.50   20.56 ? 171  ILE A C   1 
ATOM   989  O  O   A ILE A 1 123 ? -6.377  -7.342  -3.043  0.50   20.51 ? 171  ILE A O   1 
ATOM   990  O  O   B ILE A 1 123 ? -6.573  -7.433  -3.022  0.50   20.61 ? 171  ILE A O   1 
ATOM   991  C  CB  A ILE A 1 123 ? -5.878  -4.405  -3.475  0.50   18.71 ? 171  ILE A CB  1 
ATOM   992  C  CB  B ILE A 1 123 ? -5.834  -4.570  -3.268  0.50   18.25 ? 171  ILE A CB  1 
ATOM   993  C  CG1 A ILE A 1 123 ? -6.158  -2.908  -3.647  0.50   21.68 ? 171  ILE A CG1 1 
ATOM   994  C  CG1 B ILE A 1 123 ? -6.119  -3.092  -2.978  0.50   22.27 ? 171  ILE A CG1 1 
ATOM   995  C  CG2 A ILE A 1 123 ? -4.636  -4.800  -4.261  0.50   20.22 ? 171  ILE A CG2 1 
ATOM   996  C  CG2 B ILE A 1 123 ? -4.635  -4.713  -4.196  0.50   20.22 ? 171  ILE A CG2 1 
ATOM   997  C  CD1 A ILE A 1 123 ? -4.959  -2.023  -3.405  0.50   17.72 ? 171  ILE A CD1 1 
ATOM   998  C  CD1 B ILE A 1 123 ? -6.495  -2.291  -4.204  0.50   19.79 ? 171  ILE A CD1 1 
ATOM   999  N  N   . ILE A 1 124 ? -6.826  -7.247  -5.245  1.00   19.05 ? 172  ILE A N   1 
ATOM   1000 C  CA  . ILE A 1 124 ? -6.587  -8.667  -5.495  1.00   13.86 ? 172  ILE A CA  1 
ATOM   1001 C  C   . ILE A 1 124 ? -5.097  -8.971  -5.688  1.00   20.51 ? 172  ILE A C   1 
ATOM   1002 O  O   . ILE A 1 124 ? -4.438  -8.391  -6.561  1.00   20.22 ? 172  ILE A O   1 
ATOM   1003 C  CB  . ILE A 1 124 ? -7.363  -9.141  -6.749  1.00   21.41 ? 172  ILE A CB  1 
ATOM   1004 C  CG1 . ILE A 1 124 ? -8.860  -8.833  -6.604  1.00   20.30 ? 172  ILE A CG1 1 
ATOM   1005 C  CG2 . ILE A 1 124 ? -7.103  -10.634 -7.022  1.00   19.65 ? 172  ILE A CG2 1 
ATOM   1006 C  CD1 . ILE A 1 124 ? -9.645  -8.950  -7.906  1.00   23.66 ? 172  ILE A CD1 1 
ATOM   1007 N  N   . LEU A 1 125 ? -4.574  -9.880  -4.866  1.00   16.96 ? 173  LEU A N   1 
ATOM   1008 C  CA  . LEU A 1 125 ? -3.183  -10.319 -4.960  1.00   18.40 ? 173  LEU A CA  1 
ATOM   1009 C  C   . LEU A 1 125 ? -3.098  -11.831 -5.144  1.00   21.72 ? 173  LEU A C   1 
ATOM   1010 O  O   . LEU A 1 125 ? -4.051  -12.557 -4.851  1.00   18.12 ? 173  LEU A O   1 
ATOM   1011 C  CB  . LEU A 1 125 ? -2.410  -9.936  -3.693  1.00   15.90 ? 173  LEU A CB  1 
ATOM   1012 C  CG  . LEU A 1 125 ? -2.398  -8.458  -3.298  1.00   15.70 ? 173  LEU A CG  1 
ATOM   1013 C  CD1 . LEU A 1 125 ? -1.651  -8.280  -1.982  1.00   18.40 ? 173  LEU A CD1 1 
ATOM   1014 C  CD2 . LEU A 1 125 ? -1.785  -7.609  -4.397  1.00   15.47 ? 173  LEU A CD2 1 
ATOM   1015 N  N   . ASN A 1 126 ? -1.947  -12.294 -5.630  1.00   17.74 ? 174  ASN A N   1 
ATOM   1016 C  CA  . ASN A 1 126 ? -1.648  -13.718 -5.717  1.00   17.57 ? 174  ASN A CA  1 
ATOM   1017 C  C   . ASN A 1 126 ? -0.710  -14.145 -4.590  1.00   19.74 ? 174  ASN A C   1 
ATOM   1018 O  O   . ASN A 1 126 ? 0.319   -13.513 -4.347  1.00   16.71 ? 174  ASN A O   1 
ATOM   1019 C  CB  . ASN A 1 126 ? -1.017  -14.058 -7.074  1.00   20.56 ? 174  ASN A CB  1 
ATOM   1020 C  CG  . ASN A 1 126 ? -1.995  -13.912 -8.230  1.00   26.14 ? 174  ASN A CG  1 
ATOM   1021 O  OD1 . ASN A 1 126 ? -3.206  -14.038 -8.053  1.00   28.16 ? 174  ASN A OD1 1 
ATOM   1022 N  ND2 . ASN A 1 126 ? -1.470  -13.652 -9.422  1.00   27.77 ? 174  ASN A ND2 1 
ATOM   1023 N  N   . SER A 1 127 ? -1.076  -15.212 -3.896  1.00   18.81 ? 175  SER A N   1 
ATOM   1024 C  CA  . SER A 1 127 ? -0.254  -15.729 -2.812  1.00   19.82 ? 175  SER A CA  1 
ATOM   1025 C  C   . SER A 1 127 ? 1.156   -16.098 -3.296  1.00   15.54 ? 175  SER A C   1 
ATOM   1026 O  O   . SER A 1 127 ? 1.333   -16.526 -4.433  1.00   14.67 ? 175  SER A O   1 
ATOM   1027 C  CB  . SER A 1 127 ? -0.930  -16.948 -2.184  1.00   21.78 ? 175  SER A CB  1 
ATOM   1028 O  OG  . SER A 1 127 ? -0.184  -17.417 -1.079  1.00   20.41 ? 175  SER A OG  1 
ATOM   1029 N  N   . MET A 1 128 ? 2.150   -15.915 -2.426  1.00   19.69 ? 176  MET A N   1 
ATOM   1030 C  CA  . MET A 1 128 ? 3.545   -16.247 -2.738  1.00   17.45 ? 176  MET A CA  1 
ATOM   1031 C  C   . MET A 1 128 ? 4.168   -15.368 -3.837  1.00   19.97 ? 176  MET A C   1 
ATOM   1032 O  O   . MET A 1 128 ? 5.161   -15.749 -4.463  1.00   20.04 ? 176  MET A O   1 
ATOM   1033 C  CB  . MET A 1 128 ? 3.678   -17.736 -3.083  1.00   20.11 ? 176  MET A CB  1 
ATOM   1034 C  CG  . MET A 1 128 ? 2.975   -18.647 -2.085  1.00   17.84 ? 176  MET A CG  1 
ATOM   1035 S  SD  . MET A 1 128 ? 3.465   -18.335 -0.379  1.00   26.57 ? 176  MET A SD  1 
ATOM   1036 C  CE  . MET A 1 128 ? 5.045   -19.183 -0.324  1.00   27.04 ? 176  MET A CE  1 
ATOM   1037 N  N   . HIS A 1 129 ? 3.584   -14.192 -4.055  1.00   18.01 ? 177  HIS A N   1 
ATOM   1038 C  CA  . HIS A 1 129 ? 4.150   -13.192 -4.949  1.00   18.81 ? 177  HIS A CA  1 
ATOM   1039 C  C   . HIS A 1 129 ? 4.542   -11.953 -4.146  1.00   15.82 ? 177  HIS A C   1 
ATOM   1040 O  O   . HIS A 1 129 ? 3.941   -11.663 -3.110  1.00   19.87 ? 177  HIS A O   1 
ATOM   1041 C  CB  . HIS A 1 129 ? 3.139   -12.806 -6.031  1.00   16.39 ? 177  HIS A CB  1 
ATOM   1042 C  CG  . HIS A 1 129 ? 2.883   -13.888 -7.035  1.00   20.41 ? 177  HIS A CG  1 
ATOM   1043 N  ND1 . HIS A 1 129 ? 2.218   -15.053 -6.722  1.00   21.61 ? 177  HIS A ND1 1 
ATOM   1044 C  CD2 . HIS A 1 129 ? 3.200   -13.977 -8.349  1.00   22.81 ? 177  HIS A CD2 1 
ATOM   1045 C  CE1 . HIS A 1 129 ? 2.139   -15.815 -7.798  1.00   20.71 ? 177  HIS A CE1 1 
ATOM   1046 N  NE2 . HIS A 1 129 ? 2.727   -15.185 -8.799  1.00   23.16 ? 177  HIS A NE2 1 
ATOM   1047 N  N   . LYS A 1 130 ? 5.547   -11.225 -4.625  1.00   16.03 ? 178  LYS A N   1 
ATOM   1048 C  CA  . LYS A 1 130 ? 6.041   -10.035 -3.930  1.00   18.63 ? 178  LYS A CA  1 
ATOM   1049 C  C   . LYS A 1 130 ? 5.433   -8.749  -4.481  1.00   17.90 ? 178  LYS A C   1 
ATOM   1050 O  O   . LYS A 1 130 ? 5.308   -8.580  -5.695  1.00   16.06 ? 178  LYS A O   1 
ATOM   1051 C  CB  . LYS A 1 130 ? 7.569   -9.962  -4.006  1.00   16.57 ? 178  LYS A CB  1 
ATOM   1052 C  CG  . LYS A 1 130 ? 8.177   -8.895  -3.105  1.00   22.27 ? 178  LYS A CG  1 
ATOM   1053 C  CD  . LYS A 1 130 ? 9.686   -9.035  -3.039  1.00   24.04 ? 178  LYS A CD  1 
ATOM   1054 C  CE  . LYS A 1 130 ? 10.290  -8.091  -2.011  1.00   33.05 ? 178  LYS A CE  1 
ATOM   1055 N  NZ  . LYS A 1 130 ? 11.751  -8.336  -1.826  1.00   39.76 ? 178  LYS A NZ  1 
ATOM   1056 N  N   . TYR A 1 131 ? 5.067   -7.842  -3.576  1.00   15.13 ? 179  TYR A N   1 
ATOM   1057 C  CA  . TYR A 1 131 ? 4.343   -6.626  -3.947  1.00   17.44 ? 179  TYR A CA  1 
ATOM   1058 C  C   . TYR A 1 131 ? 4.899   -5.353  -3.310  1.00   17.84 ? 179  TYR A C   1 
ATOM   1059 O  O   . TYR A 1 131 ? 5.568   -5.395  -2.278  1.00   19.52 ? 179  TYR A O   1 
ATOM   1060 C  CB  . TYR A 1 131 ? 2.860   -6.765  -3.600  1.00   16.97 ? 179  TYR A CB  1 
ATOM   1061 C  CG  . TYR A 1 131 ? 2.161   -7.838  -4.397  1.00   19.94 ? 179  TYR A CG  1 
ATOM   1062 C  CD1 . TYR A 1 131 ? 1.765   -7.605  -5.711  1.00   20.50 ? 179  TYR A CD1 1 
ATOM   1063 C  CD2 . TYR A 1 131 ? 1.898   -9.087  -3.841  1.00   17.28 ? 179  TYR A CD2 1 
ATOM   1064 C  CE1 . TYR A 1 131 ? 1.135   -8.589  -6.454  1.00   18.46 ? 179  TYR A CE1 1 
ATOM   1065 C  CE2 . TYR A 1 131 ? 1.254   -10.072 -4.573  1.00   17.71 ? 179  TYR A CE2 1 
ATOM   1066 C  CZ  . TYR A 1 131 ? 0.880   -9.816  -5.881  1.00   18.33 ? 179  TYR A CZ  1 
ATOM   1067 O  OH  . TYR A 1 131 ? 0.241   -10.786 -6.616  1.00   18.36 ? 179  TYR A OH  1 
ATOM   1068 N  N   . GLN A 1 132 ? 4.589   -4.223  -3.941  1.00   16.33 ? 180  GLN A N   1 
ATOM   1069 C  CA  . GLN A 1 132 ? 5.060   -2.912  -3.516  1.00   15.24 ? 180  GLN A CA  1 
ATOM   1070 C  C   . GLN A 1 132 ? 3.900   -1.914  -3.461  1.00   17.47 ? 180  GLN A C   1 
ATOM   1071 O  O   . GLN A 1 132 ? 3.343   -1.544  -4.503  1.00   19.20 ? 180  GLN A O   1 
ATOM   1072 C  CB  . GLN A 1 132 ? 6.118   -2.399  -4.497  1.00   16.18 ? 180  GLN A CB  1 
ATOM   1073 C  CG  . GLN A 1 132 ? 6.649   -1.003  -4.183  1.00   18.27 ? 180  GLN A CG  1 
ATOM   1074 C  CD  . GLN A 1 132 ? 7.441   -0.958  -2.891  1.00   21.08 ? 180  GLN A CD  1 
ATOM   1075 O  OE1 . GLN A 1 132 ? 8.563   -1.461  -2.818  1.00   21.98 ? 180  GLN A OE1 1 
ATOM   1076 N  NE2 . GLN A 1 132 ? 6.860   -0.356  -1.864  1.00   19.71 ? 180  GLN A NE2 1 
ATOM   1077 N  N   . PRO A 1 133 ? 3.512   -1.487  -2.248  1.00   18.72 ? 181  PRO A N   1 
ATOM   1078 C  CA  . PRO A 1 133 ? 2.503   -0.426  -2.145  1.00   17.19 ? 181  PRO A CA  1 
ATOM   1079 C  C   . PRO A 1 133 ? 3.047   0.905   -2.661  1.00   22.42 ? 181  PRO A C   1 
ATOM   1080 O  O   . PRO A 1 133 ? 4.229   1.210   -2.488  1.00   18.86 ? 181  PRO A O   1 
ATOM   1081 C  CB  . PRO A 1 133 ? 2.235   -0.335  -0.641  1.00   19.51 ? 181  PRO A CB  1 
ATOM   1082 C  CG  . PRO A 1 133 ? 2.700   -1.649  -0.083  1.00   23.82 ? 181  PRO A CG  1 
ATOM   1083 C  CD  . PRO A 1 133 ? 3.866   -2.045  -0.931  1.00   17.34 ? 181  PRO A CD  1 
ATOM   1084 N  N   . ARG A 1 134 ? 2.186   1.685   -3.302  1.00   17.99 ? 182  ARG A N   1 
ATOM   1085 C  CA  A ARG A 1 134 ? 2.572   2.993   -3.815  0.50   21.79 ? 182  ARG A CA  1 
ATOM   1086 C  CA  B ARG A 1 134 ? 2.574   2.995   -3.804  0.50   21.79 ? 182  ARG A CA  1 
ATOM   1087 C  C   . ARG A 1 134 ? 1.497   4.012   -3.472  1.00   24.66 ? 182  ARG A C   1 
ATOM   1088 O  O   . ARG A 1 134 ? 0.305   3.715   -3.565  1.00   19.21 ? 182  ARG A O   1 
ATOM   1089 C  CB  A ARG A 1 134 ? 2.756   2.950   -5.332  0.50   21.78 ? 182  ARG A CB  1 
ATOM   1090 C  CB  B ARG A 1 134 ? 2.797   2.959   -5.317  0.50   21.78 ? 182  ARG A CB  1 
ATOM   1091 C  CG  A ARG A 1 134 ? 3.396   1.677   -5.859  0.50   22.97 ? 182  ARG A CG  1 
ATOM   1092 C  CG  B ARG A 1 134 ? 3.792   1.910   -5.785  0.50   22.71 ? 182  ARG A CG  1 
ATOM   1093 C  CD  A ARG A 1 134 ? 2.969   1.426   -7.295  0.50   25.63 ? 182  ARG A CD  1 
ATOM   1094 C  CD  B ARG A 1 134 ? 4.112   2.078   -7.260  0.50   22.28 ? 182  ARG A CD  1 
ATOM   1095 N  NE  A ARG A 1 134 ? 3.749   2.196   -8.255  0.50   29.25 ? 182  ARG A NE  1 
ATOM   1096 N  NE  B ARG A 1 134 ? 2.910   2.125   -8.094  0.50   21.23 ? 182  ARG A NE  1 
ATOM   1097 C  CZ  A ARG A 1 134 ? 3.338   2.498   -9.482  0.50   25.55 ? 182  ARG A CZ  1 
ATOM   1098 C  CZ  B ARG A 1 134 ? 2.925   2.328   -9.408  0.50   24.81 ? 182  ARG A CZ  1 
ATOM   1099 N  NH1 A ARG A 1 134 ? 2.140   2.111   -9.900  0.50   28.32 ? 182  ARG A NH1 1 
ATOM   1100 N  NH1 B ARG A 1 134 ? 4.079   2.496   -10.040 0.50   26.81 ? 182  ARG A NH1 1 
ATOM   1101 N  NH2 A ARG A 1 134 ? 4.123   3.198   -10.289 0.50   31.78 ? 182  ARG A NH2 1 
ATOM   1102 N  NH2 B ARG A 1 134 ? 1.790   2.358   -10.094 0.50   27.87 ? 182  ARG A NH2 1 
ATOM   1103 N  N   . LEU A 1 135 ? 1.921   5.205   -3.075  1.00   21.61 ? 183  LEU A N   1 
ATOM   1104 C  CA  . LEU A 1 135 ? 0.985   6.289   -2.808  1.00   21.93 ? 183  LEU A CA  1 
ATOM   1105 C  C   . LEU A 1 135 ? 1.012   7.257   -3.982  1.00   24.04 ? 183  LEU A C   1 
ATOM   1106 O  O   . LEU A 1 135 ? 2.086   7.638   -4.452  1.00   26.31 ? 183  LEU A O   1 
ATOM   1107 C  CB  . LEU A 1 135 ? 1.355   7.021   -1.516  1.00   20.04 ? 183  LEU A CB  1 
ATOM   1108 C  CG  . LEU A 1 135 ? 0.605   8.336   -1.281  1.00   25.92 ? 183  LEU A CG  1 
ATOM   1109 C  CD1 . LEU A 1 135 ? -0.843  8.068   -0.884  1.00   25.76 ? 183  LEU A CD1 1 
ATOM   1110 C  CD2 . LEU A 1 135 ? 1.305   9.188   -0.227  1.00   30.25 ? 183  LEU A CD2 1 
ATOM   1111 N  N   . HIS A 1 136 ? -0.167  7.640   -4.470  1.00   23.80 ? 184  HIS A N   1 
ATOM   1112 C  CA  . HIS A 1 136 ? -0.266  8.631   -5.540  1.00   24.08 ? 184  HIS A CA  1 
ATOM   1113 C  C   . HIS A 1 136 ? -1.025  9.860   -5.053  1.00   25.55 ? 184  HIS A C   1 
ATOM   1114 O  O   . HIS A 1 136 ? -2.018  9.748   -4.331  1.00   22.42 ? 184  HIS A O   1 
ATOM   1115 C  CB  . HIS A 1 136 ? -0.962  8.054   -6.778  1.00   22.18 ? 184  HIS A CB  1 
ATOM   1116 C  CG  . HIS A 1 136 ? -0.353  6.782   -7.284  1.00   28.65 ? 184  HIS A CG  1 
ATOM   1117 N  ND1 . HIS A 1 136 ? 0.757   6.761   -8.102  1.00   22.66 ? 184  HIS A ND1 1 
ATOM   1118 C  CD2 . HIS A 1 136 ? -0.713  5.488   -7.110  1.00   32.49 ? 184  HIS A CD2 1 
ATOM   1119 C  CE1 . HIS A 1 136 ? 1.062   5.510   -8.397  1.00   29.68 ? 184  HIS A CE1 1 
ATOM   1120 N  NE2 . HIS A 1 136 ? 0.185   4.718   -7.809  1.00   27.72 ? 184  HIS A NE2 1 
ATOM   1121 N  N   . ILE A 1 137 ? -0.537  11.032  -5.438  1.00   26.39 ? 185  ILE A N   1 
ATOM   1122 C  CA  . ILE A 1 137 ? -1.199  12.287  -5.113  1.00   25.97 ? 185  ILE A CA  1 
ATOM   1123 C  C   . ILE A 1 137 ? -1.524  12.992  -6.418  1.00   28.67 ? 185  ILE A C   1 
ATOM   1124 O  O   . ILE A 1 137 ? -0.628  13.273  -7.214  1.00   26.59 ? 185  ILE A O   1 
ATOM   1125 C  CB  . ILE A 1 137 ? -0.311  13.199  -4.254  1.00   26.52 ? 185  ILE A CB  1 
ATOM   1126 C  CG1 . ILE A 1 137 ? 0.044   12.505  -2.936  1.00   30.13 ? 185  ILE A CG1 1 
ATOM   1127 C  CG2 . ILE A 1 137 ? -1.013  14.537  -4.008  1.00   21.99 ? 185  ILE A CG2 1 
ATOM   1128 C  CD1 . ILE A 1 137 ? 1.115   13.207  -2.126  1.00   26.77 ? 185  ILE A CD1 1 
ATOM   1129 N  N   . VAL A 1 138 ? -2.807  13.257  -6.639  1.00   23.01 ? 186  VAL A N   1 
ATOM   1130 C  CA  . VAL A 1 138 ? -3.263  13.853  -7.889  1.00   22.06 ? 186  VAL A CA  1 
ATOM   1131 C  C   . VAL A 1 138 ? -3.817  15.253  -7.634  1.00   25.98 ? 186  VAL A C   1 
ATOM   1132 O  O   . VAL A 1 138 ? -4.669  15.444  -6.764  1.00   26.38 ? 186  VAL A O   1 
ATOM   1133 C  CB  . VAL A 1 138 ? -4.352  12.990  -8.559  1.00   26.82 ? 186  VAL A CB  1 
ATOM   1134 C  CG1 . VAL A 1 138 ? -4.652  13.503  -9.964  1.00   26.02 ? 186  VAL A CG1 1 
ATOM   1135 C  CG2 . VAL A 1 138 ? -3.921  11.526  -8.611  1.00   30.21 ? 186  VAL A CG2 1 
ATOM   1136 N  N   . LYS A 1 139 ? -3.328  16.228  -8.396  1.00   28.24 ? 187  LYS A N   1 
ATOM   1137 C  CA  . LYS A 1 139 ? -3.705  17.627  -8.196  1.00   31.81 ? 187  LYS A CA  1 
ATOM   1138 C  C   . LYS A 1 139 ? -4.865  18.045  -9.096  1.00   24.87 ? 187  LYS A C   1 
ATOM   1139 O  O   . LYS A 1 139 ? -4.961  17.598  -10.232 1.00   27.71 ? 187  LYS A O   1 
ATOM   1140 C  CB  . LYS A 1 139 ? -2.500  18.536  -8.461  1.00   30.89 ? 187  LYS A CB  1 
ATOM   1141 C  CG  . LYS A 1 139 ? -2.753  20.006  -8.169  1.00   41.31 ? 187  LYS A CG  1 
ATOM   1142 C  CD  . LYS A 1 139 ? -1.638  20.876  -8.725  1.00   41.90 ? 187  LYS A CD  1 
ATOM   1143 C  CE  . LYS A 1 139 ? -1.457  20.638  -10.215 1.00   38.99 ? 187  LYS A CE  1 
ATOM   1144 N  NZ  . LYS A 1 139 ? -0.628  21.698  -10.847 1.00   56.09 ? 187  LYS A NZ  1 
ATOM   1145 N  N   . ALA A 1 140 ? -5.740  18.903  -8.581  1.00   32.27 ? 188  ALA A N   1 
ATOM   1146 C  CA  . ALA A 1 140 ? -6.847  19.441  -9.373  1.00   37.38 ? 188  ALA A CA  1 
ATOM   1147 C  C   . ALA A 1 140 ? -6.316  20.320  -10.500 1.00   36.96 ? 188  ALA A C   1 
ATOM   1148 O  O   . ALA A 1 140 ? -5.133  20.669  -10.518 1.00   34.63 ? 188  ALA A O   1 
ATOM   1149 C  CB  . ALA A 1 140 ? -7.800  20.232  -8.489  1.00   29.25 ? 188  ALA A CB  1 
ATOM   1150 N  N   . ASP A 1 141 ? -7.185  20.677  -11.441 1.00   39.67 ? 189  ASP A N   1 
ATOM   1151 C  CA  . ASP A 1 141 ? -6.784  21.536  -12.553 1.00   44.23 ? 189  ASP A CA  1 
ATOM   1152 C  C   . ASP A 1 141 ? -6.803  23.015  -12.164 1.00   41.76 ? 189  ASP A C   1 
ATOM   1153 O  O   . ASP A 1 141 ? -6.968  23.357  -10.992 1.00   38.17 ? 189  ASP A O   1 
ATOM   1154 C  CB  . ASP A 1 141 ? -7.648  21.280  -13.797 1.00   38.45 ? 189  ASP A CB  1 
ATOM   1155 C  CG  . ASP A 1 141 ? -9.103  21.679  -13.600 1.00   44.96 ? 189  ASP A CG  1 
ATOM   1156 O  OD1 . ASP A 1 141 ? -9.401  22.445  -12.659 1.00   39.14 ? 189  ASP A OD1 1 
ATOM   1157 O  OD2 . ASP A 1 141 ? -9.952  21.224  -14.395 1.00   49.06 ? 189  ASP A OD2 1 
ATOM   1158 N  N   . GLU A 1 142 ? -6.635  23.885  -13.155 1.00   49.19 ? 190  GLU A N   1 
ATOM   1159 C  CA  . GLU A 1 142 ? -6.559  25.326  -12.919 1.00   51.55 ? 190  GLU A CA  1 
ATOM   1160 C  C   . GLU A 1 142 ? -7.803  25.872  -12.215 1.00   50.59 ? 190  GLU A C   1 
ATOM   1161 O  O   . GLU A 1 142 ? -7.732  26.869  -11.496 1.00   50.97 ? 190  GLU A O   1 
ATOM   1162 C  CB  . GLU A 1 142 ? -6.318  26.067  -14.230 1.00   47.31 ? 190  GLU A CB  1 
ATOM   1163 N  N   . ASN A 1 143 ? -8.939  25.214  -12.427 1.00   45.71 ? 191  ASN A N   1 
ATOM   1164 C  CA  . ASN A 1 143 ? -10.191 25.620  -11.799 1.00   40.69 ? 191  ASN A CA  1 
ATOM   1165 C  C   . ASN A 1 143 ? -10.429 24.928  -10.464 1.00   47.44 ? 191  ASN A C   1 
ATOM   1166 O  O   . ASN A 1 143 ? -11.476 25.110  -9.839  1.00   41.98 ? 191  ASN A O   1 
ATOM   1167 C  CB  . ASN A 1 143 ? -11.367 25.350  -12.738 1.00   50.56 ? 191  ASN A CB  1 
ATOM   1168 C  CG  . ASN A 1 143 ? -11.319 26.203  -13.986 1.00   50.92 ? 191  ASN A CG  1 
ATOM   1169 O  OD1 . ASN A 1 143 ? -11.178 27.424  -13.911 1.00   50.54 ? 191  ASN A OD1 1 
ATOM   1170 N  ND2 . ASN A 1 143 ? -11.435 25.564  -15.144 1.00   49.57 ? 191  ASN A ND2 1 
ATOM   1171 N  N   . ASN A 1 144 ? -9.453  24.134  -10.034 1.00   41.98 ? 192  ASN A N   1 
ATOM   1172 C  CA  . ASN A 1 144 ? -9.565  23.377  -8.794  1.00   39.22 ? 192  ASN A CA  1 
ATOM   1173 C  C   . ASN A 1 144 ? -10.645 22.296  -8.892  1.00   36.97 ? 192  ASN A C   1 
ATOM   1174 O  O   . ASN A 1 144 ? -11.299 21.965  -7.905  1.00   36.82 ? 192  ASN A O   1 
ATOM   1175 C  CB  . ASN A 1 144 ? -9.840  24.309  -7.609  1.00   37.50 ? 192  ASN A CB  1 
ATOM   1176 C  CG  . ASN A 1 144 ? -9.146  23.858  -6.337  1.00   40.32 ? 192  ASN A CG  1 
ATOM   1177 O  OD1 . ASN A 1 144 ? -8.268  22.997  -6.366  1.00   34.13 ? 192  ASN A OD1 1 
ATOM   1178 N  ND2 . ASN A 1 144 ? -9.529  24.451  -5.209  1.00   35.40 ? 192  ASN A ND2 1 
ATOM   1179 N  N   . GLY A 1 145 ? -10.824 21.760  -10.097 1.00   35.44 ? 193  GLY A N   1 
ATOM   1180 C  CA  . GLY A 1 145 ? -11.772 20.683  -10.326 1.00   33.76 ? 193  GLY A CA  1 
ATOM   1181 C  C   . GLY A 1 145 ? -11.110 19.450  -10.920 1.00   34.03 ? 193  GLY A C   1 
ATOM   1182 O  O   . GLY A 1 145 ? -9.915  19.460  -11.224 1.00   29.03 ? 193  GLY A O   1 
ATOM   1183 N  N   . PHE A 1 146 ? -11.888 18.383  -11.078 1.00   25.11 ? 194  PHE A N   1 
ATOM   1184 C  CA  . PHE A 1 146 ? -11.383 17.141  -11.656 1.00   29.13 ? 194  PHE A CA  1 
ATOM   1185 C  C   . PHE A 1 146 ? -12.232 16.661  -12.829 1.00   36.07 ? 194  PHE A C   1 
ATOM   1186 O  O   . PHE A 1 146 ? -13.418 16.986  -12.928 1.00   32.13 ? 194  PHE A O   1 
ATOM   1187 C  CB  . PHE A 1 146 ? -11.311 16.041  -10.588 1.00   30.61 ? 194  PHE A CB  1 
ATOM   1188 C  CG  . PHE A 1 146 ? -10.357 16.347  -9.468  1.00   28.61 ? 194  PHE A CG  1 
ATOM   1189 C  CD1 . PHE A 1 146 ? -9.022  15.987  -9.561  1.00   34.53 ? 194  PHE A CD1 1 
ATOM   1190 C  CD2 . PHE A 1 146 ? -10.794 16.995  -8.322  1.00   29.27 ? 194  PHE A CD2 1 
ATOM   1191 C  CE1 . PHE A 1 146 ? -8.138  16.266  -8.533  1.00   28.07 ? 194  PHE A CE1 1 
ATOM   1192 C  CE2 . PHE A 1 146 ? -9.916  17.278  -7.290  1.00   31.57 ? 194  PHE A CE2 1 
ATOM   1193 C  CZ  . PHE A 1 146 ? -8.587  16.911  -7.396  1.00   32.54 ? 194  PHE A CZ  1 
ATOM   1194 N  N   . GLY A 1 147 ? -11.612 15.891  -13.719 1.00   33.45 ? 195  GLY A N   1 
ATOM   1195 C  CA  . GLY A 1 147 ? -12.326 15.249  -14.809 1.00   34.20 ? 195  GLY A CA  1 
ATOM   1196 C  C   . GLY A 1 147 ? -12.152 15.889  -16.175 1.00   38.19 ? 195  GLY A C   1 
ATOM   1197 O  O   . GLY A 1 147 ? -12.169 15.198  -17.192 1.00   43.92 ? 195  GLY A O   1 
ATOM   1198 N  N   . SER A 1 148 ? -11.978 17.208  -16.200 1.00   44.67 ? 196  SER A N   1 
ATOM   1199 C  CA  . SER A 1 148 ? -11.972 17.959  -17.457 1.00   54.64 ? 196  SER A CA  1 
ATOM   1200 C  C   . SER A 1 148 ? -10.613 17.987  -18.158 1.00   63.24 ? 196  SER A C   1 
ATOM   1201 O  O   . SER A 1 148 ? -10.525 18.300  -19.345 1.00   60.76 ? 196  SER A O   1 
ATOM   1202 C  CB  . SER A 1 148 ? -12.472 19.387  -17.223 1.00   53.15 ? 196  SER A CB  1 
ATOM   1203 O  OG  . SER A 1 148 ? -11.852 19.963  -16.088 1.00   59.27 ? 196  SER A OG  1 
ATOM   1204 N  N   . LYS A 1 149 ? -9.560  17.669  -17.414 1.00   59.15 ? 197  LYS A N   1 
ATOM   1205 C  CA  . LYS A 1 149 ? -8.212  17.610  -17.962 1.00   61.31 ? 197  LYS A CA  1 
ATOM   1206 C  C   . LYS A 1 149 ? -7.414  16.568  -17.201 1.00   65.80 ? 197  LYS A C   1 
ATOM   1207 O  O   . LYS A 1 149 ? -7.647  16.348  -16.013 1.00   63.26 ? 197  LYS A O   1 
ATOM   1208 C  CB  . LYS A 1 149 ? -7.508  18.966  -17.827 1.00   60.85 ? 197  LYS A CB  1 
ATOM   1209 C  CG  . LYS A 1 149 ? -7.532  19.844  -19.070 1.00   73.19 ? 197  LYS A CG  1 
ATOM   1210 C  CD  . LYS A 1 149 ? -6.542  20.995  -18.923 1.00   76.51 ? 197  LYS A CD  1 
ATOM   1211 C  CE  . LYS A 1 149 ? -6.266  21.691  -20.251 1.00   86.07 ? 197  LYS A CE  1 
ATOM   1212 N  NZ  . LYS A 1 149 ? -7.359  22.619  -20.654 1.00   78.65 ? 197  LYS A NZ  1 
ATOM   1213 N  N   . ASN A 1 150 ? -6.474  15.918  -17.881 1.00   65.89 ? 198  ASN A N   1 
ATOM   1214 C  CA  . ASN A 1 150 ? -5.513  15.081  -17.180 1.00   65.03 ? 198  ASN A CA  1 
ATOM   1215 C  C   . ASN A 1 150 ? -4.529  15.972  -16.440 1.00   65.24 ? 198  ASN A C   1 
ATOM   1216 O  O   . ASN A 1 150 ? -3.912  16.861  -17.028 1.00   70.85 ? 198  ASN A O   1 
ATOM   1217 C  CB  . ASN A 1 150 ? -4.799  14.124  -18.132 1.00   61.57 ? 198  ASN A CB  1 
ATOM   1218 C  CG  . ASN A 1 150 ? -5.441  12.748  -18.158 1.00   77.86 ? 198  ASN A CG  1 
ATOM   1219 O  OD1 . ASN A 1 150 ? -5.690  12.146  -17.112 1.00   80.61 ? 198  ASN A OD1 1 
ATOM   1220 N  ND2 . ASN A 1 150 ? -5.708  12.241  -19.355 1.00   82.95 ? 198  ASN A ND2 1 
ATOM   1221 N  N   . THR A 1 151 ? -4.401  15.738  -15.140 1.00   60.19 ? 199  THR A N   1 
ATOM   1222 C  CA  . THR A 1 151 ? -3.653  16.643  -14.281 1.00   51.88 ? 199  THR A CA  1 
ATOM   1223 C  C   . THR A 1 151 ? -2.341  16.040  -13.792 1.00   52.69 ? 199  THR A C   1 
ATOM   1224 O  O   . THR A 1 151 ? -2.065  14.857  -14.000 1.00   47.70 ? 199  THR A O   1 
ATOM   1225 C  CB  . THR A 1 151 ? -4.496  17.063  -13.068 1.00   55.21 ? 199  THR A CB  1 
ATOM   1226 O  OG1 . THR A 1 151 ? -4.957  15.893  -12.381 1.00   55.36 ? 199  THR A OG1 1 
ATOM   1227 C  CG2 . THR A 1 151 ? -5.698  17.886  -13.515 1.00   51.00 ? 199  THR A CG2 1 
ATOM   1228 N  N   . ALA A 1 152 ? -1.535  16.873  -13.141 1.00   47.94 ? 200  ALA A N   1 
ATOM   1229 C  CA  . ALA A 1 152 ? -0.265  16.436  -12.584 1.00   46.32 ? 200  ALA A CA  1 
ATOM   1230 C  C   . ALA A 1 152 ? -0.482  15.529  -11.380 1.00   41.04 ? 200  ALA A C   1 
ATOM   1231 O  O   . ALA A 1 152 ? -1.413  15.720  -10.594 1.00   30.91 ? 200  ALA A O   1 
ATOM   1232 C  CB  . ALA A 1 152 ? 0.583   17.639  -12.193 1.00   47.05 ? 200  ALA A CB  1 
ATOM   1233 N  N   . PHE A 1 153 ? 0.381   14.530  -11.243 1.00   41.60 ? 201  PHE A N   1 
ATOM   1234 C  CA  . PHE A 1 153 ? 0.366   13.687  -10.057 1.00   43.77 ? 201  PHE A CA  1 
ATOM   1235 C  C   . PHE A 1 153 ? 1.770   13.185  -9.750  1.00   36.76 ? 201  PHE A C   1 
ATOM   1236 O  O   . PHE A 1 153 ? 2.619   13.096  -10.639 1.00   36.60 ? 201  PHE A O   1 
ATOM   1237 C  CB  . PHE A 1 153 ? -0.622  12.523  -10.217 1.00   37.58 ? 201  PHE A CB  1 
ATOM   1238 C  CG  . PHE A 1 153 ? -0.146  11.434  -11.137 1.00   36.15 ? 201  PHE A CG  1 
ATOM   1239 C  CD1 . PHE A 1 153 ? -0.239  11.578  -12.512 1.00   42.92 ? 201  PHE A CD1 1 
ATOM   1240 C  CD2 . PHE A 1 153 ? 0.377   10.257  -10.625 1.00   41.78 ? 201  PHE A CD2 1 
ATOM   1241 C  CE1 . PHE A 1 153 ? 0.192   10.572  -13.360 1.00   52.62 ? 201  PHE A CE1 1 
ATOM   1242 C  CE2 . PHE A 1 153 ? 0.809   9.247   -11.467 1.00   44.18 ? 201  PHE A CE2 1 
ATOM   1243 C  CZ  . PHE A 1 153 ? 0.717   9.404   -12.836 1.00   48.10 ? 201  PHE A CZ  1 
ATOM   1244 N  N   . CYS A 1 154 ? 2.013   12.874  -8.483  1.00   36.67 ? 202  CYS A N   1 
ATOM   1245 C  CA  . CYS A 1 154 ? 3.300   12.335  -8.072  1.00   31.53 ? 202  CYS A CA  1 
ATOM   1246 C  C   . CYS A 1 154 ? 3.100   10.987  -7.394  1.00   26.98 ? 202  CYS A C   1 
ATOM   1247 O  O   . CYS A 1 154 ? 2.005   10.669  -6.927  1.00   27.43 ? 202  CYS A O   1 
ATOM   1248 C  CB  . CYS A 1 154 ? 4.033   13.310  -7.147  1.00   30.32 ? 202  CYS A CB  1 
ATOM   1249 S  SG  . CYS A 1 154 ? 3.253   13.556  -5.540  1.00   37.93 ? 202  CYS A SG  1 
ATOM   1250 N  N   . THR A 1 155 ? 4.164   10.196  -7.350  1.00   32.40 ? 203  THR A N   1 
ATOM   1251 C  CA  . THR A 1 155 ? 4.093   8.844   -6.814  1.00   25.52 ? 203  THR A CA  1 
ATOM   1252 C  C   . THR A 1 155 ? 5.216   8.631   -5.811  1.00   32.91 ? 203  THR A C   1 
ATOM   1253 O  O   . THR A 1 155 ? 6.372   8.931   -6.097  1.00   29.19 ? 203  THR A O   1 
ATOM   1254 C  CB  . THR A 1 155 ? 4.194   7.799   -7.944  1.00   29.75 ? 203  THR A CB  1 
ATOM   1255 O  OG1 . THR A 1 155 ? 3.056   7.920   -8.806  1.00   28.48 ? 203  THR A OG1 1 
ATOM   1256 C  CG2 . THR A 1 155 ? 4.250   6.380   -7.375  1.00   21.34 ? 203  THR A CG2 1 
ATOM   1257 N  N   . HIS A 1 156 ? 4.866   8.126   -4.633  1.00   27.70 ? 204  HIS A N   1 
ATOM   1258 C  CA  . HIS A 1 156 ? 5.846   7.881   -3.585  1.00   30.36 ? 204  HIS A CA  1 
ATOM   1259 C  C   . HIS A 1 156 ? 5.944   6.397   -3.254  1.00   29.42 ? 204  HIS A C   1 
ATOM   1260 O  O   . HIS A 1 156 ? 4.938   5.752   -2.965  1.00   26.17 ? 204  HIS A O   1 
ATOM   1261 C  CB  . HIS A 1 156 ? 5.500   8.690   -2.334  1.00   27.51 ? 204  HIS A CB  1 
ATOM   1262 C  CG  . HIS A 1 156 ? 5.764   10.157  -2.479  1.00   33.95 ? 204  HIS A CG  1 
ATOM   1263 N  ND1 . HIS A 1 156 ? 6.814   10.788  -1.846  1.00   31.50 ? 204  HIS A ND1 1 
ATOM   1264 C  CD2 . HIS A 1 156 ? 5.130   11.111  -3.201  1.00   31.21 ? 204  HIS A CD2 1 
ATOM   1265 C  CE1 . HIS A 1 156 ? 6.807   12.071  -2.164  1.00   42.87 ? 204  HIS A CE1 1 
ATOM   1266 N  NE2 . HIS A 1 156 ? 5.798   12.292  -2.987  1.00   36.05 ? 204  HIS A NE2 1 
ATOM   1267 N  N   . VAL A 1 157 ? 7.161   5.862   -3.298  1.00   26.10 ? 205  VAL A N   1 
ATOM   1268 C  CA  . VAL A 1 157 ? 7.390   4.446   -3.027  1.00   23.03 ? 205  VAL A CA  1 
ATOM   1269 C  C   . VAL A 1 157 ? 8.313   4.258   -1.828  1.00   30.68 ? 205  VAL A C   1 
ATOM   1270 O  O   . VAL A 1 157 ? 9.463   4.693   -1.850  1.00   27.49 ? 205  VAL A O   1 
ATOM   1271 C  CB  . VAL A 1 157 ? 7.998   3.731   -4.259  1.00   24.45 ? 205  VAL A CB  1 
ATOM   1272 C  CG1 . VAL A 1 157 ? 8.189   2.241   -3.984  1.00   26.31 ? 205  VAL A CG1 1 
ATOM   1273 C  CG2 . VAL A 1 157 ? 7.119   3.939   -5.481  1.00   25.21 ? 205  VAL A CG2 1 
ATOM   1274 N  N   . PHE A 1 158 ? 7.799   3.621   -0.780  1.00   25.46 ? 206  PHE A N   1 
ATOM   1275 C  CA  . PHE A 1 158 ? 8.607   3.269   0.381   1.00   24.40 ? 206  PHE A CA  1 
ATOM   1276 C  C   . PHE A 1 158 ? 9.001   1.798   0.293   1.00   28.98 ? 206  PHE A C   1 
ATOM   1277 O  O   . PHE A 1 158 ? 8.170   0.919   0.518   1.00   24.05 ? 206  PHE A O   1 
ATOM   1278 C  CB  . PHE A 1 158 ? 7.832   3.524   1.677   1.00   28.55 ? 206  PHE A CB  1 
ATOM   1279 C  CG  . PHE A 1 158 ? 7.577   4.978   1.957   1.00   31.90 ? 206  PHE A CG  1 
ATOM   1280 C  CD1 . PHE A 1 158 ? 8.582   5.783   2.465   1.00   34.00 ? 206  PHE A CD1 1 
ATOM   1281 C  CD2 . PHE A 1 158 ? 6.332   5.538   1.718   1.00   32.47 ? 206  PHE A CD2 1 
ATOM   1282 C  CE1 . PHE A 1 158 ? 8.354   7.120   2.727   1.00   32.23 ? 206  PHE A CE1 1 
ATOM   1283 C  CE2 . PHE A 1 158 ? 6.097   6.880   1.978   1.00   33.28 ? 206  PHE A CE2 1 
ATOM   1284 C  CZ  . PHE A 1 158 ? 7.111   7.670   2.482   1.00   34.68 ? 206  PHE A CZ  1 
ATOM   1285 N  N   . PRO A 1 159 ? 10.273  1.527   -0.038  1.00   30.22 ? 207  PRO A N   1 
ATOM   1286 C  CA  . PRO A 1 159 ? 10.774  0.158   -0.218  1.00   31.90 ? 207  PRO A CA  1 
ATOM   1287 C  C   . PRO A 1 159 ? 10.527  -0.717  1.010   1.00   26.20 ? 207  PRO A C   1 
ATOM   1288 O  O   . PRO A 1 159 ? 10.278  -1.918  0.888   1.00   26.56 ? 207  PRO A O   1 
ATOM   1289 C  CB  . PRO A 1 159 ? 12.281  0.358   -0.425  1.00   29.51 ? 207  PRO A CB  1 
ATOM   1290 C  CG  . PRO A 1 159 ? 12.417  1.776   -0.892  1.00   40.22 ? 207  PRO A CG  1 
ATOM   1291 C  CD  . PRO A 1 159 ? 11.332  2.537   -0.203  1.00   30.29 ? 207  PRO A CD  1 
ATOM   1292 N  N   . GLU A 1 160 ? 10.589  -0.116  2.189   1.00   23.00 ? 208  GLU A N   1 
ATOM   1293 C  CA  . GLU A 1 160 ? 10.441  -0.876  3.422   1.00   25.20 ? 208  GLU A CA  1 
ATOM   1294 C  C   . GLU A 1 160 ? 9.003   -1.333  3.666   1.00   28.09 ? 208  GLU A C   1 
ATOM   1295 O  O   . GLU A 1 160 ? 8.725   -1.998  4.663   1.00   23.93 ? 208  GLU A O   1 
ATOM   1296 C  CB  . GLU A 1 160 ? 10.979  -0.081  4.620   1.00   27.42 ? 208  GLU A CB  1 
ATOM   1297 C  CG  . GLU A 1 160 ? 10.194  1.172   4.965   1.00   28.20 ? 208  GLU A CG  1 
ATOM   1298 C  CD  . GLU A 1 160 ? 10.664  2.407   4.210   1.00   34.94 ? 208  GLU A CD  1 
ATOM   1299 O  OE1 . GLU A 1 160 ? 10.957  2.310   2.999   1.00   31.79 ? 208  GLU A OE1 1 
ATOM   1300 O  OE2 . GLU A 1 160 ? 10.725  3.488   4.832   1.00   39.38 ? 208  GLU A OE2 1 
ATOM   1301 N  N   . THR A 1 161 ? 8.092   -0.987  2.756   1.00   20.77 ? 209  THR A N   1 
ATOM   1302 C  CA  . THR A 1 161 ? 6.710   -1.449  2.869   1.00   23.16 ? 209  THR A CA  1 
ATOM   1303 C  C   . THR A 1 161 ? 6.404   -2.588  1.884   1.00   20.86 ? 209  THR A C   1 
ATOM   1304 O  O   . THR A 1 161 ? 5.261   -3.018  1.769   1.00   17.80 ? 209  THR A O   1 
ATOM   1305 C  CB  . THR A 1 161 ? 5.686   -0.303  2.666   1.00   19.21 ? 209  THR A CB  1 
ATOM   1306 O  OG1 . THR A 1 161 ? 5.782   0.201   1.329   1.00   19.27 ? 209  THR A OG1 1 
ATOM   1307 C  CG2 . THR A 1 161 ? 5.932   0.836   3.658   1.00   23.29 ? 209  THR A CG2 1 
ATOM   1308 N  N   . ALA A 1 162 ? 7.425   -3.075  1.181   1.00   20.28 ? 210  ALA A N   1 
ATOM   1309 C  CA  . ALA A 1 162 ? 7.250   -4.214  0.279   1.00   24.39 ? 210  ALA A CA  1 
ATOM   1310 C  C   . ALA A 1 162 ? 6.969   -5.484  1.081   1.00   18.50 ? 210  ALA A C   1 
ATOM   1311 O  O   . ALA A 1 162 ? 7.375   -5.592  2.235   1.00   18.31 ? 210  ALA A O   1 
ATOM   1312 C  CB  . ALA A 1 162 ? 8.478   -4.395  -0.605  1.00   17.24 ? 210  ALA A CB  1 
ATOM   1313 N  N   . PHE A 1 163 ? 6.275   -6.442  0.473   1.00   17.18 ? 211  PHE A N   1 
ATOM   1314 C  CA  . PHE A 1 163 ? 5.884   -7.654  1.188   1.00   18.80 ? 211  PHE A CA  1 
ATOM   1315 C  C   . PHE A 1 163 ? 5.516   -8.787  0.238   1.00   21.06 ? 211  PHE A C   1 
ATOM   1316 O  O   . PHE A 1 163 ? 5.217   -8.557  -0.935  1.00   18.83 ? 211  PHE A O   1 
ATOM   1317 C  CB  . PHE A 1 163 ? 4.698   -7.363  2.119   1.00   18.37 ? 211  PHE A CB  1 
ATOM   1318 C  CG  . PHE A 1 163 ? 3.419   -7.024  1.390   1.00   18.99 ? 211  PHE A CG  1 
ATOM   1319 C  CD1 . PHE A 1 163 ? 2.550   -8.024  0.981   1.00   17.22 ? 211  PHE A CD1 1 
ATOM   1320 C  CD2 . PHE A 1 163 ? 3.095   -5.707  1.104   1.00   24.75 ? 211  PHE A CD2 1 
ATOM   1321 C  CE1 . PHE A 1 163 ? 1.376   -7.716  0.300   1.00   18.07 ? 211  PHE A CE1 1 
ATOM   1322 C  CE2 . PHE A 1 163 ? 1.923   -5.392  0.425   1.00   19.86 ? 211  PHE A CE2 1 
ATOM   1323 C  CZ  . PHE A 1 163 ? 1.063   -6.398  0.029   1.00   20.74 ? 211  PHE A CZ  1 
ATOM   1324 N  N   . ILE A 1 164 ? 5.534   -10.011 0.757   1.00   17.10 ? 212  ILE A N   1 
ATOM   1325 C  CA  . ILE A 1 164 ? 5.029   -11.162 0.022   1.00   16.89 ? 212  ILE A CA  1 
ATOM   1326 C  C   . ILE A 1 164 ? 3.650   -11.509 0.561   1.00   21.92 ? 212  ILE A C   1 
ATOM   1327 O  O   . ILE A 1 164 ? 3.447   -11.600 1.780   1.00   17.81 ? 212  ILE A O   1 
ATOM   1328 C  CB  . ILE A 1 164 ? 5.958   -12.385 0.143   1.00   18.84 ? 212  ILE A CB  1 
ATOM   1329 C  CG1 . ILE A 1 164 ? 7.295   -12.103 -0.554  1.00   22.78 ? 212  ILE A CG1 1 
ATOM   1330 C  CG2 . ILE A 1 164 ? 5.296   -13.620 -0.471  1.00   19.36 ? 212  ILE A CG2 1 
ATOM   1331 C  CD1 . ILE A 1 164 ? 8.255   -13.270 -0.552  1.00   26.30 ? 212  ILE A CD1 1 
ATOM   1332 N  N   . ALA A 1 165 ? 2.694   -11.671 -0.349  1.00   16.55 ? 213  ALA A N   1 
ATOM   1333 C  CA  . ALA A 1 165 ? 1.334   -12.030 0.025   1.00   18.56 ? 213  ALA A CA  1 
ATOM   1334 C  C   . ALA A 1 165 ? 1.274   -13.518 0.343   1.00   18.40 ? 213  ALA A C   1 
ATOM   1335 O  O   . ALA A 1 165 ? 1.817   -14.334 -0.397  1.00   17.38 ? 213  ALA A O   1 
ATOM   1336 C  CB  . ALA A 1 165 ? 0.375   -11.698 -1.101  1.00   18.44 ? 213  ALA A CB  1 
ATOM   1337 N  N   . VAL A 1 166 ? 0.615   -13.864 1.443   1.00   19.35 ? 214  VAL A N   1 
ATOM   1338 C  CA  . VAL A 1 166 ? 0.490   -15.257 1.859   1.00   20.53 ? 214  VAL A CA  1 
ATOM   1339 C  C   . VAL A 1 166 ? -0.911  -15.536 2.395   1.00   19.80 ? 214  VAL A C   1 
ATOM   1340 O  O   . VAL A 1 166 ? -1.627  -14.613 2.793   1.00   22.92 ? 214  VAL A O   1 
ATOM   1341 C  CB  . VAL A 1 166 ? 1.532   -15.622 2.948   1.00   19.85 ? 214  VAL A CB  1 
ATOM   1342 C  CG1 . VAL A 1 166 ? 2.953   -15.359 2.442   1.00   17.97 ? 214  VAL A CG1 1 
ATOM   1343 C  CG2 . VAL A 1 166 ? 1.268   -14.837 4.228   1.00   20.61 ? 214  VAL A CG2 1 
ATOM   1344 N  N   . THR A 1 167 ? -1.303  -16.807 2.402   1.00   20.46 ? 215  THR A N   1 
ATOM   1345 C  CA  A THR A 1 167 ? -2.598  -17.200 2.946   0.50   21.88 ? 215  THR A CA  1 
ATOM   1346 C  CA  B THR A 1 167 ? -2.600  -17.200 2.951   0.50   21.88 ? 215  THR A CA  1 
ATOM   1347 C  C   . THR A 1 167 ? -2.462  -17.699 4.389   1.00   29.30 ? 215  THR A C   1 
ATOM   1348 O  O   . THR A 1 167 ? -3.454  -17.834 5.112   1.00   24.65 ? 215  THR A O   1 
ATOM   1349 C  CB  A THR A 1 167 ? -3.276  -18.248 2.049   0.50   26.88 ? 215  THR A CB  1 
ATOM   1350 C  CB  B THR A 1 167 ? -3.302  -18.256 2.077   0.50   26.88 ? 215  THR A CB  1 
ATOM   1351 O  OG1 A THR A 1 167 ? -3.788  -17.599 0.878   0.50   25.61 ? 215  THR A OG1 1 
ATOM   1352 O  OG1 B THR A 1 167 ? -2.440  -19.387 1.891   0.50   16.61 ? 215  THR A OG1 1 
ATOM   1353 C  CG2 A THR A 1 167 ? -4.418  -18.921 2.774   0.50   32.99 ? 215  THR A CG2 1 
ATOM   1354 C  CG2 B THR A 1 167 ? -3.654  -17.666 0.721   0.50   25.71 ? 215  THR A CG2 1 
ATOM   1355 N  N   . SER A 1 168 ? -1.222  -17.963 4.793   1.00   20.36 ? 216  SER A N   1 
ATOM   1356 C  CA  . SER A 1 168 ? -0.878  -18.282 6.176   1.00   27.71 ? 216  SER A CA  1 
ATOM   1357 C  C   . SER A 1 168 ? 0.603   -17.958 6.380   1.00   21.31 ? 216  SER A C   1 
ATOM   1358 O  O   . SER A 1 168 ? 1.393   -18.035 5.437   1.00   23.33 ? 216  SER A O   1 
ATOM   1359 C  CB  . SER A 1 168 ? -1.176  -19.750 6.511   1.00   32.04 ? 216  SER A CB  1 
ATOM   1360 O  OG  . SER A 1 168 ? -0.348  -20.630 5.777   1.00   30.00 ? 216  SER A OG  1 
ATOM   1361 N  N   . TYR A 1 169 ? 0.983   -17.575 7.594   1.00   22.88 ? 217  TYR A N   1 
ATOM   1362 C  CA  . TYR A 1 169 ? 2.355   -17.130 7.837   1.00   24.30 ? 217  TYR A CA  1 
ATOM   1363 C  C   . TYR A 1 169 ? 3.376   -18.251 7.646   1.00   22.82 ? 217  TYR A C   1 
ATOM   1364 O  O   . TYR A 1 169 ? 3.153   -19.391 8.059   1.00   26.93 ? 217  TYR A O   1 
ATOM   1365 C  CB  . TYR A 1 169 ? 2.495   -16.481 9.215   1.00   22.99 ? 217  TYR A CB  1 
ATOM   1366 C  CG  . TYR A 1 169 ? 1.760   -15.167 9.320   1.00   29.01 ? 217  TYR A CG  1 
ATOM   1367 C  CD1 . TYR A 1 169 ? 2.005   -14.142 8.411   1.00   24.79 ? 217  TYR A CD1 1 
ATOM   1368 C  CD2 . TYR A 1 169 ? 0.818   -14.951 10.316  1.00   28.45 ? 217  TYR A CD2 1 
ATOM   1369 C  CE1 . TYR A 1 169 ? 1.334   -12.937 8.494   1.00   25.36 ? 217  TYR A CE1 1 
ATOM   1370 C  CE2 . TYR A 1 169 ? 0.140   -13.747 10.409  1.00   30.62 ? 217  TYR A CE2 1 
ATOM   1371 C  CZ  . TYR A 1 169 ? 0.403   -12.744 9.497   1.00   35.22 ? 217  TYR A CZ  1 
ATOM   1372 O  OH  . TYR A 1 169 ? -0.271  -11.546 9.584   1.00   30.01 ? 217  TYR A OH  1 
ATOM   1373 N  N   . GLN A 1 170 ? 4.490   -17.915 7.004   1.00   20.63 ? 218  GLN A N   1 
ATOM   1374 C  CA  . GLN A 1 170 ? 5.525   -18.896 6.683   1.00   21.71 ? 218  GLN A CA  1 
ATOM   1375 C  C   . GLN A 1 170 ? 6.693   -18.809 7.660   1.00   24.70 ? 218  GLN A C   1 
ATOM   1376 O  O   . GLN A 1 170 ? 7.112   -19.812 8.239   1.00   25.45 ? 218  GLN A O   1 
ATOM   1377 C  CB  . GLN A 1 170 ? 6.032   -18.687 5.254   1.00   21.66 ? 218  GLN A CB  1 
ATOM   1378 C  CG  . GLN A 1 170 ? 4.945   -18.759 4.203   1.00   24.33 ? 218  GLN A CG  1 
ATOM   1379 C  CD  . GLN A 1 170 ? 4.335   -20.138 4.105   1.00   24.22 ? 218  GLN A CD  1 
ATOM   1380 O  OE1 . GLN A 1 170 ? 5.011   -21.101 3.750   1.00   26.87 ? 218  GLN A OE1 1 
ATOM   1381 N  NE2 . GLN A 1 170 ? 3.049   -20.242 4.418   1.00   24.97 ? 218  GLN A NE2 1 
ATOM   1382 N  N   . ASN A 1 171 ? 7.218   -17.602 7.832   1.00   23.52 ? 219  ASN A N   1 
ATOM   1383 C  CA  . ASN A 1 171 ? 8.346   -17.368 8.722   1.00   27.81 ? 219  ASN A CA  1 
ATOM   1384 C  C   . ASN A 1 171 ? 7.867   -17.190 10.163  1.00   26.38 ? 219  ASN A C   1 
ATOM   1385 O  O   . ASN A 1 171 ? 7.020   -16.345 10.438  1.00   21.10 ? 219  ASN A O   1 
ATOM   1386 C  CB  . ASN A 1 171 ? 9.115   -16.135 8.246   1.00   23.23 ? 219  ASN A CB  1 
ATOM   1387 C  CG  . ASN A 1 171 ? 10.436  -15.945 8.962   1.00   31.92 ? 219  ASN A CG  1 
ATOM   1388 O  OD1 . ASN A 1 171 ? 10.729  -16.612 9.951   1.00   29.29 ? 219  ASN A OD1 1 
ATOM   1389 N  ND2 . ASN A 1 171 ? 11.244  -15.022 8.458   1.00   27.14 ? 219  ASN A ND2 1 
ATOM   1390 N  N   . HIS A 1 172 ? 8.400   -17.997 11.080  1.00   26.74 ? 220  HIS A N   1 
ATOM   1391 C  CA  . HIS A 1 172 ? 7.977   -17.940 12.477  1.00   27.44 ? 220  HIS A CA  1 
ATOM   1392 C  C   . HIS A 1 172 ? 8.233   -16.565 13.085  1.00   27.29 ? 220  HIS A C   1 
ATOM   1393 O  O   . HIS A 1 172 ? 7.493   -16.119 13.963  1.00   31.43 ? 220  HIS A O   1 
ATOM   1394 C  CB  . HIS A 1 172 ? 8.655   -19.039 13.313  1.00   28.47 ? 220  HIS A CB  1 
ATOM   1395 C  CG  . HIS A 1 172 ? 10.100  -18.778 13.610  1.00   35.62 ? 220  HIS A CG  1 
ATOM   1396 N  ND1 . HIS A 1 172 ? 11.114  -19.115 12.738  1.00   35.01 ? 220  HIS A ND1 1 
ATOM   1397 C  CD2 . HIS A 1 172 ? 10.701  -18.221 14.689  1.00   36.77 ? 220  HIS A CD2 1 
ATOM   1398 C  CE1 . HIS A 1 172 ? 12.277  -18.771 13.264  1.00   39.15 ? 220  HIS A CE1 1 
ATOM   1399 N  NE2 . HIS A 1 172 ? 12.054  -18.226 14.446  1.00   41.92 ? 220  HIS A NE2 1 
ATOM   1400 N  N   . LYS A 1 173 ? 9.278   -15.894 12.612  1.00   20.21 ? 221  LYS A N   1 
ATOM   1401 C  CA  . LYS A 1 173 ? 9.621   -14.574 13.123  1.00   28.23 ? 221  LYS A CA  1 
ATOM   1402 C  C   . LYS A 1 173 ? 8.522   -13.562 12.821  1.00   26.52 ? 221  LYS A C   1 
ATOM   1403 O  O   . LYS A 1 173 ? 8.270   -12.652 13.614  1.00   22.40 ? 221  LYS A O   1 
ATOM   1404 C  CB  . LYS A 1 173 ? 10.962  -14.101 12.554  1.00   26.96 ? 221  LYS A CB  1 
ATOM   1405 C  CG  . LYS A 1 173 ? 12.132  -14.989 12.948  1.00   39.37 ? 221  LYS A CG  1 
ATOM   1406 C  CD  . LYS A 1 173 ? 13.455  -14.437 12.442  1.00   45.96 ? 221  LYS A CD  1 
ATOM   1407 C  CE  . LYS A 1 173 ? 14.615  -15.326 12.872  1.00   49.29 ? 221  LYS A CE  1 
ATOM   1408 N  NZ  . LYS A 1 173 ? 15.937  -14.733 12.526  1.00   56.49 ? 221  LYS A NZ  1 
ATOM   1409 N  N   . ILE A 1 174 ? 7.865   -13.727 11.677  1.00   27.83 ? 222  ILE A N   1 
ATOM   1410 C  CA  . ILE A 1 174 ? 6.758   -12.853 11.304  1.00   24.08 ? 222  ILE A CA  1 
ATOM   1411 C  C   . ILE A 1 174 ? 5.552   -13.094 12.207  1.00   23.26 ? 222  ILE A C   1 
ATOM   1412 O  O   . ILE A 1 174 ? 4.952   -12.148 12.721  1.00   24.34 ? 222  ILE A O   1 
ATOM   1413 C  CB  . ILE A 1 174 ? 6.338   -13.045 9.829   1.00   17.97 ? 222  ILE A CB  1 
ATOM   1414 C  CG1 . ILE A 1 174 ? 7.389   -12.443 8.885   1.00   22.05 ? 222  ILE A CG1 1 
ATOM   1415 C  CG2 . ILE A 1 174 ? 4.975   -12.404 9.575   1.00   25.93 ? 222  ILE A CG2 1 
ATOM   1416 C  CD1 . ILE A 1 174 ? 7.654   -10.952 9.113   1.00   21.05 ? 222  ILE A CD1 1 
ATOM   1417 N  N   . THR A 1 175 ? 5.198   -14.363 12.388  1.00   22.87 ? 223  THR A N   1 
ATOM   1418 C  CA  . THR A 1 175 ? 4.089   -14.726 13.262  1.00   28.60 ? 223  THR A CA  1 
ATOM   1419 C  C   . THR A 1 175 ? 4.280   -14.115 14.651  1.00   31.70 ? 223  THR A C   1 
ATOM   1420 O  O   . THR A 1 175 ? 3.342   -13.583 15.251  1.00   29.02 ? 223  THR A O   1 
ATOM   1421 C  CB  . THR A 1 175 ? 3.958   -16.253 13.390  1.00   31.27 ? 223  THR A CB  1 
ATOM   1422 O  OG1 . THR A 1 175 ? 3.886   -16.840 12.086  1.00   28.64 ? 223  THR A OG1 1 
ATOM   1423 C  CG2 . THR A 1 175 ? 2.705   -16.620 14.174  1.00   30.55 ? 223  THR A CG2 1 
ATOM   1424 N  N   . GLN A 1 176 ? 5.508   -14.188 15.155  1.00   29.53 ? 224  GLN A N   1 
ATOM   1425 C  CA  . GLN A 1 176 ? 5.830   -13.612 16.453  1.00   29.94 ? 224  GLN A CA  1 
ATOM   1426 C  C   . GLN A 1 176 ? 5.713   -12.087 16.442  1.00   35.17 ? 224  GLN A C   1 
ATOM   1427 O  O   . GLN A 1 176 ? 5.148   -11.499 17.366  1.00   29.79 ? 224  GLN A O   1 
ATOM   1428 C  CB  . GLN A 1 176 ? 7.225   -14.052 16.905  1.00   26.65 ? 224  GLN A CB  1 
ATOM   1429 C  CG  . GLN A 1 176 ? 7.336   -15.553 17.145  1.00   23.30 ? 224  GLN A CG  1 
ATOM   1430 C  CD  . GLN A 1 176 ? 8.725   -15.977 17.583  1.00   33.80 ? 224  GLN A CD  1 
ATOM   1431 O  OE1 . GLN A 1 176 ? 9.571   -15.139 17.901  1.00   29.84 ? 224  GLN A OE1 1 
ATOM   1432 N  NE2 . GLN A 1 176 ? 8.970   -17.285 17.597  1.00   27.82 ? 224  GLN A NE2 1 
ATOM   1433 N  N   . LEU A 1 177 ? 6.231   -11.450 15.394  1.00   28.68 ? 225  LEU A N   1 
ATOM   1434 C  CA  . LEU A 1 177 ? 6.149   -9.994  15.271  1.00   30.39 ? 225  LEU A CA  1 
ATOM   1435 C  C   . LEU A 1 177 ? 4.704   -9.512  15.202  1.00   29.19 ? 225  LEU A C   1 
ATOM   1436 O  O   . LEU A 1 177 ? 4.328   -8.557  15.878  1.00   31.68 ? 225  LEU A O   1 
ATOM   1437 C  CB  . LEU A 1 177 ? 6.922   -9.501  14.043  1.00   25.46 ? 225  LEU A CB  1 
ATOM   1438 C  CG  . LEU A 1 177 ? 8.432   -9.359  14.218  1.00   35.31 ? 225  LEU A CG  1 
ATOM   1439 C  CD1 . LEU A 1 177 ? 9.127   -9.150  12.878  1.00   32.62 ? 225  LEU A CD1 1 
ATOM   1440 C  CD2 . LEU A 1 177 ? 8.743   -8.216  15.180  1.00   43.63 ? 225  LEU A CD2 1 
ATOM   1441 N  N   . LYS A 1 178 ? 3.898   -10.173 14.380  1.00   29.91 ? 226  LYS A N   1 
ATOM   1442 C  CA  . LYS A 1 178 ? 2.492   -9.812  14.247  1.00   33.57 ? 226  LYS A CA  1 
ATOM   1443 C  C   . LYS A 1 178 ? 1.802   -9.823  15.611  1.00   37.64 ? 226  LYS A C   1 
ATOM   1444 O  O   . LYS A 1 178 ? 1.140   -8.859  15.986  1.00   35.53 ? 226  LYS A O   1 
ATOM   1445 C  CB  . LYS A 1 178 ? 1.777   -10.757 13.277  1.00   32.01 ? 226  LYS A CB  1 
ATOM   1446 C  CG  . LYS A 1 178 ? 2.340   -10.743 11.852  1.00   27.02 ? 226  LYS A CG  1 
ATOM   1447 C  CD  . LYS A 1 178 ? 1.775   -9.596  11.011  1.00   30.44 ? 226  LYS A CD  1 
ATOM   1448 C  CE  . LYS A 1 178 ? 2.242   -9.707  9.556   1.00   28.59 ? 226  LYS A CE  1 
ATOM   1449 N  NZ  . LYS A 1 178 ? 1.389   -8.939  8.593   1.00   21.75 ? 226  LYS A NZ  1 
ATOM   1450 N  N   . ILE A 1 179 ? 1.970   -10.911 16.355  1.00   38.77 ? 227  ILE A N   1 
ATOM   1451 C  CA  . ILE A 1 179 ? 1.341   -11.044 17.667  1.00   42.08 ? 227  ILE A CA  1 
ATOM   1452 C  C   . ILE A 1 179 ? 1.841   -10.008 18.673  1.00   39.48 ? 227  ILE A C   1 
ATOM   1453 O  O   . ILE A 1 179 ? 1.046   -9.376  19.372  1.00   42.15 ? 227  ILE A O   1 
ATOM   1454 C  CB  . ILE A 1 179 ? 1.542   -12.450 18.246  1.00   38.80 ? 227  ILE A CB  1 
ATOM   1455 C  CG1 . ILE A 1 179 ? 0.741   -13.469 17.439  1.00   38.86 ? 227  ILE A CG1 1 
ATOM   1456 C  CG2 . ILE A 1 179 ? 1.122   -12.485 19.707  1.00   43.16 ? 227  ILE A CG2 1 
ATOM   1457 C  CD1 . ILE A 1 179 ? 1.015   -14.903 17.827  1.00   40.22 ? 227  ILE A CD1 1 
ATOM   1458 N  N   . GLU A 1 180 ? 3.159   -9.836  18.744  1.00   32.18 ? 228  GLU A N   1 
ATOM   1459 C  CA  . GLU A 1 180 ? 3.761   -8.906  19.693  1.00   34.72 ? 228  GLU A CA  1 
ATOM   1460 C  C   . GLU A 1 180 ? 3.331   -7.459  19.466  1.00   40.20 ? 228  GLU A C   1 
ATOM   1461 O  O   . GLU A 1 180 ? 3.430   -6.629  20.368  1.00   37.10 ? 228  GLU A O   1 
ATOM   1462 C  CB  . GLU A 1 180 ? 5.288   -8.983  19.628  1.00   35.12 ? 228  GLU A CB  1 
ATOM   1463 C  CG  . GLU A 1 180 ? 5.881   -10.305 20.073  1.00   38.88 ? 228  GLU A CG  1 
ATOM   1464 C  CD  . GLU A 1 180 ? 7.346   -10.429 19.697  1.00   47.69 ? 228  GLU A CD  1 
ATOM   1465 O  OE1 . GLU A 1 180 ? 7.868   -9.506  19.032  1.00   46.38 ? 228  GLU A OE1 1 
ATOM   1466 O  OE2 . GLU A 1 180 ? 7.974   -11.448 20.061  1.00   44.98 ? 228  GLU A OE2 1 
ATOM   1467 N  N   . ASN A 1 181 ? 2.861   -7.156  18.261  1.00   35.00 ? 229  ASN A N   1 
ATOM   1468 C  CA  . ASN A 1 181 ? 2.598   -5.768  17.890  1.00   39.80 ? 229  ASN A CA  1 
ATOM   1469 C  C   . ASN A 1 181 ? 1.140   -5.439  17.578  1.00   44.63 ? 229  ASN A C   1 
ATOM   1470 O  O   . ASN A 1 181 ? 0.710   -4.299  17.747  1.00   53.74 ? 229  ASN A O   1 
ATOM   1471 C  CB  . ASN A 1 181 ? 3.504   -5.360  16.730  1.00   36.52 ? 229  ASN A CB  1 
ATOM   1472 C  CG  . ASN A 1 181 ? 4.960   -5.281  17.137  1.00   38.59 ? 229  ASN A CG  1 
ATOM   1473 O  OD1 . ASN A 1 181 ? 5.391   -4.299  17.741  1.00   40.97 ? 229  ASN A OD1 1 
ATOM   1474 N  ND2 . ASN A 1 181 ? 5.727   -6.316  16.810  1.00   33.67 ? 229  ASN A ND2 1 
ATOM   1475 N  N   . ASN A 1 182 ? 0.384   -6.430  17.119  1.00   53.51 ? 230  ASN A N   1 
ATOM   1476 C  CA  . ASN A 1 182 ? -1.025  -6.217  16.805  1.00   56.34 ? 230  ASN A CA  1 
ATOM   1477 C  C   . ASN A 1 182 ? -1.942  -6.733  17.909  1.00   57.70 ? 230  ASN A C   1 
ATOM   1478 O  O   . ASN A 1 182 ? -2.522  -7.811  17.793  1.00   59.57 ? 230  ASN A O   1 
ATOM   1479 C  CB  . ASN A 1 182 ? -1.391  -6.869  15.471  1.00   53.30 ? 230  ASN A CB  1 
ATOM   1480 C  CG  . ASN A 1 182 ? -2.748  -6.421  14.958  1.00   55.97 ? 230  ASN A CG  1 
ATOM   1481 O  OD1 . ASN A 1 182 ? -3.374  -7.100  14.142  1.00   53.33 ? 230  ASN A OD1 1 
ATOM   1482 N  ND2 . ASN A 1 182 ? -3.212  -5.270  15.436  1.00   60.99 ? 230  ASN A ND2 1 
HETATM 1483 O  O1  . PE4 B 2 .   ? 8.898   9.632   -0.251  1.00   44.23 ? 1231 PE4 A O1  1 
HETATM 1484 C  C1  . PE4 B 2 .   ? 9.901   8.887   0.386   1.00   44.99 ? 1231 PE4 A C1  1 
HETATM 1485 C  C2  . PE4 B 2 .   ? 10.237  7.663   -0.473  1.00   39.48 ? 1231 PE4 A C2  1 
HETATM 1486 O  O2  . PE4 B 2 .   ? 11.383  7.028   0.044   1.00   48.12 ? 1231 PE4 A O2  1 
HETATM 1487 C  C3  . PE4 B 2 .   ? 12.605  7.115   -0.650  1.00   45.57 ? 1231 PE4 A C3  1 
HETATM 1488 C  C4  . PE4 B 2 .   ? 12.789  5.913   -1.588  1.00   54.63 ? 1231 PE4 A C4  1 
HETATM 1489 O  O3  . PE4 B 2 .   ? 11.943  6.029   -2.705  1.00   47.19 ? 1231 PE4 A O3  1 
HETATM 1490 C  C5  . PE4 B 2 .   ? 11.979  7.191   -3.500  1.00   51.93 ? 1231 PE4 A C5  1 
HETATM 1491 C  C6  . PE4 B 2 .   ? 11.097  6.998   -4.742  1.00   41.78 ? 1231 PE4 A C6  1 
HETATM 1492 O  O4  . PE4 B 2 .   ? 10.070  7.959   -4.746  1.00   42.43 ? 1231 PE4 A O4  1 
HETATM 1493 C  C7  . PE4 B 2 .   ? 10.322  9.237   -5.283  1.00   37.82 ? 1231 PE4 A C7  1 
HETATM 1494 C  C8  . PE4 B 2 .   ? 9.240   9.614   -6.304  1.00   33.05 ? 1231 PE4 A C8  1 
HETATM 1495 O  O5  . PE4 B 2 .   ? 9.690   9.361   -7.614  1.00   45.84 ? 1231 PE4 A O5  1 
HETATM 1496 C  C9  . PE4 B 2 .   ? 8.896   9.750   -8.708  1.00   46.19 ? 1231 PE4 A C9  1 
HETATM 1497 C  C10 . PE4 B 2 .   ? 8.753   8.577   -9.686  1.00   41.25 ? 1231 PE4 A C10 1 
HETATM 1498 O  O6  . PE4 B 2 .   ? 8.412   7.412   -8.971  1.00   49.44 ? 1231 PE4 A O6  1 
HETATM 1499 MG MG  . MG  C 3 .   ? -9.381  -17.737 1.365   1.00   22.03 ? 1232 MG  A MG  1 
HETATM 1500 MG MG  . MG  D 3 .   ? 11.602  -16.160 -13.168 1.00   20.17 ? 1233 MG  A MG  1 
HETATM 1501 MG MG  . MG  E 3 .   ? -9.238  -7.350  8.578   1.00   32.36 ? 1234 MG  A MG  1 
HETATM 1502 MG MG  A MG  F 3 .   ? 11.197  -11.091 1.228   0.70   42.58 ? 1235 MG  A MG  1 
HETATM 1503 MG MG  B MG  F 3 .   ? 12.458  -12.019 -0.800  0.30   28.63 ? 1235 MG  A MG  1 
HETATM 1504 O  O   . HOH G 4 .   ? 9.400   14.670  -1.560  1.00   48.70 ? 2001 HOH A O   1 
HETATM 1505 O  O   . HOH G 4 .   ? 10.379  10.491  3.726   1.00   36.41 ? 2002 HOH A O   1 
HETATM 1506 O  O   . HOH G 4 .   ? 9.267   13.096  0.578   1.00   34.19 ? 2003 HOH A O   1 
HETATM 1507 O  O   . HOH G 4 .   ? 9.669   8.377   5.759   1.00   31.47 ? 2004 HOH A O   1 
HETATM 1508 O  O   . HOH G 4 .   ? 9.166   8.620   8.475   1.00   42.74 ? 2005 HOH A O   1 
HETATM 1509 O  O   . HOH G 4 .   ? 2.589   3.394   8.340   1.00   24.72 ? 2006 HOH A O   1 
HETATM 1510 O  O   . HOH G 4 .   ? 4.568   9.863   11.581  1.00   45.52 ? 2007 HOH A O   1 
HETATM 1511 O  O   . HOH G 4 .   ? 0.834   2.848   10.640  1.00   36.63 ? 2008 HOH A O   1 
HETATM 1512 O  O   . HOH G 4 .   ? 7.725   6.906   11.922  1.00   42.84 ? 2009 HOH A O   1 
HETATM 1513 O  O   . HOH G 4 .   ? 5.911   7.142   13.728  1.00   40.82 ? 2010 HOH A O   1 
HETATM 1514 O  O   . HOH G 4 .   ? 13.143  -7.640  13.003  1.00   34.02 ? 2011 HOH A O   1 
HETATM 1515 O  O   . HOH G 4 .   ? 14.265  -7.366  3.505   1.00   46.63 ? 2012 HOH A O   1 
HETATM 1516 O  O   . HOH G 4 .   ? 9.140   -13.887 5.964   1.00   20.26 ? 2013 HOH A O   1 
HETATM 1517 O  O   . HOH G 4 .   ? 7.293   -4.362  4.637   1.00   23.73 ? 2014 HOH A O   1 
HETATM 1518 O  O   . HOH G 4 .   ? 10.334  7.463   11.913  1.00   47.50 ? 2015 HOH A O   1 
HETATM 1519 O  O   . HOH G 4 .   ? -2.875  -8.456  5.520   1.00   25.43 ? 2016 HOH A O   1 
HETATM 1520 O  O   . HOH G 4 .   ? -6.143  -16.860 3.947   1.00   36.32 ? 2017 HOH A O   1 
HETATM 1521 O  O   . HOH G 4 .   ? -12.108 -13.521 6.191   1.00   46.05 ? 2018 HOH A O   1 
HETATM 1522 O  O   . HOH G 4 .   ? -14.254 -11.584 -2.107  1.00   25.65 ? 2019 HOH A O   1 
HETATM 1523 O  O   . HOH G 4 .   ? -12.489 -15.049 4.073   1.00   31.95 ? 2020 HOH A O   1 
HETATM 1524 O  O   . HOH G 4 .   ? -16.741 -12.905 -1.297  1.00   35.79 ? 2021 HOH A O   1 
HETATM 1525 O  O   . HOH G 4 .   ? -15.399 -15.634 3.079   1.00   44.17 ? 2022 HOH A O   1 
HETATM 1526 O  O   . HOH G 4 .   ? -16.363 -13.762 1.294   1.00   45.09 ? 2023 HOH A O   1 
HETATM 1527 O  O   . HOH G 4 .   ? -10.479 -11.508 6.285   1.00   38.62 ? 2024 HOH A O   1 
HETATM 1528 O  O   . HOH G 4 .   ? -4.402  -7.682  9.636   1.00   34.05 ? 2025 HOH A O   1 
HETATM 1529 O  O   . HOH G 4 .   ? -4.620  -1.840  8.621   1.00   35.14 ? 2026 HOH A O   1 
HETATM 1530 O  O   . HOH G 4 .   ? -4.497  -3.308  10.868  1.00   45.46 ? 2027 HOH A O   1 
HETATM 1531 O  O   . HOH G 4 .   ? -10.000 26.620  1.205   1.00   42.94 ? 2028 HOH A O   1 
HETATM 1532 O  O   . HOH G 4 .   ? 0.208   -0.447  12.278  1.00   38.87 ? 2029 HOH A O   1 
HETATM 1533 O  O   . HOH G 4 .   ? -4.626  7.484   11.937  1.00   46.32 ? 2030 HOH A O   1 
HETATM 1534 O  O   . HOH G 4 .   ? 5.162   -0.778  -11.304 1.00   42.10 ? 2031 HOH A O   1 
HETATM 1535 O  O   . HOH G 4 .   ? 5.589   -5.174  -13.280 1.00   46.06 ? 2032 HOH A O   1 
HETATM 1536 O  O   . HOH G 4 .   ? 14.666  -9.581  -6.937  1.00   44.46 ? 2033 HOH A O   1 
HETATM 1537 O  O   . HOH G 4 .   ? 10.791  -7.411  -13.502 1.00   47.31 ? 2034 HOH A O   1 
HETATM 1538 O  O   . HOH G 4 .   ? 13.376  -8.010  -10.280 1.00   42.94 ? 2035 HOH A O   1 
HETATM 1539 O  O   . HOH G 4 .   ? 2.554   -9.577  -12.803 1.00   46.58 ? 2036 HOH A O   1 
HETATM 1540 O  O   . HOH G 4 .   ? 2.467   -10.614 -9.890  1.00   40.04 ? 2037 HOH A O   1 
HETATM 1541 O  O   . HOH G 4 .   ? 4.425   -22.463 -0.554  1.00   46.82 ? 2038 HOH A O   1 
HETATM 1542 O  O   . HOH G 4 .   ? 1.403   17.623  7.634   1.00   33.58 ? 2039 HOH A O   1 
HETATM 1543 O  O   . HOH G 4 .   ? 18.442  -23.210 -0.198  0.50   28.49 ? 2040 HOH A O   1 
HETATM 1544 O  O   . HOH G 4 .   ? 3.325   21.811  -3.733  1.00   45.51 ? 2041 HOH A O   1 
HETATM 1545 O  O   . HOH G 4 .   ? 3.549   22.108  4.669   1.00   42.04 ? 2042 HOH A O   1 
HETATM 1546 O  O   . HOH G 4 .   ? -7.948  25.424  2.851   1.00   49.22 ? 2043 HOH A O   1 
HETATM 1547 O  O   . HOH G 4 .   ? -6.867  27.547  4.113   1.00   47.92 ? 2044 HOH A O   1 
HETATM 1548 O  O   . HOH G 4 .   ? -12.173 -1.894  -8.571  1.00   46.64 ? 2045 HOH A O   1 
HETATM 1549 O  O   . HOH G 4 .   ? 0.876   21.080  -5.821  1.00   42.95 ? 2046 HOH A O   1 
HETATM 1550 O  O   . HOH G 4 .   ? -15.263 7.762   5.089   1.00   51.28 ? 2047 HOH A O   1 
HETATM 1551 O  O   . HOH G 4 .   ? -2.806  24.036  5.936   1.00   47.45 ? 2048 HOH A O   1 
HETATM 1552 O  O   . HOH G 4 .   ? -11.389 7.027   6.137   1.00   41.64 ? 2049 HOH A O   1 
HETATM 1553 O  O   . HOH G 4 .   ? -1.546  -5.546  -8.263  1.00   39.29 ? 2050 HOH A O   1 
HETATM 1554 O  O   . HOH G 4 .   ? 5.333   -3.503  -11.072 1.00   29.38 ? 2051 HOH A O   1 
HETATM 1555 O  O   . HOH G 4 .   ? 7.634   -2.238  -8.287  1.00   38.73 ? 2052 HOH A O   1 
HETATM 1556 O  O   . HOH G 4 .   ? 10.414  -3.700  -6.889  1.00   39.11 ? 2053 HOH A O   1 
HETATM 1557 O  O   . HOH G 4 .   ? 12.443  -8.342  -5.714  1.00   37.08 ? 2054 HOH A O   1 
HETATM 1558 O  O   . HOH G 4 .   ? 6.741   -7.729  -12.995 1.00   44.55 ? 2055 HOH A O   1 
HETATM 1559 O  O   . HOH G 4 .   ? -15.047 -10.415 -13.210 1.00   53.04 ? 2056 HOH A O   1 
HETATM 1560 O  O   . HOH G 4 .   ? 5.008   -9.660  -12.131 1.00   29.11 ? 2057 HOH A O   1 
HETATM 1561 O  O   . HOH G 4 .   ? 11.674  -9.567  -11.924 1.00   27.60 ? 2058 HOH A O   1 
HETATM 1562 O  O   . HOH G 4 .   ? 10.392  -13.887 -14.641 1.00   30.03 ? 2059 HOH A O   1 
HETATM 1563 O  O   . HOH G 4 .   ? -17.662 -7.027  4.031   1.00   46.77 ? 2060 HOH A O   1 
HETATM 1564 O  O   . HOH G 4 .   ? 6.566   -11.455 -7.231  1.00   19.35 ? 2061 HOH A O   1 
HETATM 1565 O  O   . HOH G 4 .   ? -0.436  -20.487 -4.076  1.00   30.98 ? 2062 HOH A O   1 
HETATM 1566 O  O   . HOH G 4 .   ? 2.000   5.400   -12.550 1.00   46.05 ? 2063 HOH A O   1 
HETATM 1567 O  O   . HOH G 4 .   ? 5.374   -21.547 -3.126  1.00   34.45 ? 2064 HOH A O   1 
HETATM 1568 O  O   . HOH G 4 .   ? 14.503  -12.243 -5.565  1.00   44.87 ? 2065 HOH A O   1 
HETATM 1569 O  O   . HOH G 4 .   ? -3.812  7.281   -11.269 1.00   55.23 ? 2066 HOH A O   1 
HETATM 1570 O  O   . HOH G 4 .   ? 16.576  -23.145 0.696   0.50   29.64 ? 2067 HOH A O   1 
HETATM 1571 O  O   . HOH G 4 .   ? 11.530  -25.287 5.764   1.00   48.22 ? 2068 HOH A O   1 
HETATM 1572 O  O   . HOH G 4 .   ? 18.251  -21.466 3.862   1.00   41.34 ? 2069 HOH A O   1 
HETATM 1573 O  O   . HOH G 4 .   ? 11.747  -22.869 7.253   1.00   43.73 ? 2070 HOH A O   1 
HETATM 1574 O  O   . HOH G 4 .   ? 5.310   8.746   -11.667 1.00   48.24 ? 2071 HOH A O   1 
HETATM 1575 O  O   . HOH G 4 .   ? 14.646  -14.653 3.169   1.00   35.41 ? 2072 HOH A O   1 
HETATM 1576 O  O   . HOH G 4 .   ? 15.312  -14.937 -3.421  1.00   46.64 ? 2073 HOH A O   1 
HETATM 1577 O  O   . HOH G 4 .   ? 17.830  -20.926 -2.800  1.00   38.73 ? 2074 HOH A O   1 
HETATM 1578 O  O   . HOH G 4 .   ? 14.602  -21.360 0.328   1.00   34.44 ? 2075 HOH A O   1 
HETATM 1579 O  O   . HOH G 4 .   ? 16.134  -17.006 -5.061  1.00   25.32 ? 2076 HOH A O   1 
HETATM 1580 O  O   . HOH G 4 .   ? 6.910   -23.110 -5.344  1.00   41.57 ? 2077 HOH A O   1 
HETATM 1581 O  O   . HOH G 4 .   ? 6.720   -21.616 -8.229  1.00   37.11 ? 2078 HOH A O   1 
HETATM 1582 O  O   . HOH G 4 .   ? 5.932   -20.211 -11.002 1.00   36.39 ? 2079 HOH A O   1 
HETATM 1583 O  O   . HOH G 4 .   ? 2.573   -22.351 11.553  1.00   36.85 ? 2080 HOH A O   1 
HETATM 1584 O  O   . HOH G 4 .   ? -1.141  -20.907 -8.385  1.00   43.78 ? 2081 HOH A O   1 
HETATM 1585 O  O   . HOH G 4 .   ? 2.433   -11.552 -14.383 1.00   42.10 ? 2082 HOH A O   1 
HETATM 1586 O  O   . HOH G 4 .   ? -2.097  -17.381 -7.355  1.00   41.12 ? 2083 HOH A O   1 
HETATM 1587 O  O   . HOH G 4 .   ? -3.688  -14.812 -11.584 1.00   53.49 ? 2084 HOH A O   1 
HETATM 1588 O  O   . HOH G 4 .   ? -3.238  -2.324  -6.848  1.00   22.90 ? 2085 HOH A O   1 
HETATM 1589 O  O   . HOH G 4 .   ? -15.824 -5.784  -9.332  1.00   50.56 ? 2086 HOH A O   1 
HETATM 1590 O  O   . HOH G 4 .   ? -14.017 -3.651  -8.468  1.00   46.07 ? 2087 HOH A O   1 
HETATM 1591 O  O   . HOH G 4 .   ? -11.401 -0.249  -5.637  1.00   39.42 ? 2088 HOH A O   1 
HETATM 1592 O  O   . HOH G 4 .   ? -12.509 3.108   2.445   1.00   34.21 ? 2089 HOH A O   1 
HETATM 1593 O  O   . HOH G 4 .   ? -8.581  3.855   4.886   1.00   35.65 ? 2090 HOH A O   1 
HETATM 1594 O  O   . HOH G 4 .   ? -12.289 4.165   -1.293  1.00   42.81 ? 2091 HOH A O   1 
HETATM 1595 O  O   . HOH G 4 .   ? -7.221  9.419   6.967   1.00   27.18 ? 2092 HOH A O   1 
HETATM 1596 O  O   . HOH G 4 .   ? -14.829 10.532  4.264   1.00   48.17 ? 2093 HOH A O   1 
HETATM 1597 O  O   . HOH G 4 .   ? -7.297  11.922  5.819   1.00   37.49 ? 2094 HOH A O   1 
HETATM 1598 O  O   . HOH G 4 .   ? -10.385 12.298  7.960   1.00   42.31 ? 2095 HOH A O   1 
HETATM 1599 O  O   . HOH G 4 .   ? -14.702 14.908  -0.329  1.00   35.19 ? 2096 HOH A O   1 
HETATM 1600 O  O   . HOH G 4 .   ? -3.654  22.082  7.714   1.00   37.63 ? 2097 HOH A O   1 
HETATM 1601 O  O   . HOH G 4 .   ? -7.606  16.278  13.258  1.00   52.74 ? 2098 HOH A O   1 
HETATM 1602 O  O   . HOH G 4 .   ? -5.397  13.718  6.673   1.00   40.20 ? 2099 HOH A O   1 
HETATM 1603 O  O   . HOH G 4 .   ? -0.525  14.747  6.917   1.00   35.85 ? 2100 HOH A O   1 
HETATM 1604 O  O   . HOH G 4 .   ? -5.890  10.082  10.598  1.00   48.91 ? 2101 HOH A O   1 
HETATM 1605 O  O   . HOH G 4 .   ? -9.266  5.749   6.733   1.00   42.02 ? 2102 HOH A O   1 
HETATM 1606 O  O   . HOH G 4 .   ? -3.181  -0.061  5.226   1.00   27.03 ? 2103 HOH A O   1 
HETATM 1607 O  O   . HOH G 4 .   ? -11.891 -1.166  2.460   1.00   40.37 ? 2104 HOH A O   1 
HETATM 1608 O  O   . HOH G 4 .   ? -5.142  -1.909  5.610   1.00   25.33 ? 2105 HOH A O   1 
HETATM 1609 O  O   . HOH G 4 .   ? -9.653  -2.265  -0.216  1.00   27.06 ? 2106 HOH A O   1 
HETATM 1610 O  O   . HOH G 4 .   ? -13.534 -8.682  5.594   1.00   36.93 ? 2107 HOH A O   1 
HETATM 1611 O  O   . HOH G 4 .   ? -5.248  -14.945 -5.853  1.00   17.97 ? 2108 HOH A O   1 
HETATM 1612 O  O   . HOH G 4 .   ? -16.879 -14.575 -5.140  1.00   38.51 ? 2109 HOH A O   1 
HETATM 1613 O  O   . HOH G 4 .   ? -13.014 -9.911  -11.386 1.00   39.86 ? 2110 HOH A O   1 
HETATM 1614 O  O   . HOH G 4 .   ? -19.344 -3.297  -4.102  1.00   46.52 ? 2111 HOH A O   1 
HETATM 1615 O  O   . HOH G 4 .   ? -9.352  -1.139  -3.043  1.00   31.99 ? 2112 HOH A O   1 
HETATM 1616 O  O   . HOH G 4 .   ? -15.011 -7.185  3.293   1.00   48.59 ? 2113 HOH A O   1 
HETATM 1617 O  O   . HOH G 4 .   ? -6.009  -5.952  -7.852  1.00   22.28 ? 2114 HOH A O   1 
HETATM 1618 O  O   . HOH G 4 .   ? -3.397  -10.299 -8.903  1.00   35.83 ? 2115 HOH A O   1 
HETATM 1619 O  O   . HOH G 4 .   ? 0.835   -12.836 -10.261 1.00   34.96 ? 2116 HOH A O   1 
HETATM 1620 O  O   . HOH G 4 .   ? -3.549  -16.669 -4.533  1.00   19.30 ? 2117 HOH A O   1 
HETATM 1621 O  O   . HOH G 4 .   ? -0.704  -20.091 -1.491  1.00   32.56 ? 2118 HOH A O   1 
HETATM 1622 O  O   . HOH G 4 .   ? -0.169  -18.453 -5.848  1.00   26.43 ? 2119 HOH A O   1 
HETATM 1623 O  O   . HOH G 4 .   ? 4.181   -10.060 -7.920  1.00   28.16 ? 2120 HOH A O   1 
HETATM 1624 O  O   . HOH G 4 .   ? 11.478  -5.103  -3.263  1.00   51.45 ? 2121 HOH A O   1 
HETATM 1625 O  O   . HOH G 4 .   ? -0.832  -10.077 -9.036  1.00   32.37 ? 2122 HOH A O   1 
HETATM 1626 O  O   . HOH G 4 .   ? 9.919   -3.272  -4.284  1.00   39.07 ? 2123 HOH A O   1 
HETATM 1627 O  O   . HOH G 4 .   ? 4.977   2.786   -0.533  1.00   33.02 ? 2124 HOH A O   1 
HETATM 1628 O  O   . HOH G 4 .   ? 3.941   3.036   -13.194 1.00   43.24 ? 2125 HOH A O   1 
HETATM 1629 O  O   . HOH G 4 .   ? 7.085   2.132   -9.205  1.00   33.45 ? 2126 HOH A O   1 
HETATM 1630 O  O   . HOH G 4 .   ? -1.568  5.759   -11.432 1.00   53.54 ? 2127 HOH A O   1 
HETATM 1631 O  O   . HOH G 4 .   ? -3.388  23.043  -12.277 1.00   50.70 ? 2128 HOH A O   1 
HETATM 1632 O  O   . HOH G 4 .   ? -5.408  25.084  -9.020  1.00   48.64 ? 2129 HOH A O   1 
HETATM 1633 O  O   . HOH G 4 .   ? -12.931 27.338  -9.117  1.00   52.60 ? 2130 HOH A O   1 
HETATM 1634 O  O   . HOH G 4 .   ? -8.876  15.405  -13.553 1.00   44.35 ? 2131 HOH A O   1 
HETATM 1635 O  O   . HOH G 4 .   ? 4.450   11.120  -11.833 1.00   47.19 ? 2132 HOH A O   1 
HETATM 1636 O  O   . HOH G 4 .   ? 3.908   6.706   -11.132 1.00   44.55 ? 2133 HOH A O   1 
HETATM 1637 O  O   . HOH G 4 .   ? 6.549   11.523  -8.722  1.00   36.34 ? 2134 HOH A O   1 
HETATM 1638 O  O   . HOH G 4 .   ? 11.787  -3.606  -0.635  1.00   38.34 ? 2135 HOH A O   1 
HETATM 1639 O  O   . HOH G 4 .   ? 9.782   -6.951  3.248   1.00   27.73 ? 2136 HOH A O   1 
HETATM 1640 O  O   . HOH G 4 .   ? 0.708   -18.982 1.636   1.00   23.63 ? 2137 HOH A O   1 
HETATM 1641 O  O   . HOH G 4 .   ? 1.253   -20.896 9.420   1.00   39.07 ? 2138 HOH A O   1 
HETATM 1642 O  O   . HOH G 4 .   ? -1.966  -10.859 12.073  1.00   34.77 ? 2139 HOH A O   1 
HETATM 1643 O  O   . HOH G 4 .   ? 6.407   -21.484 1.513   1.00   30.76 ? 2140 HOH A O   1 
HETATM 1644 O  O   . HOH G 4 .   ? 13.979  -14.271 8.462   1.00   44.47 ? 2141 HOH A O   1 
HETATM 1645 O  O   . HOH G 4 .   ? 10.085  -20.229 10.270  1.00   32.92 ? 2142 HOH A O   1 
HETATM 1646 O  O   . HOH G 4 .   ? 10.452  -11.884 15.446  1.00   34.81 ? 2143 HOH A O   1 
HETATM 1647 O  O   . HOH G 4 .   ? 4.331   -19.510 11.480  1.00   40.19 ? 2144 HOH A O   1 
HETATM 1648 O  O   . HOH G 4 .   ? -1.143  -9.571  7.576   1.00   30.96 ? 2145 HOH A O   1 
HETATM 1649 O  O   . HOH G 4 .   ? 7.652   -11.243 22.681  1.00   32.67 ? 2146 HOH A O   1 
HETATM 1650 O  O   . HOH G 4 .   ? 4.464   -6.657  22.880  1.00   34.71 ? 2147 HOH A O   1 
HETATM 1651 O  O   . HOH G 4 .   ? 8.290   -6.221  18.347  1.00   34.45 ? 2148 HOH A O   1 
HETATM 1652 O  O   . HOH G 4 .   ? -5.820  -6.198  16.675  1.00   64.40 ? 2149 HOH A O   1 
HETATM 1653 O  O   . HOH G 4 .   ? -5.219  -7.838  18.729  1.00   55.64 ? 2150 HOH A O   1 
# 
